data_8BEP
#
_entry.id   8BEP
#
_cell.length_a   1.00
_cell.length_b   1.00
_cell.length_c   1.00
_cell.angle_alpha   90.00
_cell.angle_beta   90.00
_cell.angle_gamma   90.00
#
_symmetry.space_group_name_H-M   'P 1'
#
loop_
_entity.id
_entity.type
_entity.pdbx_description
1 polymer 'Probable mitochondrial-processing peptidase subunit alpha-1, mitochondrial'
2 polymer 'Probable mitochondrial-processing peptidase subunit beta, mitochondrial'
3 polymer 'Cytochrome b-c1 complex subunit Rieske-1, mitochondrial'
4 polymer 'Cytochrome b-c1 complex subunit 7-2, mitochondrial'
5 non-polymer 'ZINC ION'
6 water water
#
loop_
_entity_poly.entity_id
_entity_poly.type
_entity_poly.pdbx_seq_one_letter_code
_entity_poly.pdbx_strand_id
1 'polypeptide(L)'
;MYRTAASRARALKGVLTRSLRPARYASSSAVAETSSSTPAYLSWLSGGSRAALTSLDMPLQGVSLPPPLADKVEPSKLQI
TTLPNGLKIASETTPNPAASIGLYVDCGSIYEAPYFHGATHLLERMAFKSTLNRTHFRLVREIEAIGGNTSASASREQMS
YTIDALKTYVPEMVEVLIDSVRNPAFLDWEVNEELRKMKVEIAELAKNPMGFLLEAIHSAGYSGPLASPLYAPESALDRL
NGELLEEFMTENFTAARMVLAASGVEHEELLKVAEPLTSDLPNVPPQLAPKSQYVGGDFRQHTGGEATHFAVAFEVPGWN
NEKEAVTATVLQMLMGGGGSFSAGGPGKGMHSWLYRRVLNEYQEVQSCTAFTSIFNDTGLFGIYGCSSPQFAAKAIELAA
KELKDVAGGKVNQAHLDRAKAATKSAVLMNLESRMIAAEDIGRQILTYGERKPVDQFLKSVDQLTLKDIADFTSKVISKP
LTMGSFGDVLAVPSYDTISSKFR
;
A,K
2 'polypeptide(L)'
;MAMKNLLSLARRSQRRLFLTQATRSSSSFSAIDSVPASASPTALSPPPPHLMPYDHAAEIIKNKIKKLENPDKRFLKYAS
PHPILASHNHILSAPETRVTTLPNGLRVATESNLSAKTATVGVWIDAGSRFESDETNGTAHFLEHMIFKGTDRRTVRALE
EEIEDIGGHLNAYTSREQTTYYAKVLDSNVNQALDVLADILQNSKFEEQRINRERDVILREMQEVEGQTDEVVLDHLHAT
AFQYTPLGRTILGPAQNVKSITREDLQNYIKTHYTASRMVIAAAGAVKHEEVVEQVKKLFTKLSSDPTTTSQLVANEPAS
FTGSEVRMIDDDLPLAQFAVAFEGASWTDPDSVALMVMQTMLGSWNKNVGGGKHVGSDLTQRVAINEIAESIMAFNTNYK
DTGLFGVYAVAKADCLDDLSYAIMYEVTKLAYRVSDADVTRARNQLKSSLLLHMDGTSPIAEDIGRQLLTYGRRIPTAEL
FARIDAVDASTVKRVANKYIYDKDIAISAIGPIQDLPDYNKFRRRTYWNRY
;
B,L
3 'polypeptide(L)'
;MLRVAGRRLFSVSQRSSTATSFVVSRDHTLSDGGGDSSSAPRSLPSADLSSYHRSLIRGFSSQVLAQGNEIGFGSEVPAT
VEAVKTPNSKIVYDDHNHERYPPGDPSKRAFAYFVLSGGRFVYASVLRLLVLKLIVSMSASKDVLALASLEVDLGSIEPG
TTVTVKWRGKPVFIRRRTEDDIKLANSVDVGSLRDPQEDSVRVKNPEWLVVVGVCTHLGCIPLPNAGDYGGWFCPCHGSH
YDISGRIRKGPAPYNLEVPTYSFLEENKLLIG
;
D,N
4 'polypeptide(L)'
;MASFLQRLVDPRKNFLARMHMKSVSNRLRRYGLRYDDLYDPLYDLDIKEALNRLPREIVDARNQRLMRAMDLSMKHEYLP
DNLQAVQTPFRSYLQDMLALVKRERAEREALGALPLYQRTIP
;
F,P
#
loop_
_chem_comp.id
_chem_comp.type
_chem_comp.name
_chem_comp.formula
ZN non-polymer 'ZINC ION' 'Zn 2'
#
# COMPACT_ATOMS: atom_id res chain seq x y z
N LEU A 53 16.06 38.07 -41.53
CA LEU A 53 16.57 37.46 -42.75
C LEU A 53 15.50 37.40 -43.83
N THR A 54 15.59 36.40 -44.70
CA THR A 54 14.56 36.16 -45.69
C THR A 54 13.51 35.19 -45.14
N SER A 55 12.31 35.31 -45.68
CA SER A 55 11.25 34.39 -45.29
C SER A 55 11.60 32.97 -45.71
N LEU A 56 11.10 32.00 -44.96
CA LEU A 56 11.46 30.60 -45.19
C LEU A 56 10.93 30.05 -46.50
N ASP A 57 10.03 30.77 -47.17
CA ASP A 57 9.59 30.36 -48.50
C ASP A 57 10.58 30.77 -49.60
N MET A 58 11.58 31.57 -49.28
CA MET A 58 12.65 31.90 -50.22
C MET A 58 13.94 31.24 -49.79
N PRO A 59 14.65 30.59 -50.70
CA PRO A 59 15.92 29.95 -50.33
C PRO A 59 16.94 30.97 -49.80
N LEU A 60 17.68 30.55 -48.78
CA LEU A 60 18.71 31.41 -48.21
C LEU A 60 19.88 31.54 -49.19
N GLN A 61 20.33 32.77 -49.41
CA GLN A 61 21.39 33.02 -50.34
C GLN A 61 22.76 32.72 -49.72
N GLY A 62 23.67 32.20 -50.54
CA GLY A 62 25.02 31.95 -50.09
C GLY A 62 25.22 30.72 -49.23
N VAL A 63 24.37 29.71 -49.39
CA VAL A 63 24.48 28.47 -48.63
C VAL A 63 25.19 27.44 -49.48
N SER A 64 26.16 26.74 -48.88
CA SER A 64 26.89 25.68 -49.58
C SER A 64 26.08 24.40 -49.52
N LEU A 65 25.49 24.01 -50.65
CA LEU A 65 24.65 22.83 -50.71
C LEU A 65 25.50 21.60 -51.03
N PRO A 66 25.51 20.59 -50.17
CA PRO A 66 26.24 19.35 -50.48
C PRO A 66 25.60 18.63 -51.65
N PRO A 67 26.40 17.90 -52.43
CA PRO A 67 25.85 17.15 -53.57
C PRO A 67 24.84 16.13 -53.12
N PRO A 68 23.80 15.88 -53.91
CA PRO A 68 22.76 14.94 -53.51
C PRO A 68 23.24 13.50 -53.52
N LEU A 69 22.61 12.67 -52.69
CA LEU A 69 22.87 11.25 -52.69
C LEU A 69 22.18 10.58 -53.88
N ALA A 70 22.75 9.47 -54.33
CA ALA A 70 22.17 8.72 -55.43
C ALA A 70 20.84 8.11 -55.02
N ASP A 71 19.95 7.96 -56.00
CA ASP A 71 18.63 7.39 -55.75
C ASP A 71 18.69 5.89 -55.46
N LYS A 72 19.82 5.25 -55.73
CA LYS A 72 20.05 3.85 -55.40
C LYS A 72 21.42 3.74 -54.74
N VAL A 73 21.44 3.38 -53.47
CA VAL A 73 22.67 3.25 -52.69
C VAL A 73 22.89 1.79 -52.37
N GLU A 74 24.07 1.28 -52.70
CA GLU A 74 24.37 -0.11 -52.40
C GLU A 74 24.46 -0.32 -50.89
N PRO A 75 23.72 -1.28 -50.34
CA PRO A 75 23.80 -1.51 -48.89
C PRO A 75 25.18 -1.98 -48.48
N SER A 76 25.54 -1.65 -47.24
CA SER A 76 26.84 -2.04 -46.71
C SER A 76 26.73 -3.41 -46.05
N LYS A 77 27.88 -3.99 -45.75
CA LYS A 77 27.97 -5.33 -45.18
C LYS A 77 28.48 -5.26 -43.75
N LEU A 78 27.81 -6.00 -42.86
CA LEU A 78 28.22 -6.05 -41.47
C LEU A 78 29.62 -6.62 -41.34
N GLN A 79 30.48 -5.90 -40.61
CA GLN A 79 31.81 -6.37 -40.27
C GLN A 79 31.85 -6.67 -38.78
N ILE A 80 32.26 -7.89 -38.44
CA ILE A 80 32.27 -8.35 -37.06
C ILE A 80 33.70 -8.68 -36.69
N THR A 81 34.29 -7.88 -35.81
CA THR A 81 35.64 -8.11 -35.32
C THR A 81 35.57 -8.63 -33.89
N THR A 82 36.28 -9.72 -33.63
CA THR A 82 36.33 -10.32 -32.30
C THR A 82 37.68 -10.02 -31.66
N LEU A 83 37.65 -9.46 -30.46
CA LEU A 83 38.86 -9.19 -29.71
C LEU A 83 39.31 -10.45 -28.98
N PRO A 84 40.61 -10.54 -28.63
CA PRO A 84 41.09 -11.73 -27.91
C PRO A 84 40.37 -12.01 -26.60
N ASN A 85 39.91 -10.96 -25.91
CA ASN A 85 39.16 -11.17 -24.68
C ASN A 85 37.75 -11.69 -24.92
N GLY A 86 37.31 -11.79 -26.17
CA GLY A 86 36.00 -12.29 -26.51
C GLY A 86 34.98 -11.23 -26.84
N LEU A 87 35.34 -9.95 -26.78
CA LEU A 87 34.41 -8.88 -27.10
C LEU A 87 34.29 -8.70 -28.60
N LYS A 88 33.05 -8.63 -29.09
CA LYS A 88 32.78 -8.53 -30.51
C LYS A 88 32.29 -7.12 -30.84
N ILE A 89 32.89 -6.53 -31.86
CA ILE A 89 32.54 -5.19 -32.33
C ILE A 89 31.99 -5.33 -33.74
N ALA A 90 30.77 -4.84 -33.94
CA ALA A 90 30.11 -4.90 -35.24
C ALA A 90 29.66 -3.51 -35.66
N SER A 91 29.60 -3.28 -36.97
CA SER A 91 29.16 -2.01 -37.50
C SER A 91 28.70 -2.18 -38.93
N GLU A 92 27.83 -1.26 -39.38
CA GLU A 92 27.45 -1.15 -40.78
C GLU A 92 27.48 0.31 -41.18
N THR A 93 28.02 0.59 -42.35
CA THR A 93 27.97 1.95 -42.88
C THR A 93 26.56 2.24 -43.41
N THR A 94 26.09 3.46 -43.14
CA THR A 94 24.73 3.86 -43.47
C THR A 94 24.77 5.19 -44.20
N PRO A 95 23.86 5.41 -45.17
CA PRO A 95 23.89 6.68 -45.92
C PRO A 95 23.37 7.88 -45.14
N ASN A 96 22.47 7.71 -44.18
CA ASN A 96 21.92 8.86 -43.48
C ASN A 96 22.93 9.41 -42.47
N PRO A 97 22.81 10.69 -42.10
CA PRO A 97 23.83 11.28 -41.21
C PRO A 97 23.55 11.06 -39.73
N ALA A 98 23.16 9.86 -39.34
CA ALA A 98 22.94 9.53 -37.94
C ALA A 98 23.65 8.23 -37.61
N ALA A 99 24.26 8.20 -36.42
CA ALA A 99 24.96 7.02 -35.93
C ALA A 99 24.27 6.54 -34.66
N SER A 100 24.03 5.25 -34.58
CA SER A 100 23.51 4.61 -33.37
C SER A 100 24.54 3.59 -32.89
N ILE A 101 25.03 3.78 -31.67
CA ILE A 101 26.05 2.92 -31.09
C ILE A 101 25.52 2.34 -29.79
N GLY A 102 25.60 1.03 -29.65
CA GLY A 102 25.09 0.36 -28.48
C GLY A 102 26.06 -0.67 -27.94
N LEU A 103 25.88 -0.98 -26.67
CA LEU A 103 26.56 -2.08 -25.99
C LEU A 103 25.50 -3.03 -25.44
N TYR A 104 25.62 -4.31 -25.77
CA TYR A 104 24.61 -5.30 -25.42
C TYR A 104 25.25 -6.40 -24.59
N VAL A 105 24.62 -6.73 -23.47
CA VAL A 105 25.17 -7.66 -22.50
C VAL A 105 24.16 -8.78 -22.25
N ASP A 106 24.64 -10.02 -22.25
CA ASP A 106 23.78 -11.16 -21.95
C ASP A 106 23.68 -11.40 -20.44
N CYS A 107 23.35 -10.32 -19.74
CA CYS A 107 22.99 -10.37 -18.34
C CYS A 107 21.53 -9.97 -18.19
N GLY A 108 20.92 -10.40 -17.08
CA GLY A 108 19.53 -10.11 -16.85
C GLY A 108 19.08 -10.70 -15.52
N SER A 109 17.77 -10.65 -15.29
CA SER A 109 17.23 -11.13 -14.03
C SER A 109 17.41 -12.64 -13.85
N ILE A 110 17.77 -13.36 -14.91
CA ILE A 110 17.99 -14.80 -14.81
C ILE A 110 19.36 -15.08 -14.20
N TYR A 111 20.08 -14.03 -13.80
CA TYR A 111 21.32 -14.17 -13.05
C TYR A 111 21.22 -13.59 -11.65
N GLU A 112 20.09 -12.97 -11.30
CA GLU A 112 19.94 -12.40 -9.97
C GLU A 112 19.82 -13.47 -8.89
N ALA A 113 19.21 -14.61 -9.22
CA ALA A 113 18.99 -15.64 -8.23
C ALA A 113 20.32 -16.16 -7.70
N PRO A 114 20.48 -16.31 -6.39
CA PRO A 114 19.48 -16.07 -5.34
C PRO A 114 19.66 -14.77 -4.58
N TYR A 115 20.75 -14.03 -4.76
CA TYR A 115 21.14 -12.98 -3.83
C TYR A 115 21.21 -11.60 -4.46
N PHE A 116 20.65 -11.42 -5.66
CA PHE A 116 20.73 -10.13 -6.35
C PHE A 116 19.37 -9.71 -6.88
N HIS A 117 18.31 -10.01 -6.14
CA HIS A 117 16.96 -9.72 -6.61
C HIS A 117 16.75 -8.21 -6.75
N GLY A 118 16.50 -7.76 -7.98
CA GLY A 118 16.32 -6.36 -8.28
C GLY A 118 17.54 -5.69 -8.88
N ALA A 119 18.65 -6.41 -9.05
CA ALA A 119 19.89 -5.78 -9.48
C ALA A 119 19.80 -5.30 -10.92
N THR A 120 19.12 -6.06 -11.79
CA THR A 120 19.09 -5.73 -13.20
C THR A 120 18.36 -4.41 -13.45
N HIS A 121 17.22 -4.21 -12.82
CA HIS A 121 16.44 -3.00 -13.10
C HIS A 121 17.07 -1.79 -12.42
N LEU A 122 17.69 -2.00 -11.26
CA LEU A 122 18.49 -0.94 -10.64
C LEU A 122 19.65 -0.52 -11.54
N LEU A 123 20.35 -1.49 -12.12
CA LEU A 123 21.41 -1.19 -13.07
C LEU A 123 20.87 -0.45 -14.28
N GLU A 124 19.65 -0.79 -14.70
CA GLU A 124 18.99 -0.04 -15.77
C GLU A 124 18.81 1.42 -15.37
N ARG A 125 18.35 1.67 -14.14
CA ARG A 125 18.18 3.05 -13.71
C ARG A 125 19.50 3.76 -13.48
N MET A 126 20.55 3.02 -13.12
CA MET A 126 21.84 3.60 -12.79
C MET A 126 22.73 3.81 -14.01
N ALA A 127 22.16 3.72 -15.21
CA ALA A 127 22.95 3.87 -16.43
C ALA A 127 23.32 5.32 -16.68
N PHE A 128 24.54 5.53 -17.18
CA PHE A 128 25.05 6.85 -17.55
C PHE A 128 25.07 7.81 -16.36
N LYS A 129 25.35 7.28 -15.18
CA LYS A 129 25.59 8.09 -14.00
C LYS A 129 27.09 8.37 -13.87
N SER A 130 27.51 8.83 -12.71
CA SER A 130 28.94 9.12 -12.39
C SER A 130 29.84 7.92 -12.67
N THR A 131 30.90 8.16 -13.39
CA THR A 131 31.96 7.15 -13.59
C THR A 131 33.15 7.48 -12.65
N LEU A 132 34.24 6.70 -12.70
CA LEU A 132 35.49 6.91 -11.96
C LEU A 132 36.26 8.03 -12.64
N ASN A 133 35.92 8.29 -13.92
CA ASN A 133 36.67 9.32 -14.69
C ASN A 133 35.83 10.59 -14.88
N ARG A 134 34.50 10.52 -14.73
CA ARG A 134 33.63 11.67 -15.00
C ARG A 134 32.43 11.69 -14.03
N THR A 135 32.08 12.85 -13.55
CA THR A 135 30.84 13.06 -12.76
C THR A 135 29.59 12.93 -13.65
N HIS A 136 28.45 12.57 -13.09
CA HIS A 136 27.15 12.57 -13.80
C HIS A 136 26.93 13.90 -14.50
N PHE A 137 27.18 15.01 -13.79
CA PHE A 137 26.98 16.32 -14.40
C PHE A 137 27.81 16.48 -15.66
N ARG A 138 29.11 16.16 -15.61
CA ARG A 138 30.00 16.27 -16.78
C ARG A 138 29.53 15.39 -17.94
N LEU A 139 29.13 14.16 -17.65
CA LEU A 139 28.65 13.20 -18.65
C LEU A 139 27.36 13.69 -19.30
N VAL A 140 26.41 14.23 -18.54
CA VAL A 140 25.23 14.81 -19.17
C VAL A 140 25.63 15.99 -20.05
N ARG A 141 26.58 16.81 -19.58
CA ARG A 141 27.00 17.96 -20.37
C ARG A 141 27.70 17.53 -21.66
N GLU A 142 28.48 16.46 -21.64
CA GLU A 142 29.17 15.97 -22.87
C GLU A 142 28.15 15.36 -23.86
N ILE A 143 27.16 14.68 -23.28
CA ILE A 143 26.14 14.14 -24.17
C ILE A 143 25.36 15.27 -24.84
N GLU A 144 25.00 16.31 -24.08
CA GLU A 144 24.22 17.40 -24.64
C GLU A 144 25.04 18.32 -25.53
N ALA A 145 26.35 18.38 -25.35
CA ALA A 145 27.17 19.25 -26.19
C ALA A 145 27.11 18.82 -27.65
N ILE A 146 26.94 17.53 -27.91
CA ILE A 146 26.91 16.99 -29.25
C ILE A 146 25.50 16.58 -29.67
N GLY A 147 24.49 17.01 -28.93
CA GLY A 147 23.10 16.71 -29.26
C GLY A 147 22.78 15.24 -29.24
N GLY A 148 23.29 14.49 -28.27
CA GLY A 148 23.06 13.07 -28.20
C GLY A 148 21.91 12.69 -27.29
N ASN A 149 21.47 11.44 -27.42
CA ASN A 149 20.44 10.87 -26.57
C ASN A 149 20.88 9.49 -26.11
N THR A 150 20.69 9.21 -24.83
CA THR A 150 21.06 7.93 -24.25
C THR A 150 19.81 7.12 -23.91
N SER A 151 20.00 5.82 -23.79
CA SER A 151 18.92 4.92 -23.41
C SER A 151 19.52 3.62 -22.90
N ALA A 152 18.83 3.01 -21.94
CA ALA A 152 19.20 1.71 -21.42
C ALA A 152 17.94 0.88 -21.23
N SER A 153 18.04 -0.40 -21.54
CA SER A 153 16.91 -1.31 -21.42
C SER A 153 17.35 -2.56 -20.66
N ALA A 154 16.48 -3.04 -19.77
CA ALA A 154 16.74 -4.23 -18.97
C ALA A 154 15.68 -5.27 -19.27
N SER A 155 16.13 -6.50 -19.56
CA SER A 155 15.24 -7.62 -19.82
C SER A 155 15.68 -8.81 -18.97
N ARG A 156 14.95 -9.91 -19.11
CA ARG A 156 15.28 -11.11 -18.34
C ARG A 156 16.61 -11.71 -18.75
N GLU A 157 16.96 -11.59 -20.04
CA GLU A 157 18.20 -12.19 -20.53
C GLU A 157 19.10 -11.22 -21.29
N GLN A 158 18.79 -9.93 -21.33
CA GLN A 158 19.64 -8.97 -22.03
C GLN A 158 19.53 -7.58 -21.41
N MET A 159 20.65 -6.88 -21.41
CA MET A 159 20.70 -5.45 -21.12
C MET A 159 21.42 -4.74 -22.27
N SER A 160 21.03 -3.48 -22.51
CA SER A 160 21.61 -2.69 -23.58
C SER A 160 21.85 -1.27 -23.10
N TYR A 161 22.87 -0.64 -23.70
CA TYR A 161 23.16 0.78 -23.49
C TYR A 161 23.43 1.40 -24.84
N THR A 162 22.66 2.42 -25.21
CA THR A 162 22.76 3.00 -26.54
C THR A 162 22.92 4.51 -26.45
N ILE A 163 23.61 5.07 -27.45
CA ILE A 163 23.71 6.51 -27.63
C ILE A 163 23.51 6.81 -29.11
N ASP A 164 22.79 7.90 -29.40
CA ASP A 164 22.47 8.29 -30.77
C ASP A 164 22.85 9.74 -30.99
N ALA A 165 23.55 10.00 -32.08
CA ALA A 165 24.00 11.35 -32.42
C ALA A 165 24.40 11.36 -33.89
N LEU A 166 24.73 12.53 -34.39
CA LEU A 166 25.25 12.63 -35.75
C LEU A 166 26.57 11.87 -35.85
N LYS A 167 26.83 11.30 -37.03
CA LYS A 167 27.93 10.38 -37.21
C LYS A 167 29.30 11.03 -37.08
N THR A 168 29.37 12.36 -37.04
CA THR A 168 30.64 13.05 -36.84
C THR A 168 31.14 12.99 -35.40
N TYR A 169 30.29 12.54 -34.46
CA TYR A 169 30.64 12.51 -33.05
C TYR A 169 30.89 11.10 -32.54
N VAL A 170 31.24 10.18 -33.43
CA VAL A 170 31.41 8.79 -33.04
C VAL A 170 32.46 8.60 -31.94
N PRO A 171 33.65 9.22 -32.00
CA PRO A 171 34.61 9.01 -30.90
C PRO A 171 34.07 9.39 -29.54
N GLU A 172 33.38 10.54 -29.44
CA GLU A 172 32.80 10.95 -28.17
C GLU A 172 31.76 9.95 -27.68
N MET A 173 30.90 9.49 -28.59
CA MET A 173 29.87 8.53 -28.21
C MET A 173 30.49 7.24 -27.68
N VAL A 174 31.45 6.68 -28.41
CA VAL A 174 32.08 5.43 -28.00
C VAL A 174 32.78 5.59 -26.66
N GLU A 175 33.52 6.67 -26.49
CA GLU A 175 34.21 6.95 -25.23
C GLU A 175 33.24 7.09 -24.07
N VAL A 176 32.23 7.91 -24.24
CA VAL A 176 31.26 8.02 -23.14
C VAL A 176 30.58 6.66 -22.87
N LEU A 177 30.20 5.87 -23.86
CA LEU A 177 29.49 4.62 -23.62
C LEU A 177 30.36 3.62 -22.87
N ILE A 178 31.63 3.47 -23.25
CA ILE A 178 32.45 2.46 -22.56
C ILE A 178 32.76 2.92 -21.12
N ASP A 179 33.21 4.16 -20.93
CA ASP A 179 33.40 4.69 -19.56
C ASP A 179 32.18 4.32 -18.70
N SER A 180 30.97 4.61 -19.19
CA SER A 180 29.73 4.32 -18.43
C SER A 180 29.57 2.86 -17.98
N VAL A 181 29.77 1.88 -18.85
CA VAL A 181 29.49 0.47 -18.49
C VAL A 181 30.70 -0.17 -17.78
N ARG A 182 31.92 0.16 -18.20
CA ARG A 182 33.14 -0.37 -17.54
C ARG A 182 33.43 0.26 -16.19
N ASN A 183 33.22 1.56 -16.03
CA ASN A 183 33.68 2.28 -14.82
C ASN A 183 32.58 2.92 -14.00
N PRO A 184 31.43 2.27 -13.74
CA PRO A 184 30.47 2.86 -12.81
C PRO A 184 31.04 3.17 -11.43
N ALA A 185 30.81 4.38 -10.94
CA ALA A 185 31.24 4.73 -9.59
C ALA A 185 30.29 4.19 -8.53
N PHE A 186 29.00 4.04 -8.87
CA PHE A 186 27.98 3.52 -7.97
C PHE A 186 27.97 4.27 -6.63
N LEU A 187 27.94 5.59 -6.71
CA LEU A 187 27.90 6.42 -5.51
C LEU A 187 26.61 6.20 -4.75
N ASP A 188 26.72 6.18 -3.42
CA ASP A 188 25.60 5.78 -2.58
C ASP A 188 24.41 6.73 -2.73
N TRP A 189 24.67 8.04 -2.83
CA TRP A 189 23.56 8.97 -2.97
C TRP A 189 22.85 8.78 -4.30
N GLU A 190 23.61 8.54 -5.37
CA GLU A 190 23.00 8.30 -6.67
C GLU A 190 22.17 7.01 -6.68
N VAL A 191 22.68 5.97 -6.04
CA VAL A 191 21.93 4.72 -5.92
C VAL A 191 20.66 4.94 -5.11
N ASN A 192 20.75 5.70 -4.01
CA ASN A 192 19.56 5.93 -3.20
C ASN A 192 18.51 6.72 -3.96
N GLU A 193 18.93 7.72 -4.74
CA GLU A 193 17.98 8.46 -5.56
C GLU A 193 17.32 7.56 -6.60
N GLU A 194 18.11 6.72 -7.28
CA GLU A 194 17.52 5.84 -8.28
C GLU A 194 16.63 4.78 -7.64
N LEU A 195 16.86 4.43 -6.37
CA LEU A 195 16.00 3.48 -5.61
C LEU A 195 14.67 4.09 -5.19
N ARG A 196 14.59 5.38 -4.87
CA ARG A 196 13.32 6.09 -4.56
C ARG A 196 12.46 6.13 -5.82
N LYS A 197 13.04 6.47 -6.97
CA LYS A 197 12.35 6.53 -8.27
C LYS A 197 12.12 5.11 -8.80
N MET A 198 12.60 4.10 -8.10
CA MET A 198 12.32 2.69 -8.48
C MET A 198 11.00 2.31 -7.81
N LYS A 199 10.75 2.83 -6.60
CA LYS A 199 9.51 2.57 -5.81
C LYS A 199 8.32 3.10 -6.63
N VAL A 200 8.32 4.37 -7.01
CA VAL A 200 7.31 4.89 -7.97
C VAL A 200 7.27 3.99 -9.24
N GLU A 201 8.38 3.78 -9.94
CA GLU A 201 8.28 2.97 -11.20
C GLU A 201 7.60 1.62 -10.92
N ILE A 202 7.75 1.00 -9.74
CA ILE A 202 7.09 -0.28 -9.39
C ILE A 202 5.62 -0.07 -8.87
N ALA A 203 5.30 1.06 -8.26
CA ALA A 203 3.93 1.26 -7.72
C ALA A 203 3.00 1.62 -8.86
N GLU A 204 3.52 2.38 -9.80
CA GLU A 204 2.62 2.64 -10.91
C GLU A 204 2.43 1.44 -11.82
N LEU A 205 2.98 0.28 -11.46
CA LEU A 205 2.85 -0.90 -12.31
C LEU A 205 1.40 -1.37 -12.41
N ALA A 206 0.62 -1.20 -11.34
CA ALA A 206 -0.76 -1.64 -11.35
C ALA A 206 -1.61 -0.87 -12.35
N LYS A 207 -1.10 0.25 -12.87
CA LYS A 207 -1.82 1.07 -13.83
C LYS A 207 -1.72 0.55 -15.26
N ASN A 208 -0.93 -0.49 -15.50
CA ASN A 208 -0.79 -1.11 -16.82
C ASN A 208 -1.18 -2.57 -16.70
N PRO A 209 -2.46 -2.91 -16.88
CA PRO A 209 -2.89 -4.31 -16.70
C PRO A 209 -2.15 -5.29 -17.61
N MET A 210 -1.86 -4.90 -18.85
CA MET A 210 -1.15 -5.80 -19.75
C MET A 210 0.24 -6.12 -19.22
N GLY A 211 1.01 -5.10 -18.87
CA GLY A 211 2.35 -5.34 -18.34
C GLY A 211 2.32 -6.09 -17.03
N PHE A 212 1.45 -5.68 -16.11
CA PHE A 212 1.34 -6.37 -14.82
C PHE A 212 1.04 -7.84 -15.01
N LEU A 213 0.05 -8.16 -15.84
CA LEU A 213 -0.30 -9.55 -16.10
C LEU A 213 0.83 -10.29 -16.76
N LEU A 214 1.56 -9.63 -17.67
CA LEU A 214 2.65 -10.29 -18.39
C LEU A 214 3.74 -10.73 -17.43
N GLU A 215 4.19 -9.83 -16.57
CA GLU A 215 5.15 -10.20 -15.53
C GLU A 215 4.59 -11.28 -14.62
N ALA A 216 3.33 -11.13 -14.21
CA ALA A 216 2.76 -12.05 -13.24
C ALA A 216 2.70 -13.47 -13.80
N ILE A 217 2.38 -13.62 -15.09
CA ILE A 217 2.33 -14.95 -15.66
C ILE A 217 3.72 -15.46 -16.04
N HIS A 218 4.70 -14.57 -16.22
CA HIS A 218 6.08 -15.05 -16.25
C HIS A 218 6.47 -15.66 -14.91
N SER A 219 6.07 -15.03 -13.82
CA SER A 219 6.36 -15.57 -12.49
C SER A 219 5.62 -16.89 -12.26
N ALA A 220 4.35 -16.96 -12.66
CA ALA A 220 3.52 -18.12 -12.42
C ALA A 220 3.67 -19.21 -13.47
N GLY A 221 4.46 -18.97 -14.52
CA GLY A 221 4.58 -19.95 -15.58
C GLY A 221 5.89 -20.73 -15.55
N TYR A 222 6.89 -20.19 -14.88
CA TYR A 222 8.18 -20.87 -14.74
C TYR A 222 8.50 -21.06 -13.26
N SER A 223 9.57 -21.82 -13.02
CA SER A 223 10.05 -22.11 -11.69
C SER A 223 11.46 -21.61 -11.43
N GLY A 224 12.36 -21.74 -12.40
CA GLY A 224 13.74 -21.41 -12.19
C GLY A 224 14.06 -19.93 -12.35
N PRO A 225 15.15 -19.63 -13.05
CA PRO A 225 15.56 -18.22 -13.20
C PRO A 225 14.54 -17.35 -13.90
N LEU A 226 13.80 -17.89 -14.86
CA LEU A 226 12.82 -17.08 -15.58
C LEU A 226 11.69 -16.60 -14.70
N ALA A 227 11.48 -17.24 -13.55
CA ALA A 227 10.43 -16.84 -12.64
C ALA A 227 10.82 -15.66 -11.75
N SER A 228 12.10 -15.31 -11.70
CA SER A 228 12.52 -14.17 -10.90
C SER A 228 11.91 -12.89 -11.46
N PRO A 229 11.25 -12.09 -10.64
CA PRO A 229 10.62 -10.87 -11.16
C PRO A 229 11.63 -9.92 -11.77
N LEU A 230 11.18 -9.21 -12.81
CA LEU A 230 11.94 -8.14 -13.43
C LEU A 230 11.67 -6.80 -12.76
N TYR A 231 10.75 -6.76 -11.81
CA TYR A 231 10.38 -5.61 -10.98
C TYR A 231 10.32 -6.14 -9.55
N ALA A 232 11.44 -6.04 -8.83
CA ALA A 232 11.60 -6.63 -7.51
C ALA A 232 10.67 -6.00 -6.48
N PRO A 233 10.28 -6.75 -5.45
CA PRO A 233 9.40 -6.20 -4.41
C PRO A 233 10.14 -5.15 -3.58
N GLU A 234 9.38 -4.42 -2.77
CA GLU A 234 9.98 -3.31 -2.01
C GLU A 234 10.91 -3.88 -0.95
N SER A 235 10.55 -5.01 -0.37
CA SER A 235 11.46 -5.61 0.58
C SER A 235 12.79 -5.96 -0.08
N ALA A 236 12.74 -6.47 -1.31
CA ALA A 236 13.96 -6.84 -2.03
C ALA A 236 14.84 -5.63 -2.35
N LEU A 237 14.30 -4.43 -2.30
CA LEU A 237 15.13 -3.21 -2.56
C LEU A 237 15.79 -2.65 -1.31
N ASP A 238 15.35 -2.98 -0.08
CA ASP A 238 16.04 -2.36 1.08
C ASP A 238 17.39 -3.03 1.32
N ARG A 239 17.73 -4.03 0.50
CA ARG A 239 19.02 -4.67 0.60
C ARG A 239 20.01 -4.17 -0.45
N LEU A 240 19.51 -3.74 -1.61
CA LEU A 240 20.38 -3.33 -2.71
C LEU A 240 21.14 -2.06 -2.36
N ASN A 241 22.40 -1.99 -2.78
CA ASN A 241 23.25 -0.84 -2.55
C ASN A 241 24.37 -0.84 -3.58
N GLY A 242 25.28 0.13 -3.46
CA GLY A 242 26.34 0.26 -4.44
C GLY A 242 27.31 -0.90 -4.46
N GLU A 243 27.63 -1.46 -3.28
CA GLU A 243 28.54 -2.59 -3.22
C GLU A 243 27.92 -3.82 -3.89
N LEU A 244 26.62 -4.05 -3.67
CA LEU A 244 25.93 -5.14 -4.33
C LEU A 244 25.93 -4.96 -5.84
N LEU A 245 25.65 -3.74 -6.31
CA LEU A 245 25.65 -3.48 -7.74
C LEU A 245 27.02 -3.71 -8.35
N GLU A 246 28.07 -3.27 -7.66
CA GLU A 246 29.42 -3.48 -8.17
C GLU A 246 29.77 -4.96 -8.23
N GLU A 247 29.42 -5.71 -7.19
CA GLU A 247 29.73 -7.13 -7.17
C GLU A 247 28.95 -7.88 -8.26
N PHE A 248 27.70 -7.49 -8.49
CA PHE A 248 26.91 -8.11 -9.55
C PHE A 248 27.47 -7.78 -10.92
N MET A 249 27.77 -6.51 -11.17
CA MET A 249 28.23 -6.10 -12.49
C MET A 249 29.59 -6.68 -12.82
N THR A 250 30.51 -6.71 -11.85
CA THR A 250 31.83 -7.27 -12.11
C THR A 250 31.75 -8.75 -12.44
N GLU A 251 30.87 -9.49 -11.79
CA GLU A 251 30.74 -10.91 -12.06
C GLU A 251 30.22 -11.17 -13.48
N ASN A 252 29.22 -10.41 -13.91
CA ASN A 252 28.49 -10.75 -15.13
C ASN A 252 28.90 -9.96 -16.36
N PHE A 253 29.46 -8.76 -16.21
CA PHE A 253 29.83 -7.93 -17.35
C PHE A 253 31.25 -8.29 -17.76
N THR A 254 31.38 -9.29 -18.62
CA THR A 254 32.66 -9.71 -19.14
C THR A 254 32.70 -9.47 -20.65
N ALA A 255 33.92 -9.45 -21.19
CA ALA A 255 34.09 -9.12 -22.60
C ALA A 255 33.41 -10.12 -23.52
N ALA A 256 33.54 -11.42 -23.22
CA ALA A 256 32.93 -12.44 -24.06
C ALA A 256 31.41 -12.47 -23.94
N ARG A 257 30.82 -11.59 -23.13
CA ARG A 257 29.37 -11.51 -22.96
C ARG A 257 28.82 -10.18 -23.45
N MET A 258 29.61 -9.43 -24.23
CA MET A 258 29.29 -8.05 -24.56
C MET A 258 29.60 -7.79 -26.04
N VAL A 259 28.70 -7.07 -26.70
CA VAL A 259 28.82 -6.75 -28.12
C VAL A 259 28.69 -5.24 -28.28
N LEU A 260 29.57 -4.66 -29.09
CA LEU A 260 29.53 -3.23 -29.44
C LEU A 260 29.05 -3.10 -30.87
N ALA A 261 27.75 -2.85 -31.04
CA ALA A 261 27.12 -2.74 -32.35
C ALA A 261 26.86 -1.29 -32.68
N ALA A 262 27.35 -0.83 -33.82
CA ALA A 262 27.29 0.59 -34.20
C ALA A 262 26.76 0.72 -35.63
N SER A 263 25.50 1.14 -35.75
CA SER A 263 24.90 1.33 -37.07
C SER A 263 25.14 2.75 -37.54
N GLY A 264 25.91 2.92 -38.61
CA GLY A 264 26.12 4.23 -39.20
C GLY A 264 27.51 4.81 -38.98
N VAL A 265 28.52 3.95 -38.93
CA VAL A 265 29.90 4.39 -38.76
C VAL A 265 30.81 3.47 -39.55
N GLU A 266 31.91 4.03 -40.05
CA GLU A 266 32.95 3.23 -40.66
C GLU A 266 33.66 2.38 -39.60
N HIS A 267 33.93 1.12 -39.94
CA HIS A 267 34.50 0.20 -38.97
C HIS A 267 35.89 0.60 -38.53
N GLU A 268 36.65 1.28 -39.41
CA GLU A 268 38.00 1.69 -39.06
C GLU A 268 38.01 2.65 -37.88
N GLU A 269 37.18 3.68 -37.93
CA GLU A 269 37.14 4.67 -36.86
C GLU A 269 36.62 4.08 -35.57
N LEU A 270 35.56 3.26 -35.65
CA LEU A 270 35.02 2.63 -34.46
C LEU A 270 36.06 1.73 -33.80
N LEU A 271 36.79 0.96 -34.59
CA LEU A 271 37.87 0.14 -34.03
C LEU A 271 38.95 1.02 -33.42
N LYS A 272 39.36 2.08 -34.12
CA LYS A 272 40.43 2.94 -33.62
C LYS A 272 40.08 3.53 -32.27
N VAL A 273 38.81 3.87 -32.05
CA VAL A 273 38.42 4.47 -30.78
C VAL A 273 38.13 3.42 -29.72
N ALA A 274 37.53 2.28 -30.08
CA ALA A 274 37.04 1.31 -29.11
C ALA A 274 38.07 0.28 -28.69
N GLU A 275 39.01 -0.09 -29.57
CA GLU A 275 40.02 -1.07 -29.23
C GLU A 275 40.84 -0.66 -28.01
N PRO A 276 41.38 0.57 -27.92
CA PRO A 276 42.18 0.92 -26.73
C PRO A 276 41.40 1.00 -25.43
N LEU A 277 40.10 0.78 -25.45
CA LEU A 277 39.27 1.01 -24.24
C LEU A 277 38.59 -0.29 -23.80
N THR A 278 38.77 -1.36 -24.54
CA THR A 278 38.14 -2.61 -24.17
C THR A 278 39.08 -3.81 -24.13
N SER A 279 40.30 -3.69 -24.64
CA SER A 279 41.22 -4.84 -24.67
C SER A 279 41.69 -5.21 -23.28
N ASP A 280 41.98 -4.23 -22.45
CA ASP A 280 42.37 -4.47 -21.04
C ASP A 280 41.46 -5.51 -20.41
N LEU A 281 40.20 -5.60 -20.82
CA LEU A 281 39.22 -6.50 -20.17
C LEU A 281 39.75 -7.93 -20.22
N PRO A 282 39.81 -8.70 -19.12
CA PRO A 282 40.45 -10.02 -19.10
C PRO A 282 39.58 -11.08 -19.78
N ASN A 283 40.23 -12.20 -20.12
CA ASN A 283 39.53 -13.34 -20.70
C ASN A 283 38.86 -14.14 -19.60
N VAL A 284 37.53 -14.23 -19.67
CA VAL A 284 36.72 -14.95 -18.70
C VAL A 284 36.03 -16.07 -19.45
N PRO A 285 36.17 -17.33 -19.05
CA PRO A 285 35.72 -18.42 -19.92
C PRO A 285 34.21 -18.49 -20.01
N PRO A 286 33.67 -18.94 -21.14
CA PRO A 286 32.22 -18.84 -21.36
C PRO A 286 31.43 -19.83 -20.53
N GLN A 287 30.66 -19.33 -19.57
CA GLN A 287 29.79 -20.17 -18.76
C GLN A 287 28.52 -20.47 -19.54
N LEU A 288 27.54 -21.08 -18.87
CA LEU A 288 26.27 -21.44 -19.49
C LEU A 288 25.13 -20.76 -18.75
N ALA A 289 24.21 -20.19 -19.50
CA ALA A 289 23.02 -19.61 -18.89
C ALA A 289 22.22 -20.71 -18.19
N PRO A 290 21.62 -20.41 -17.04
CA PRO A 290 20.87 -21.44 -16.32
C PRO A 290 19.63 -21.89 -17.07
N LYS A 291 19.14 -23.07 -16.69
CA LYS A 291 17.96 -23.65 -17.30
C LYS A 291 16.70 -23.24 -16.54
N SER A 292 15.64 -22.97 -17.27
CA SER A 292 14.33 -22.73 -16.70
C SER A 292 13.37 -23.81 -17.20
N GLN A 293 12.43 -24.18 -16.34
CA GLN A 293 11.44 -25.19 -16.67
C GLN A 293 10.06 -24.53 -16.72
N TYR A 294 9.38 -24.68 -17.85
CA TYR A 294 8.00 -24.21 -17.93
C TYR A 294 7.11 -25.16 -17.16
N VAL A 295 6.25 -24.59 -16.32
CA VAL A 295 5.22 -25.33 -15.61
C VAL A 295 3.91 -24.59 -15.81
N GLY A 296 2.86 -25.11 -15.19
CA GLY A 296 1.60 -24.40 -15.14
C GLY A 296 1.59 -23.37 -14.03
N GLY A 297 0.45 -22.72 -13.86
CA GLY A 297 0.33 -21.77 -12.78
C GLY A 297 -0.83 -20.82 -12.92
N ASP A 298 -1.28 -20.29 -11.78
CA ASP A 298 -2.32 -19.29 -11.74
C ASP A 298 -1.84 -18.11 -10.90
N PHE A 299 -2.18 -16.91 -11.35
CA PHE A 299 -1.89 -15.68 -10.62
C PHE A 299 -3.20 -14.98 -10.33
N ARG A 300 -3.42 -14.64 -9.07
CA ARG A 300 -4.71 -14.09 -8.66
C ARG A 300 -4.51 -13.06 -7.56
N GLN A 301 -4.82 -11.81 -7.86
CA GLN A 301 -4.86 -10.74 -6.87
C GLN A 301 -6.26 -10.15 -6.91
N HIS A 302 -7.11 -10.59 -5.98
CA HIS A 302 -8.46 -10.07 -5.87
C HIS A 302 -8.40 -8.69 -5.25
N THR A 303 -8.49 -7.66 -6.09
CA THR A 303 -8.54 -6.29 -5.61
C THR A 303 -9.96 -5.77 -5.48
N GLY A 304 -10.92 -6.39 -6.17
CA GLY A 304 -12.29 -5.96 -6.12
C GLY A 304 -12.55 -4.73 -6.98
N GLY A 305 -13.83 -4.36 -7.05
CA GLY A 305 -14.21 -3.18 -7.79
C GLY A 305 -14.82 -3.47 -9.14
N GLU A 306 -14.05 -3.20 -10.19
CA GLU A 306 -14.55 -3.29 -11.56
C GLU A 306 -13.37 -3.54 -12.49
N ALA A 307 -13.69 -3.72 -13.78
CA ALA A 307 -12.69 -3.79 -14.85
C ALA A 307 -11.69 -4.92 -14.60
N THR A 308 -12.20 -6.14 -14.65
CA THR A 308 -11.34 -7.31 -14.52
C THR A 308 -10.41 -7.42 -15.72
N HIS A 309 -9.40 -8.27 -15.59
CA HIS A 309 -8.46 -8.54 -16.66
C HIS A 309 -7.97 -9.96 -16.53
N PHE A 310 -7.43 -10.49 -17.63
CA PHE A 310 -6.92 -11.86 -17.62
C PHE A 310 -5.93 -12.05 -18.76
N ALA A 311 -5.20 -13.15 -18.67
CA ALA A 311 -4.26 -13.56 -19.71
C ALA A 311 -4.04 -15.06 -19.59
N VAL A 312 -4.43 -15.80 -20.63
CA VAL A 312 -4.21 -17.24 -20.70
C VAL A 312 -3.04 -17.48 -21.65
N ALA A 313 -2.00 -18.15 -21.17
CA ALA A 313 -0.77 -18.32 -21.92
C ALA A 313 -0.37 -19.79 -21.96
N PHE A 314 0.43 -20.12 -22.98
CA PHE A 314 0.94 -21.47 -23.19
C PHE A 314 2.40 -21.36 -23.60
N GLU A 315 3.09 -22.50 -23.59
CA GLU A 315 4.53 -22.54 -23.90
C GLU A 315 4.75 -22.74 -25.39
N VAL A 316 5.75 -22.05 -25.92
CA VAL A 316 6.15 -22.16 -27.32
C VAL A 316 7.67 -22.24 -27.40
N PRO A 317 8.21 -22.68 -28.53
CA PRO A 317 9.67 -22.76 -28.66
C PRO A 317 10.35 -21.41 -28.57
N GLY A 318 11.63 -21.44 -28.20
CA GLY A 318 12.42 -20.24 -28.05
C GLY A 318 12.99 -19.75 -29.36
N TRP A 319 13.93 -18.78 -29.25
CA TRP A 319 14.58 -18.26 -30.45
C TRP A 319 15.43 -19.32 -31.14
N ASN A 320 16.06 -20.21 -30.38
CA ASN A 320 16.64 -21.39 -30.98
C ASN A 320 15.54 -22.24 -31.59
N ASN A 321 15.74 -23.05 -32.62
CA ASN A 321 14.57 -23.68 -33.32
C ASN A 321 14.02 -22.59 -34.23
N GLU A 322 14.53 -22.54 -35.47
CA GLU A 322 14.22 -21.41 -36.36
C GLU A 322 13.20 -21.73 -37.45
N LYS A 323 12.19 -22.58 -37.19
CA LYS A 323 11.05 -22.68 -38.13
C LYS A 323 9.79 -22.42 -37.29
N GLU A 324 9.85 -22.67 -36.00
CA GLU A 324 8.65 -22.59 -35.14
C GLU A 324 8.53 -21.23 -34.50
N ALA A 325 9.66 -20.54 -34.35
CA ALA A 325 9.55 -19.16 -33.89
C ALA A 325 8.55 -18.49 -34.81
N VAL A 326 8.80 -18.69 -36.07
CA VAL A 326 7.99 -18.03 -37.09
C VAL A 326 6.53 -18.45 -36.89
N THR A 327 6.29 -19.74 -36.70
CA THR A 327 4.90 -20.26 -36.51
C THR A 327 4.26 -19.56 -35.36
N ALA A 328 5.03 -19.26 -34.32
CA ALA A 328 4.44 -18.46 -33.22
C ALA A 328 4.10 -17.02 -33.64
N THR A 329 5.01 -16.33 -34.27
CA THR A 329 4.75 -14.94 -34.76
C THR A 329 3.53 -14.95 -35.70
N VAL A 330 3.46 -15.89 -36.64
CA VAL A 330 2.35 -15.83 -37.62
C VAL A 330 1.04 -16.12 -36.86
N LEU A 331 1.06 -17.03 -35.88
CA LEU A 331 -0.09 -17.29 -34.99
C LEU A 331 -0.53 -16.05 -34.25
N GLN A 332 0.43 -15.32 -33.69
CA GLN A 332 0.11 -14.07 -32.99
C GLN A 332 -0.57 -13.08 -33.93
N MET A 333 -0.04 -12.94 -35.14
CA MET A 333 -0.72 -12.09 -36.12
C MET A 333 -2.10 -12.62 -36.47
N LEU A 334 -2.26 -13.94 -36.56
CA LEU A 334 -3.54 -14.52 -36.96
C LEU A 334 -4.62 -14.23 -35.91
N MET A 335 -4.34 -14.50 -34.64
CA MET A 335 -5.28 -14.12 -33.60
C MET A 335 -5.42 -12.60 -33.54
N GLY A 336 -4.29 -11.90 -33.58
CA GLY A 336 -4.31 -10.45 -33.73
C GLY A 336 -5.08 -9.77 -32.63
N GLY A 337 -5.96 -8.87 -33.02
CA GLY A 337 -6.82 -8.15 -32.10
C GLY A 337 -6.48 -6.67 -32.01
N GLY A 338 -6.81 -6.10 -30.84
CA GLY A 338 -6.56 -4.70 -30.59
C GLY A 338 -6.85 -4.36 -29.15
N GLY A 339 -6.46 -3.14 -28.77
CA GLY A 339 -6.66 -2.71 -27.39
C GLY A 339 -8.10 -2.46 -27.02
N SER A 340 -8.96 -2.19 -28.01
CA SER A 340 -10.39 -1.98 -27.81
C SER A 340 -10.68 -0.76 -26.93
N PHE A 341 -9.64 -0.01 -26.58
CA PHE A 341 -9.80 1.23 -25.83
C PHE A 341 -9.67 2.47 -26.71
N SER A 342 -9.06 2.36 -27.88
CA SER A 342 -8.94 3.45 -28.81
C SER A 342 -9.10 2.92 -30.23
N ALA A 343 -9.39 3.83 -31.15
CA ALA A 343 -9.57 3.48 -32.56
C ALA A 343 -8.77 4.46 -33.41
N GLY A 344 -8.80 4.25 -34.73
CA GLY A 344 -8.10 5.11 -35.65
C GLY A 344 -7.00 4.42 -36.42
N GLY A 345 -7.19 4.29 -37.74
CA GLY A 345 -6.21 3.69 -38.60
C GLY A 345 -6.54 2.26 -38.97
N PRO A 346 -7.10 2.06 -40.16
CA PRO A 346 -7.40 0.70 -40.62
C PRO A 346 -6.12 -0.07 -40.92
N GLY A 347 -6.23 -1.39 -40.80
CA GLY A 347 -5.10 -2.27 -41.02
C GLY A 347 -4.26 -2.56 -39.81
N LYS A 348 -4.69 -2.15 -38.61
CA LYS A 348 -3.96 -2.42 -37.39
C LYS A 348 -4.40 -3.71 -36.70
N GLY A 349 -5.34 -4.44 -37.28
CA GLY A 349 -5.80 -5.69 -36.70
C GLY A 349 -7.28 -5.73 -36.40
N MET A 350 -8.06 -4.93 -37.13
CA MET A 350 -9.49 -4.85 -36.90
C MET A 350 -10.24 -6.04 -37.49
N HIS A 351 -9.61 -6.80 -38.39
CA HIS A 351 -10.27 -7.92 -39.07
C HIS A 351 -9.56 -9.25 -38.81
N SER A 352 -8.91 -9.38 -37.67
CA SER A 352 -8.39 -10.66 -37.24
C SER A 352 -9.50 -11.46 -36.55
N TRP A 353 -9.19 -12.72 -36.20
CA TRP A 353 -10.18 -13.56 -35.55
C TRP A 353 -10.62 -12.96 -34.21
N LEU A 354 -9.66 -12.53 -33.40
CA LEU A 354 -10.00 -11.98 -32.08
C LEU A 354 -10.88 -10.75 -32.22
N TYR A 355 -10.46 -9.77 -33.03
CA TYR A 355 -11.23 -8.56 -33.21
C TYR A 355 -12.60 -8.86 -33.80
N ARG A 356 -12.63 -9.44 -35.01
CA ARG A 356 -13.88 -9.67 -35.71
C ARG A 356 -14.85 -10.52 -34.90
N ARG A 357 -14.34 -11.41 -34.06
CA ARG A 357 -15.24 -12.22 -33.25
C ARG A 357 -15.71 -11.45 -32.01
N VAL A 358 -14.79 -11.08 -31.13
CA VAL A 358 -15.18 -10.51 -29.85
C VAL A 358 -15.77 -9.12 -30.03
N LEU A 359 -15.00 -8.19 -30.61
CA LEU A 359 -15.41 -6.80 -30.62
C LEU A 359 -16.50 -6.51 -31.63
N ASN A 360 -16.83 -7.46 -32.50
CA ASN A 360 -17.90 -7.29 -33.46
C ASN A 360 -19.06 -8.25 -33.26
N GLU A 361 -18.99 -9.13 -32.25
CA GLU A 361 -20.10 -10.02 -31.92
C GLU A 361 -20.54 -9.96 -30.46
N TYR A 362 -19.69 -9.48 -29.55
CA TYR A 362 -20.04 -9.37 -28.13
C TYR A 362 -19.58 -8.00 -27.64
N GLN A 363 -20.53 -7.17 -27.22
CA GLN A 363 -20.20 -5.84 -26.75
C GLN A 363 -19.69 -5.89 -25.31
N GLU A 364 -19.47 -4.71 -24.73
CA GLU A 364 -19.05 -4.57 -23.34
C GLU A 364 -17.73 -5.28 -23.08
N VAL A 365 -16.82 -5.22 -24.04
CA VAL A 365 -15.47 -5.77 -23.92
C VAL A 365 -14.48 -4.62 -24.05
N GLN A 366 -13.58 -4.50 -23.07
CA GLN A 366 -12.68 -3.35 -23.00
C GLN A 366 -11.32 -3.60 -23.64
N SER A 367 -10.85 -4.85 -23.66
CA SER A 367 -9.59 -5.16 -24.31
C SER A 367 -9.57 -6.64 -24.67
N CYS A 368 -9.01 -6.96 -25.84
CA CYS A 368 -8.82 -8.34 -26.28
C CYS A 368 -7.82 -8.42 -27.43
N THR A 369 -6.73 -9.14 -27.24
CA THR A 369 -5.68 -9.27 -28.23
C THR A 369 -4.79 -10.45 -27.84
N ALA A 370 -3.67 -10.60 -28.55
CA ALA A 370 -2.72 -11.67 -28.30
C ALA A 370 -1.33 -11.10 -28.04
N PHE A 371 -0.50 -11.88 -27.35
CA PHE A 371 0.85 -11.44 -27.04
C PHE A 371 1.83 -12.58 -27.26
N THR A 372 3.10 -12.25 -27.09
CA THR A 372 4.20 -13.16 -27.32
C THR A 372 5.43 -12.67 -26.58
N SER A 373 6.11 -13.60 -25.90
CA SER A 373 7.37 -13.30 -25.22
C SER A 373 8.26 -14.54 -25.36
N ILE A 374 9.11 -14.53 -26.37
CA ILE A 374 10.01 -15.64 -26.70
C ILE A 374 11.38 -15.34 -26.13
N PHE A 375 11.96 -16.31 -25.43
CA PHE A 375 13.32 -16.29 -24.93
C PHE A 375 14.19 -17.20 -25.78
N ASN A 376 15.43 -17.41 -25.35
CA ASN A 376 16.38 -18.18 -26.15
C ASN A 376 15.93 -19.63 -26.32
N ASP A 377 15.42 -20.25 -25.25
CA ASP A 377 15.07 -21.67 -25.28
C ASP A 377 13.61 -21.94 -24.95
N THR A 378 12.79 -20.91 -24.79
CA THR A 378 11.39 -21.09 -24.47
C THR A 378 10.65 -19.78 -24.74
N GLY A 379 9.32 -19.86 -24.72
CA GLY A 379 8.51 -18.67 -24.97
C GLY A 379 7.12 -18.80 -24.38
N LEU A 380 6.38 -17.70 -24.47
CA LEU A 380 5.01 -17.60 -23.96
C LEU A 380 4.12 -16.98 -25.02
N PHE A 381 3.16 -17.76 -25.51
CA PHE A 381 2.10 -17.25 -26.38
C PHE A 381 0.80 -17.23 -25.58
N GLY A 382 0.09 -16.10 -25.64
CA GLY A 382 -1.14 -15.99 -24.86
C GLY A 382 -2.08 -14.96 -25.44
N ILE A 383 -3.24 -14.85 -24.79
CA ILE A 383 -4.33 -13.96 -25.21
C ILE A 383 -4.75 -13.12 -24.02
N TYR A 384 -4.84 -11.81 -24.21
CA TYR A 384 -5.25 -10.90 -23.16
C TYR A 384 -6.78 -10.86 -23.06
N GLY A 385 -7.30 -9.90 -22.30
CA GLY A 385 -8.73 -9.72 -22.18
C GLY A 385 -9.13 -8.89 -20.99
N CYS A 386 -10.16 -8.06 -21.14
CA CYS A 386 -10.64 -7.24 -20.05
C CYS A 386 -12.06 -7.62 -19.61
N SER A 387 -13.02 -7.57 -20.51
CA SER A 387 -14.41 -7.99 -20.24
C SER A 387 -14.99 -7.13 -19.10
N SER A 388 -15.89 -7.74 -18.32
CA SER A 388 -16.63 -7.11 -17.25
C SER A 388 -16.60 -8.04 -16.05
N PRO A 389 -16.66 -7.51 -14.83
CA PRO A 389 -16.36 -8.34 -13.66
C PRO A 389 -17.23 -9.58 -13.52
N GLN A 390 -18.47 -9.55 -13.98
CA GLN A 390 -19.29 -10.76 -14.00
C GLN A 390 -19.29 -11.47 -15.33
N PHE A 391 -18.89 -10.82 -16.41
CA PHE A 391 -18.76 -11.44 -17.72
C PHE A 391 -17.48 -12.24 -17.87
N ALA A 392 -16.69 -12.38 -16.80
CA ALA A 392 -15.35 -12.95 -16.91
C ALA A 392 -15.40 -14.39 -17.38
N ALA A 393 -16.34 -15.19 -16.86
CA ALA A 393 -16.40 -16.60 -17.25
C ALA A 393 -16.69 -16.73 -18.74
N LYS A 394 -17.63 -15.93 -19.25
CA LYS A 394 -17.91 -15.93 -20.68
C LYS A 394 -16.68 -15.49 -21.48
N ALA A 395 -15.94 -14.51 -20.97
CA ALA A 395 -14.74 -14.05 -21.67
C ALA A 395 -13.70 -15.16 -21.78
N ILE A 396 -13.45 -15.87 -20.68
CA ILE A 396 -12.47 -16.96 -20.73
C ILE A 396 -12.96 -18.06 -21.65
N GLU A 397 -14.27 -18.33 -21.64
CA GLU A 397 -14.83 -19.30 -22.57
C GLU A 397 -14.56 -18.90 -24.01
N LEU A 398 -14.78 -17.61 -24.32
CA LEU A 398 -14.54 -17.12 -25.68
C LEU A 398 -13.09 -17.31 -26.08
N ALA A 399 -12.16 -16.92 -25.20
CA ALA A 399 -10.74 -17.04 -25.52
C ALA A 399 -10.34 -18.49 -25.75
N ALA A 400 -10.74 -19.38 -24.82
CA ALA A 400 -10.41 -20.79 -24.97
C ALA A 400 -11.01 -21.36 -26.24
N LYS A 401 -12.25 -20.98 -26.56
CA LYS A 401 -12.88 -21.46 -27.77
C LYS A 401 -12.13 -21.00 -29.01
N GLU A 402 -11.59 -19.78 -28.98
CA GLU A 402 -10.83 -19.30 -30.13
C GLU A 402 -9.54 -20.08 -30.31
N LEU A 403 -8.80 -20.30 -29.21
CA LEU A 403 -7.62 -21.17 -29.30
C LEU A 403 -7.99 -22.54 -29.87
N LYS A 404 -9.05 -23.14 -29.36
CA LYS A 404 -9.47 -24.45 -29.84
C LYS A 404 -9.86 -24.40 -31.32
N ASP A 405 -10.49 -23.30 -31.74
CA ASP A 405 -10.94 -23.18 -33.12
C ASP A 405 -9.78 -23.15 -34.08
N VAL A 406 -8.73 -22.39 -33.77
CA VAL A 406 -7.59 -22.44 -34.67
C VAL A 406 -6.83 -23.76 -34.52
N ALA A 407 -6.88 -24.38 -33.33
CA ALA A 407 -6.22 -25.67 -33.15
C ALA A 407 -6.83 -26.74 -34.05
N GLY A 408 -8.16 -26.78 -34.13
CA GLY A 408 -8.80 -27.82 -34.92
C GLY A 408 -8.56 -27.70 -36.41
N GLY A 409 -8.57 -26.48 -36.93
CA GLY A 409 -8.40 -26.27 -38.36
C GLY A 409 -9.51 -25.44 -38.98
N LYS A 410 -10.20 -24.65 -38.16
CA LYS A 410 -11.32 -23.82 -38.60
C LYS A 410 -10.90 -22.49 -39.21
N VAL A 411 -9.65 -22.37 -39.65
CA VAL A 411 -9.13 -21.14 -40.24
C VAL A 411 -8.87 -21.39 -41.72
N ASN A 412 -9.39 -20.51 -42.57
CA ASN A 412 -9.26 -20.68 -44.01
C ASN A 412 -7.97 -20.05 -44.52
N GLN A 413 -7.69 -20.30 -45.81
CA GLN A 413 -6.45 -19.83 -46.40
C GLN A 413 -6.39 -18.31 -46.52
N ALA A 414 -7.54 -17.65 -46.68
CA ALA A 414 -7.53 -16.20 -46.81
C ALA A 414 -6.95 -15.54 -45.55
N HIS A 415 -7.39 -16.00 -44.38
CA HIS A 415 -6.86 -15.48 -43.13
C HIS A 415 -5.39 -15.84 -42.96
N LEU A 416 -4.98 -17.02 -43.40
CA LEU A 416 -3.57 -17.40 -43.31
C LEU A 416 -2.70 -16.47 -44.15
N ASP A 417 -3.09 -16.20 -45.39
CA ASP A 417 -2.34 -15.25 -46.22
C ASP A 417 -2.37 -13.85 -45.64
N ARG A 418 -3.50 -13.44 -45.06
CA ARG A 418 -3.57 -12.13 -44.43
C ARG A 418 -2.57 -12.00 -43.28
N ALA A 419 -2.55 -12.99 -42.39
CA ALA A 419 -1.61 -12.97 -41.27
C ALA A 419 -0.16 -13.09 -41.75
N LYS A 420 0.08 -13.87 -42.80
CA LYS A 420 1.41 -14.00 -43.36
C LYS A 420 1.93 -12.68 -43.91
N ALA A 421 1.09 -11.97 -44.67
CA ALA A 421 1.45 -10.64 -45.16
C ALA A 421 1.66 -9.66 -44.01
N ALA A 422 0.82 -9.74 -42.97
CA ALA A 422 1.01 -8.87 -41.82
C ALA A 422 2.35 -9.12 -41.15
N THR A 423 2.73 -10.39 -40.98
CA THR A 423 4.03 -10.72 -40.39
C THR A 423 5.17 -10.15 -41.22
N LYS A 424 5.12 -10.36 -42.54
CA LYS A 424 6.22 -9.90 -43.39
C LYS A 424 6.32 -8.39 -43.40
N SER A 425 5.18 -7.69 -43.50
CA SER A 425 5.22 -6.23 -43.51
C SER A 425 5.63 -5.67 -42.16
N ALA A 426 5.24 -6.32 -41.06
CA ALA A 426 5.65 -5.86 -39.74
C ALA A 426 7.15 -5.98 -39.56
N VAL A 427 7.75 -7.08 -40.03
CA VAL A 427 9.19 -7.23 -39.87
C VAL A 427 9.92 -6.27 -40.78
N LEU A 428 9.48 -6.13 -42.04
CA LEU A 428 10.18 -5.26 -42.97
C LEU A 428 10.05 -3.79 -42.59
N MET A 429 8.89 -3.39 -42.07
CA MET A 429 8.66 -1.99 -41.75
C MET A 429 9.42 -1.58 -40.49
N ASN A 430 9.48 -2.47 -39.50
CA ASN A 430 10.18 -2.16 -38.26
C ASN A 430 11.68 -1.98 -38.49
N LEU A 431 12.21 -2.43 -39.62
CA LEU A 431 13.60 -2.19 -39.98
C LEU A 431 13.82 -0.86 -40.68
N GLU A 432 12.76 -0.08 -40.89
CA GLU A 432 12.94 1.28 -41.37
C GLU A 432 13.75 2.12 -40.40
N SER A 433 13.67 1.80 -39.11
CA SER A 433 14.26 2.64 -38.07
C SER A 433 15.72 2.26 -37.83
N ARG A 434 16.55 3.29 -37.67
CA ARG A 434 17.97 3.08 -37.40
C ARG A 434 18.18 2.44 -36.03
N MET A 435 17.40 2.88 -35.04
CA MET A 435 17.50 2.34 -33.69
C MET A 435 17.28 0.84 -33.69
N ILE A 436 16.19 0.41 -34.32
CA ILE A 436 15.83 -1.00 -34.34
C ILE A 436 16.88 -1.79 -35.09
N ALA A 437 17.42 -1.24 -36.18
CA ALA A 437 18.49 -1.90 -36.90
C ALA A 437 19.69 -2.19 -35.99
N ALA A 438 20.14 -1.17 -35.27
CA ALA A 438 21.28 -1.34 -34.37
C ALA A 438 20.97 -2.36 -33.28
N GLU A 439 19.78 -2.27 -32.68
CA GLU A 439 19.42 -3.17 -31.61
C GLU A 439 19.32 -4.61 -32.11
N ASP A 440 18.77 -4.80 -33.32
CA ASP A 440 18.69 -6.13 -33.89
C ASP A 440 20.08 -6.71 -34.14
N ILE A 441 20.99 -5.89 -34.67
CA ILE A 441 22.37 -6.35 -34.85
C ILE A 441 22.94 -6.82 -33.53
N GLY A 442 22.80 -6.00 -32.49
CA GLY A 442 23.37 -6.35 -31.19
C GLY A 442 22.76 -7.62 -30.61
N ARG A 443 21.43 -7.71 -30.62
CA ARG A 443 20.77 -8.87 -30.03
C ARG A 443 21.10 -10.15 -30.79
N GLN A 444 21.14 -10.08 -32.12
CA GLN A 444 21.38 -11.28 -32.90
C GLN A 444 22.84 -11.73 -32.80
N ILE A 445 23.77 -10.78 -32.72
CA ILE A 445 25.16 -11.18 -32.54
C ILE A 445 25.40 -11.71 -31.13
N LEU A 446 24.66 -11.19 -30.14
CA LEU A 446 24.73 -11.78 -28.81
C LEU A 446 24.19 -13.20 -28.82
N THR A 447 23.08 -13.45 -29.51
CA THR A 447 22.42 -14.75 -29.45
C THR A 447 23.02 -15.76 -30.42
N TYR A 448 23.16 -15.39 -31.70
CA TYR A 448 23.70 -16.28 -32.71
C TYR A 448 25.13 -15.95 -33.12
N GLY A 449 25.54 -14.69 -33.02
CA GLY A 449 26.84 -14.28 -33.49
C GLY A 449 26.97 -14.13 -34.99
N GLU A 450 25.85 -14.06 -35.72
CA GLU A 450 25.91 -14.11 -37.18
C GLU A 450 25.17 -12.96 -37.85
N ARG A 451 24.04 -12.53 -37.27
CA ARG A 451 23.09 -11.62 -37.92
C ARG A 451 22.52 -12.26 -39.19
N LYS A 452 21.71 -13.29 -38.97
CA LYS A 452 21.07 -13.99 -40.08
C LYS A 452 20.25 -13.01 -40.92
N PRO A 453 20.25 -13.17 -42.25
CA PRO A 453 19.48 -12.26 -43.10
C PRO A 453 17.98 -12.41 -42.90
N VAL A 454 17.27 -11.32 -43.18
CA VAL A 454 15.81 -11.30 -43.06
C VAL A 454 15.15 -12.20 -44.11
N ASP A 455 15.86 -12.48 -45.21
CA ASP A 455 15.28 -13.28 -46.29
C ASP A 455 14.93 -14.69 -45.83
N GLN A 456 15.75 -15.28 -44.96
CA GLN A 456 15.45 -16.60 -44.43
C GLN A 456 14.15 -16.59 -43.63
N PHE A 457 13.97 -15.57 -42.80
CA PHE A 457 12.71 -15.40 -42.08
C PHE A 457 11.54 -15.24 -43.05
N LEU A 458 11.73 -14.44 -44.10
CA LEU A 458 10.65 -14.25 -45.07
C LEU A 458 10.25 -15.56 -45.74
N LYS A 459 11.19 -16.45 -46.06
CA LYS A 459 10.80 -17.76 -46.67
C LYS A 459 10.02 -18.70 -45.72
N SER A 460 10.38 -18.75 -44.48
CA SER A 460 9.72 -19.54 -43.44
C SER A 460 8.30 -19.05 -43.29
N VAL A 461 8.11 -17.73 -43.30
CA VAL A 461 6.74 -17.16 -43.26
C VAL A 461 6.02 -17.69 -44.50
N ASP A 462 6.67 -17.69 -45.68
CA ASP A 462 5.95 -18.12 -46.90
C ASP A 462 6.14 -19.61 -47.21
N GLN A 463 6.11 -20.48 -46.21
CA GLN A 463 6.29 -21.92 -46.37
C GLN A 463 5.28 -22.44 -45.35
N LEU A 464 4.57 -21.53 -44.67
CA LEU A 464 3.53 -21.93 -43.69
C LEU A 464 2.19 -22.31 -44.35
N THR A 465 1.76 -23.53 -44.13
CA THR A 465 0.47 -24.05 -44.58
C THR A 465 -0.53 -24.06 -43.42
N LEU A 466 -1.78 -24.45 -43.66
CA LEU A 466 -2.74 -24.60 -42.58
C LEU A 466 -2.40 -25.78 -41.68
N LYS A 467 -1.83 -26.84 -42.25
CA LYS A 467 -1.47 -28.01 -41.47
C LYS A 467 -0.45 -27.66 -40.38
N ASP A 468 0.45 -26.77 -40.68
CA ASP A 468 1.45 -26.31 -39.69
C ASP A 468 0.70 -25.56 -38.60
N ILE A 469 -0.05 -24.53 -38.96
CA ILE A 469 -0.76 -23.73 -37.93
C ILE A 469 -1.50 -24.72 -37.03
N ALA A 470 -2.13 -25.73 -37.64
CA ALA A 470 -3.02 -26.61 -36.89
C ALA A 470 -2.23 -27.48 -35.90
N ASP A 471 -1.17 -28.15 -36.39
CA ASP A 471 -0.36 -28.98 -35.51
C ASP A 471 0.33 -28.15 -34.43
N PHE A 472 0.83 -26.93 -34.73
CA PHE A 472 1.55 -26.15 -33.69
C PHE A 472 0.51 -25.76 -32.63
N THR A 473 -0.63 -25.17 -33.02
CA THR A 473 -1.57 -24.78 -31.98
C THR A 473 -2.06 -25.98 -31.18
N SER A 474 -2.20 -27.14 -31.83
CA SER A 474 -2.58 -28.34 -31.09
C SER A 474 -1.51 -28.71 -30.07
N LYS A 475 -0.24 -28.61 -30.44
CA LYS A 475 0.84 -28.91 -29.51
C LYS A 475 0.90 -27.89 -28.37
N VAL A 476 0.70 -26.62 -28.68
CA VAL A 476 0.85 -25.57 -27.68
C VAL A 476 -0.20 -25.69 -26.57
N ILE A 477 -1.44 -26.01 -26.91
CA ILE A 477 -2.51 -26.05 -25.91
C ILE A 477 -2.72 -27.43 -25.32
N SER A 478 -1.90 -28.41 -25.70
CA SER A 478 -1.90 -29.73 -25.08
C SER A 478 -1.05 -29.78 -23.83
N LYS A 479 -0.37 -28.69 -23.50
CA LYS A 479 0.55 -28.57 -22.38
C LYS A 479 -0.06 -27.69 -21.30
N PRO A 480 0.53 -27.64 -20.10
CA PRO A 480 -0.09 -26.86 -19.02
C PRO A 480 -0.21 -25.39 -19.41
N LEU A 481 -1.31 -24.79 -18.99
CA LEU A 481 -1.56 -23.39 -19.26
C LEU A 481 -1.17 -22.53 -18.07
N THR A 482 -0.88 -21.27 -18.36
CA THR A 482 -0.60 -20.27 -17.33
C THR A 482 -1.75 -19.28 -17.34
N MET A 483 -2.51 -19.27 -16.26
CA MET A 483 -3.65 -18.38 -16.10
C MET A 483 -3.25 -17.21 -15.22
N GLY A 484 -3.65 -16.02 -15.61
CA GLY A 484 -3.44 -14.85 -14.77
C GLY A 484 -4.62 -13.90 -14.85
N SER A 485 -5.13 -13.47 -13.71
CA SER A 485 -6.23 -12.52 -13.65
C SER A 485 -5.89 -11.44 -12.62
N PHE A 486 -6.47 -10.26 -12.83
CA PHE A 486 -6.13 -9.09 -12.03
C PHE A 486 -7.34 -8.16 -11.99
N GLY A 487 -7.83 -7.87 -10.80
CA GLY A 487 -9.00 -7.05 -10.62
C GLY A 487 -9.99 -7.70 -9.67
N ASP A 488 -11.20 -7.95 -10.14
CA ASP A 488 -12.20 -8.71 -9.38
C ASP A 488 -12.14 -10.14 -9.89
N VAL A 489 -11.56 -11.02 -9.08
CA VAL A 489 -11.34 -12.41 -9.49
C VAL A 489 -12.38 -13.36 -8.89
N LEU A 490 -13.28 -12.87 -8.05
CA LEU A 490 -14.26 -13.74 -7.40
C LEU A 490 -15.14 -14.45 -8.42
N ALA A 491 -15.62 -13.72 -9.43
CA ALA A 491 -16.45 -14.34 -10.46
C ALA A 491 -15.62 -15.07 -11.50
N VAL A 492 -14.32 -14.80 -11.55
CA VAL A 492 -13.43 -15.46 -12.51
C VAL A 492 -13.33 -16.94 -12.15
N PRO A 493 -13.50 -17.84 -13.12
CA PRO A 493 -13.47 -19.28 -12.82
C PRO A 493 -12.14 -19.75 -12.26
N SER A 494 -12.08 -21.02 -11.86
CA SER A 494 -10.89 -21.58 -11.22
C SER A 494 -9.82 -21.88 -12.26
N TYR A 495 -8.66 -22.35 -11.81
CA TYR A 495 -7.64 -22.87 -12.72
C TYR A 495 -8.02 -24.19 -13.33
N ASP A 496 -8.62 -25.10 -12.55
CA ASP A 496 -8.97 -26.41 -13.06
C ASP A 496 -10.04 -26.34 -14.15
N THR A 497 -11.07 -25.50 -13.95
CA THR A 497 -12.14 -25.40 -14.93
C THR A 497 -11.62 -24.84 -16.26
N ILE A 498 -10.76 -23.83 -16.19
CA ILE A 498 -10.19 -23.27 -17.41
C ILE A 498 -9.25 -24.26 -18.07
N SER A 499 -8.49 -25.01 -17.26
CA SER A 499 -7.60 -26.02 -17.82
C SER A 499 -8.36 -27.14 -18.49
N SER A 500 -9.58 -27.44 -18.01
CA SER A 500 -10.39 -28.50 -18.60
C SER A 500 -11.00 -28.10 -19.93
N LYS A 501 -11.01 -26.81 -20.26
CA LYS A 501 -11.60 -26.37 -21.53
C LYS A 501 -10.76 -26.84 -22.71
N PHE A 502 -9.45 -26.87 -22.57
CA PHE A 502 -8.56 -27.30 -23.64
C PHE A 502 -8.36 -28.81 -23.61
N SER B 45 45.52 3.12 24.97
CA SER B 45 45.71 3.27 23.52
C SER B 45 44.39 3.33 22.77
N PRO B 46 44.30 4.26 21.82
CA PRO B 46 43.08 4.37 21.02
C PRO B 46 42.92 3.17 20.11
N PRO B 47 41.68 2.85 19.71
CA PRO B 47 41.49 1.73 18.80
C PRO B 47 42.07 2.04 17.44
N PRO B 48 42.48 1.02 16.69
CA PRO B 48 42.94 1.23 15.32
C PRO B 48 41.77 1.56 14.42
N PRO B 49 42.01 2.21 13.27
CA PRO B 49 40.88 2.74 12.50
C PRO B 49 40.16 1.71 11.65
N HIS B 50 39.91 0.52 12.21
CA HIS B 50 38.95 -0.40 11.64
C HIS B 50 38.20 -1.19 12.72
N LEU B 51 38.47 -0.91 14.00
CA LEU B 51 37.81 -1.64 15.08
C LEU B 51 36.37 -1.19 15.25
N MET B 52 36.16 0.09 15.56
CA MET B 52 34.81 0.60 15.72
C MET B 52 34.07 0.55 14.39
N PRO B 53 32.79 0.17 14.39
CA PRO B 53 32.05 0.08 13.12
C PRO B 53 32.00 1.39 12.34
N TYR B 54 31.85 2.52 13.03
CA TYR B 54 31.74 3.78 12.31
C TYR B 54 33.08 4.22 11.72
N ASP B 55 34.18 3.94 12.41
CA ASP B 55 35.49 4.24 11.85
C ASP B 55 35.76 3.43 10.59
N HIS B 56 35.36 2.16 10.58
CA HIS B 56 35.53 1.31 9.42
C HIS B 56 34.74 1.84 8.22
N ALA B 57 33.49 2.26 8.46
CA ALA B 57 32.69 2.83 7.39
C ALA B 57 33.31 4.13 6.87
N ALA B 58 33.84 4.95 7.78
CA ALA B 58 34.52 6.17 7.35
C ALA B 58 35.72 5.83 6.48
N GLU B 59 36.50 4.81 6.85
CA GLU B 59 37.64 4.41 6.03
C GLU B 59 37.20 3.97 4.64
N ILE B 60 36.11 3.20 4.57
CA ILE B 60 35.63 2.71 3.28
C ILE B 60 35.22 3.87 2.38
N ILE B 61 34.45 4.82 2.94
CA ILE B 61 33.98 5.93 2.11
C ILE B 61 35.16 6.81 1.69
N LYS B 62 36.14 6.99 2.58
CA LYS B 62 37.32 7.76 2.25
C LYS B 62 38.12 7.10 1.12
N ASN B 63 38.20 5.76 1.14
CA ASN B 63 38.91 5.06 0.09
C ASN B 63 38.20 5.19 -1.25
N LYS B 64 36.87 5.10 -1.24
CA LYS B 64 36.10 5.32 -2.47
C LYS B 64 36.34 6.73 -3.01
N ILE B 65 36.36 7.72 -2.12
CA ILE B 65 36.57 9.10 -2.57
C ILE B 65 37.97 9.27 -3.16
N LYS B 66 38.98 8.65 -2.53
CA LYS B 66 40.32 8.73 -3.09
C LYS B 66 40.37 8.05 -4.46
N LYS B 67 39.62 6.96 -4.62
CA LYS B 67 39.51 6.32 -5.92
C LYS B 67 38.98 7.29 -6.96
N LEU B 68 37.98 8.08 -6.59
CA LEU B 68 37.46 9.08 -7.52
C LEU B 68 38.43 10.25 -7.72
N GLU B 69 39.39 10.44 -6.81
CA GLU B 69 40.26 11.62 -6.91
C GLU B 69 41.22 11.52 -8.09
N ASN B 70 41.49 10.31 -8.60
CA ASN B 70 42.48 10.13 -9.67
C ASN B 70 41.83 9.56 -10.92
N PRO B 71 41.50 10.40 -11.90
CA PRO B 71 40.84 9.90 -13.11
C PRO B 71 41.82 9.28 -14.09
N ASP B 72 41.27 8.47 -14.99
CA ASP B 72 42.04 7.80 -16.04
C ASP B 72 41.86 8.54 -17.36
N LYS B 73 42.99 8.92 -17.97
CA LYS B 73 42.96 9.85 -19.10
C LYS B 73 42.64 9.18 -20.42
N ARG B 74 42.80 7.86 -20.57
CA ARG B 74 42.34 7.17 -21.79
C ARG B 74 40.83 7.43 -22.03
N PHE B 75 40.03 7.55 -20.98
CA PHE B 75 38.57 7.75 -21.14
C PHE B 75 38.22 9.25 -21.17
N LEU B 76 39.20 10.15 -21.07
CA LEU B 76 39.01 11.62 -21.07
C LEU B 76 39.63 12.27 -22.30
N LYS B 77 39.55 11.66 -23.48
CA LYS B 77 40.30 12.16 -24.63
C LYS B 77 39.44 12.97 -25.60
N TYR B 78 38.22 12.55 -25.88
CA TYR B 78 37.40 13.14 -26.93
C TYR B 78 36.23 13.97 -26.44
N ALA B 79 35.45 13.47 -25.53
CA ALA B 79 34.24 14.19 -25.14
C ALA B 79 34.55 15.46 -24.36
N SER B 80 33.82 16.50 -24.67
CA SER B 80 33.94 17.76 -23.97
C SER B 80 32.58 18.24 -23.50
N PRO B 81 32.48 18.78 -22.28
CA PRO B 81 31.22 19.38 -21.83
C PRO B 81 30.97 20.76 -22.37
N HIS B 82 31.90 21.36 -23.11
CA HIS B 82 31.73 22.68 -23.70
C HIS B 82 31.14 22.55 -25.10
N PRO B 83 30.02 23.23 -25.40
CA PRO B 83 29.42 23.11 -26.72
C PRO B 83 30.16 23.96 -27.76
N ILE B 84 30.41 23.35 -28.92
CA ILE B 84 31.08 24.00 -30.04
C ILE B 84 30.16 23.96 -31.25
N LEU B 85 30.00 25.10 -31.92
CA LEU B 85 29.30 25.12 -33.20
C LEU B 85 30.17 24.46 -34.27
N ALA B 86 29.64 23.40 -34.88
CA ALA B 86 30.38 22.60 -35.84
C ALA B 86 29.74 22.71 -37.22
N SER B 87 30.58 22.69 -38.25
CA SER B 87 30.13 22.69 -39.64
C SER B 87 30.49 21.35 -40.25
N HIS B 88 29.49 20.57 -40.62
CA HIS B 88 29.66 19.25 -41.18
C HIS B 88 28.77 19.06 -42.39
N ASN B 89 28.83 20.01 -43.33
CA ASN B 89 28.03 19.93 -44.55
C ASN B 89 28.40 18.74 -45.44
N HIS B 90 29.35 17.89 -45.09
CA HIS B 90 29.67 16.71 -45.90
C HIS B 90 28.71 15.57 -45.60
N ILE B 91 28.52 15.24 -44.31
CA ILE B 91 27.61 14.16 -43.94
C ILE B 91 26.16 14.54 -44.22
N LEU B 92 25.88 15.81 -44.45
CA LEU B 92 24.51 16.30 -44.63
C LEU B 92 23.91 15.91 -45.98
N SER B 93 24.61 15.10 -46.78
CA SER B 93 24.09 14.69 -48.07
C SER B 93 22.86 13.79 -47.89
N ALA B 94 21.91 13.95 -48.81
CA ALA B 94 20.65 13.22 -48.76
C ALA B 94 20.18 12.98 -50.18
N PRO B 95 19.32 11.98 -50.39
CA PRO B 95 18.76 11.79 -51.74
C PRO B 95 17.98 13.01 -52.18
N GLU B 96 17.95 13.22 -53.49
CA GLU B 96 17.25 14.36 -54.05
C GLU B 96 15.73 14.21 -53.88
N THR B 97 15.07 15.32 -53.56
CA THR B 97 13.62 15.36 -53.45
C THR B 97 13.06 16.00 -54.72
N ARG B 98 12.47 15.19 -55.58
CA ARG B 98 11.94 15.65 -56.85
C ARG B 98 10.53 16.18 -56.68
N VAL B 99 10.29 17.37 -57.21
CA VAL B 99 8.98 18.01 -57.13
C VAL B 99 8.51 18.30 -58.55
N THR B 100 7.38 17.73 -58.93
CA THR B 100 6.79 17.95 -60.24
C THR B 100 5.39 18.54 -60.07
N THR B 101 5.09 19.58 -60.83
CA THR B 101 3.78 20.21 -60.83
C THR B 101 3.02 19.77 -62.08
N LEU B 102 1.83 19.22 -61.87
CA LEU B 102 0.96 18.81 -62.95
C LEU B 102 0.33 20.05 -63.60
N PRO B 103 -0.25 19.91 -64.80
CA PRO B 103 -0.91 21.06 -65.43
C PRO B 103 -2.05 21.65 -64.61
N ASN B 104 -2.72 20.87 -63.77
CA ASN B 104 -3.81 21.39 -62.97
C ASN B 104 -3.35 21.97 -61.64
N GLY B 105 -2.04 22.04 -61.40
CA GLY B 105 -1.51 22.56 -60.16
C GLY B 105 -1.18 21.53 -59.12
N LEU B 106 -1.54 20.26 -59.34
CA LEU B 106 -1.17 19.20 -58.43
C LEU B 106 0.33 19.02 -58.37
N ARG B 107 0.87 18.79 -57.18
CA ARG B 107 2.30 18.61 -56.98
C ARG B 107 2.58 17.18 -56.53
N VAL B 108 3.59 16.57 -57.14
CA VAL B 108 4.05 15.23 -56.78
C VAL B 108 5.50 15.35 -56.34
N ALA B 109 5.78 14.89 -55.12
CA ALA B 109 7.11 15.01 -54.53
C ALA B 109 7.55 13.65 -54.04
N THR B 110 8.75 13.22 -54.45
CA THR B 110 9.26 11.91 -54.10
C THR B 110 10.67 12.01 -53.53
N GLU B 111 10.96 11.15 -52.57
CA GLU B 111 12.30 10.95 -52.03
C GLU B 111 12.65 9.48 -52.22
N SER B 112 13.54 9.19 -53.16
CA SER B 112 13.79 7.82 -53.59
C SER B 112 14.89 7.17 -52.77
N ASN B 113 14.59 6.00 -52.19
CA ASN B 113 15.57 5.12 -51.56
C ASN B 113 15.29 3.72 -52.11
N LEU B 114 15.87 3.41 -53.27
CA LEU B 114 15.57 2.16 -53.94
C LEU B 114 16.21 0.95 -53.26
N SER B 115 17.09 1.16 -52.28
CA SER B 115 17.53 0.07 -51.43
C SER B 115 16.48 -0.32 -50.41
N ALA B 116 15.54 0.56 -50.12
CA ALA B 116 14.48 0.25 -49.18
C ALA B 116 13.57 -0.83 -49.74
N LYS B 117 12.97 -1.61 -48.84
CA LYS B 117 11.99 -2.60 -49.21
C LYS B 117 10.56 -2.11 -49.07
N THR B 118 10.36 -0.93 -48.48
CA THR B 118 9.03 -0.40 -48.18
C THR B 118 8.91 1.00 -48.78
N ALA B 119 7.73 1.60 -48.61
CA ALA B 119 7.49 2.94 -49.08
C ALA B 119 6.32 3.53 -48.32
N THR B 120 6.25 4.85 -48.29
CA THR B 120 5.11 5.59 -47.76
C THR B 120 4.62 6.53 -48.84
N VAL B 121 3.36 6.41 -49.22
CA VAL B 121 2.74 7.26 -50.22
C VAL B 121 1.47 7.86 -49.62
N GLY B 122 1.24 9.14 -49.87
CA GLY B 122 0.08 9.76 -49.29
C GLY B 122 -0.25 11.09 -49.93
N VAL B 123 -1.33 11.69 -49.43
CA VAL B 123 -1.83 12.97 -49.90
C VAL B 123 -1.82 13.93 -48.71
N TRP B 124 -1.19 15.08 -48.89
CA TRP B 124 -1.22 16.15 -47.90
C TRP B 124 -2.01 17.31 -48.48
N ILE B 125 -3.05 17.73 -47.75
CA ILE B 125 -4.01 18.70 -48.25
C ILE B 125 -3.98 19.93 -47.36
N ASP B 126 -3.97 21.11 -47.99
CA ASP B 126 -4.07 22.39 -47.30
C ASP B 126 -5.52 22.62 -46.89
N ALA B 127 -5.97 21.87 -45.89
CA ALA B 127 -7.36 21.92 -45.47
C ALA B 127 -7.45 21.49 -44.01
N GLY B 128 -8.45 22.00 -43.31
CA GLY B 128 -8.64 21.66 -41.91
C GLY B 128 -9.77 22.47 -41.32
N SER B 129 -9.88 22.38 -39.99
CA SER B 129 -11.00 23.03 -39.30
C SER B 129 -10.95 24.54 -39.45
N ARG B 130 -9.76 25.10 -39.64
CA ARG B 130 -9.63 26.58 -39.74
C ARG B 130 -10.34 27.09 -41.00
N PHE B 131 -10.44 26.28 -42.06
CA PHE B 131 -11.01 26.75 -43.31
C PHE B 131 -12.48 26.42 -43.46
N GLU B 132 -13.10 25.82 -42.44
CA GLU B 132 -14.54 25.66 -42.40
C GLU B 132 -15.21 26.96 -41.96
N SER B 133 -16.51 26.91 -41.77
CA SER B 133 -17.27 28.00 -41.18
C SER B 133 -17.78 27.59 -39.82
N ASP B 134 -18.51 28.49 -39.16
CA ASP B 134 -19.05 28.16 -37.84
C ASP B 134 -20.09 27.05 -37.94
N GLU B 135 -20.94 27.07 -38.97
CA GLU B 135 -21.95 26.03 -39.11
C GLU B 135 -21.42 24.77 -39.77
N THR B 136 -20.30 24.85 -40.48
CA THR B 136 -19.66 23.68 -41.08
C THR B 136 -18.59 23.08 -40.17
N ASN B 137 -18.28 23.72 -39.04
CA ASN B 137 -17.23 23.27 -38.15
C ASN B 137 -17.45 21.83 -37.70
N GLY B 138 -16.41 21.01 -37.79
CA GLY B 138 -16.50 19.60 -37.51
C GLY B 138 -16.60 18.71 -38.73
N THR B 139 -16.83 19.30 -39.92
CA THR B 139 -17.03 18.51 -41.12
C THR B 139 -15.75 17.75 -41.52
N ALA B 140 -14.58 18.37 -41.37
CA ALA B 140 -13.34 17.72 -41.75
C ALA B 140 -13.08 16.46 -40.92
N HIS B 141 -13.33 16.53 -39.61
CA HIS B 141 -13.17 15.35 -38.77
C HIS B 141 -14.18 14.26 -39.13
N PHE B 142 -15.41 14.65 -39.44
CA PHE B 142 -16.40 13.67 -39.90
C PHE B 142 -15.94 13.00 -41.19
N LEU B 143 -15.37 13.77 -42.11
CA LEU B 143 -14.85 13.21 -43.35
C LEU B 143 -13.68 12.27 -43.07
N GLU B 144 -12.85 12.61 -42.09
CA GLU B 144 -11.77 11.71 -41.70
C GLU B 144 -12.32 10.37 -41.21
N HIS B 145 -13.42 10.42 -40.45
CA HIS B 145 -14.08 9.17 -40.05
C HIS B 145 -14.70 8.44 -41.24
N MET B 146 -15.25 9.16 -42.21
CA MET B 146 -16.04 8.57 -43.27
C MET B 146 -15.24 8.17 -44.51
N ILE B 147 -13.96 8.52 -44.59
CA ILE B 147 -13.24 8.37 -45.85
C ILE B 147 -12.89 6.92 -46.16
N PHE B 148 -12.74 6.08 -45.17
CA PHE B 148 -12.46 4.65 -45.35
C PHE B 148 -13.77 3.82 -45.25
N LYS B 149 -14.92 4.38 -45.61
CA LYS B 149 -16.20 3.72 -45.47
C LYS B 149 -16.76 3.19 -46.79
N GLY B 150 -15.94 3.14 -47.85
CA GLY B 150 -16.37 2.50 -49.07
C GLY B 150 -16.59 3.41 -50.26
N THR B 151 -16.35 2.87 -51.45
CA THR B 151 -16.53 3.62 -52.69
C THR B 151 -17.41 2.83 -53.65
N ASP B 152 -17.56 3.34 -54.88
CA ASP B 152 -18.37 2.64 -55.87
C ASP B 152 -17.78 1.27 -56.19
N ARG B 153 -16.46 1.20 -56.37
CA ARG B 153 -15.82 -0.08 -56.65
C ARG B 153 -15.67 -0.92 -55.38
N ARG B 154 -15.35 -0.30 -54.29
CA ARG B 154 -15.01 -1.05 -53.09
C ARG B 154 -16.04 -0.85 -51.98
N THR B 155 -16.35 -1.88 -51.25
CA THR B 155 -17.21 -1.76 -50.05
C THR B 155 -16.27 -1.69 -48.84
N VAL B 156 -16.74 -1.30 -47.68
CA VAL B 156 -15.89 -1.30 -46.44
C VAL B 156 -15.02 -2.57 -46.34
N ARG B 157 -15.58 -3.76 -46.50
CA ARG B 157 -14.84 -5.05 -46.35
C ARG B 157 -13.87 -5.26 -47.48
N ALA B 158 -14.29 -4.95 -48.71
CA ALA B 158 -13.32 -5.01 -49.81
C ALA B 158 -12.11 -4.15 -49.48
N LEU B 159 -12.31 -2.86 -49.18
CA LEU B 159 -11.20 -1.92 -48.86
C LEU B 159 -10.30 -2.46 -47.73
N GLU B 160 -10.84 -2.88 -46.63
CA GLU B 160 -10.02 -3.46 -45.54
C GLU B 160 -9.30 -4.75 -45.98
N GLU B 161 -9.99 -5.64 -46.63
CA GLU B 161 -9.40 -6.90 -47.18
C GLU B 161 -8.32 -6.58 -48.21
N GLU B 162 -8.52 -5.70 -49.18
CA GLU B 162 -7.44 -5.31 -50.11
C GLU B 162 -6.18 -4.83 -49.38
N ILE B 163 -6.39 -4.06 -48.32
CA ILE B 163 -5.23 -3.41 -47.68
C ILE B 163 -4.52 -4.45 -46.83
N GLU B 164 -5.29 -5.02 -45.97
CA GLU B 164 -4.56 -5.91 -45.07
C GLU B 164 -4.21 -7.26 -45.71
N ASP B 165 -4.59 -7.46 -46.97
CA ASP B 165 -4.09 -8.60 -47.74
C ASP B 165 -2.66 -8.42 -48.20
N ILE B 166 -2.25 -7.17 -48.44
CA ILE B 166 -0.86 -6.85 -48.76
C ILE B 166 -0.06 -6.46 -47.53
N GLY B 167 -0.68 -6.50 -46.35
CA GLY B 167 -0.01 -6.08 -45.14
C GLY B 167 0.16 -4.58 -45.00
N GLY B 168 -0.66 -3.79 -45.69
CA GLY B 168 -0.53 -2.35 -45.64
C GLY B 168 -1.18 -1.72 -44.43
N HIS B 169 -0.98 -0.40 -44.31
CA HIS B 169 -1.61 0.40 -43.28
C HIS B 169 -2.16 1.67 -43.91
N LEU B 170 -3.29 2.12 -43.43
CA LEU B 170 -3.96 3.30 -43.98
C LEU B 170 -4.13 4.25 -42.79
N ASN B 171 -3.72 5.49 -42.93
CA ASN B 171 -3.72 6.47 -41.86
C ASN B 171 -4.41 7.74 -42.32
N ALA B 172 -5.22 8.32 -41.44
CA ALA B 172 -5.90 9.58 -41.70
C ALA B 172 -5.74 10.48 -40.48
N TYR B 173 -5.27 11.70 -40.70
CA TYR B 173 -5.10 12.66 -39.63
C TYR B 173 -5.51 14.03 -40.13
N THR B 174 -6.30 14.74 -39.34
CA THR B 174 -6.72 16.10 -39.66
C THR B 174 -6.40 17.03 -38.50
N SER B 175 -5.91 18.21 -38.82
CA SER B 175 -5.59 19.24 -37.84
C SER B 175 -6.28 20.54 -38.26
N ARG B 176 -5.91 21.64 -37.60
CA ARG B 176 -6.54 22.91 -37.87
C ARG B 176 -6.27 23.41 -39.29
N GLU B 177 -5.04 23.24 -39.77
CA GLU B 177 -4.67 23.76 -41.08
C GLU B 177 -4.21 22.70 -42.06
N GLN B 178 -4.03 21.45 -41.64
CA GLN B 178 -3.48 20.41 -42.51
C GLN B 178 -4.28 19.13 -42.37
N THR B 179 -4.45 18.43 -43.49
CA THR B 179 -5.09 17.12 -43.54
C THR B 179 -4.22 16.18 -44.37
N THR B 180 -4.06 14.95 -43.89
CA THR B 180 -3.23 13.98 -44.60
C THR B 180 -3.86 12.59 -44.56
N TYR B 181 -3.82 11.91 -45.71
CA TYR B 181 -4.13 10.49 -45.82
C TYR B 181 -2.95 9.80 -46.48
N TYR B 182 -2.43 8.76 -45.85
CA TYR B 182 -1.26 8.09 -46.41
C TYR B 182 -1.29 6.60 -46.11
N ALA B 183 -0.55 5.86 -46.92
CA ALA B 183 -0.46 4.40 -46.83
C ALA B 183 1.00 3.99 -46.67
N LYS B 184 1.25 3.07 -45.74
CA LYS B 184 2.56 2.42 -45.61
C LYS B 184 2.43 1.02 -46.20
N VAL B 185 3.11 0.78 -47.32
CA VAL B 185 3.01 -0.48 -48.04
C VAL B 185 4.41 -0.94 -48.45
N LEU B 186 4.47 -2.19 -48.89
CA LEU B 186 5.69 -2.72 -49.50
C LEU B 186 5.92 -2.08 -50.86
N ASP B 187 7.18 -2.14 -51.31
CA ASP B 187 7.59 -1.46 -52.53
C ASP B 187 6.74 -1.86 -53.73
N SER B 188 6.29 -3.11 -53.76
CA SER B 188 5.49 -3.60 -54.88
C SER B 188 4.16 -2.87 -55.01
N ASN B 189 3.53 -2.56 -53.88
CA ASN B 189 2.15 -2.10 -53.86
C ASN B 189 2.02 -0.57 -53.88
N VAL B 190 3.00 0.15 -54.41
CA VAL B 190 2.89 1.60 -54.51
C VAL B 190 1.72 2.00 -55.41
N ASN B 191 1.62 1.35 -56.57
CA ASN B 191 0.54 1.67 -57.50
C ASN B 191 -0.82 1.34 -56.91
N GLN B 192 -0.91 0.21 -56.20
CA GLN B 192 -2.16 -0.17 -55.56
C GLN B 192 -2.56 0.83 -54.48
N ALA B 193 -1.59 1.28 -53.67
CA ALA B 193 -1.90 2.27 -52.64
C ALA B 193 -2.33 3.59 -53.25
N LEU B 194 -1.68 4.01 -54.33
CA LEU B 194 -2.08 5.25 -55.00
C LEU B 194 -3.49 5.12 -55.56
N ASP B 195 -3.82 3.97 -56.13
CA ASP B 195 -5.17 3.72 -56.62
C ASP B 195 -6.18 3.80 -55.48
N VAL B 196 -5.88 3.19 -54.35
CA VAL B 196 -6.73 3.20 -53.13
C VAL B 196 -6.95 4.64 -52.66
N LEU B 197 -5.91 5.44 -52.61
CA LEU B 197 -6.04 6.83 -52.14
C LEU B 197 -6.85 7.66 -53.12
N ALA B 198 -6.57 7.53 -54.42
CA ALA B 198 -7.32 8.30 -55.41
C ALA B 198 -8.79 7.92 -55.39
N ASP B 199 -9.09 6.63 -55.25
CA ASP B 199 -10.48 6.19 -55.20
C ASP B 199 -11.19 6.76 -53.98
N ILE B 200 -10.57 6.69 -52.81
CA ILE B 200 -11.26 7.16 -51.60
C ILE B 200 -11.43 8.68 -51.63
N LEU B 201 -10.49 9.40 -52.25
CA LEU B 201 -10.63 10.84 -52.31
C LEU B 201 -11.65 11.28 -53.36
N GLN B 202 -11.80 10.54 -54.45
CA GLN B 202 -12.61 10.99 -55.57
C GLN B 202 -13.97 10.32 -55.69
N ASN B 203 -14.16 9.12 -55.13
CA ASN B 203 -15.34 8.32 -55.43
C ASN B 203 -16.00 7.76 -54.18
N SER B 204 -15.89 8.46 -53.06
CA SER B 204 -16.51 7.97 -51.83
C SER B 204 -18.03 8.04 -51.92
N LYS B 205 -18.68 7.03 -51.35
CA LYS B 205 -20.13 6.90 -51.44
C LYS B 205 -20.88 7.72 -50.39
N PHE B 206 -20.44 7.64 -49.13
CA PHE B 206 -21.11 8.27 -47.99
C PHE B 206 -22.56 7.80 -47.86
N GLU B 207 -22.69 6.51 -47.55
CA GLU B 207 -24.02 5.95 -47.32
C GLU B 207 -24.68 6.60 -46.11
N GLU B 208 -26.01 6.73 -46.17
CA GLU B 208 -26.74 7.42 -45.12
C GLU B 208 -26.71 6.62 -43.81
N GLN B 209 -26.78 5.30 -43.90
CA GLN B 209 -26.69 4.48 -42.69
C GLN B 209 -25.28 4.54 -42.10
N ARG B 210 -24.26 4.55 -42.97
CA ARG B 210 -22.90 4.72 -42.49
C ARG B 210 -22.72 6.09 -41.84
N ILE B 211 -23.30 7.12 -42.44
CA ILE B 211 -23.23 8.46 -41.88
C ILE B 211 -23.90 8.48 -40.51
N ASN B 212 -25.06 7.83 -40.38
CA ASN B 212 -25.76 7.82 -39.09
C ASN B 212 -24.97 7.06 -38.02
N ARG B 213 -24.35 5.94 -38.40
CA ARG B 213 -23.53 5.20 -37.44
C ARG B 213 -22.32 6.02 -36.99
N GLU B 214 -21.62 6.66 -37.93
CA GLU B 214 -20.48 7.49 -37.57
C GLU B 214 -20.93 8.71 -36.77
N ARG B 215 -22.15 9.18 -36.99
CA ARG B 215 -22.68 10.29 -36.21
C ARG B 215 -22.71 9.96 -34.73
N ASP B 216 -23.19 8.76 -34.38
CA ASP B 216 -23.20 8.34 -32.99
C ASP B 216 -21.82 7.99 -32.46
N VAL B 217 -20.94 7.43 -33.29
CA VAL B 217 -19.56 7.24 -32.85
C VAL B 217 -18.93 8.58 -32.44
N ILE B 218 -19.09 9.60 -33.28
CA ILE B 218 -18.49 10.90 -32.99
C ILE B 218 -19.18 11.58 -31.82
N LEU B 219 -20.51 11.41 -31.70
CA LEU B 219 -21.21 11.98 -30.56
C LEU B 219 -20.72 11.36 -29.25
N ARG B 220 -20.50 10.05 -29.22
CA ARG B 220 -19.93 9.43 -28.03
C ARG B 220 -18.50 9.91 -27.79
N GLU B 221 -17.74 10.13 -28.86
CA GLU B 221 -16.39 10.66 -28.72
C GLU B 221 -16.41 12.04 -28.06
N MET B 222 -17.36 12.89 -28.46
CA MET B 222 -17.52 14.19 -27.82
C MET B 222 -17.98 14.04 -26.38
N GLN B 223 -18.86 13.07 -26.10
CA GLN B 223 -19.30 12.85 -24.72
C GLN B 223 -18.21 12.24 -23.85
N GLU B 224 -17.13 11.74 -24.45
CA GLU B 224 -16.05 11.11 -23.72
C GLU B 224 -14.74 11.88 -23.88
N VAL B 225 -14.83 13.21 -23.79
CA VAL B 225 -13.63 14.06 -23.92
C VAL B 225 -13.02 14.14 -22.53
N GLU B 226 -12.22 13.12 -22.21
CA GLU B 226 -11.55 12.99 -20.92
C GLU B 226 -10.41 12.00 -21.09
N GLY B 227 -9.60 11.86 -20.04
CA GLY B 227 -8.46 10.97 -20.07
C GLY B 227 -7.27 11.47 -20.86
N GLN B 228 -7.47 12.38 -21.81
CA GLN B 228 -6.38 13.03 -22.54
C GLN B 228 -6.44 14.50 -22.20
N THR B 229 -5.84 14.87 -21.07
CA THR B 229 -5.98 16.21 -20.53
C THR B 229 -5.04 17.19 -21.22
N ASP B 230 -3.88 16.71 -21.69
CA ASP B 230 -3.00 17.55 -22.51
C ASP B 230 -3.73 18.12 -23.70
N GLU B 231 -4.42 17.26 -24.44
CA GLU B 231 -5.16 17.67 -25.62
C GLU B 231 -6.30 18.63 -25.24
N VAL B 232 -6.96 18.38 -24.11
CA VAL B 232 -8.01 19.27 -23.63
C VAL B 232 -7.44 20.65 -23.27
N VAL B 233 -6.31 20.66 -22.56
CA VAL B 233 -5.70 21.92 -22.16
C VAL B 233 -5.31 22.73 -23.39
N LEU B 234 -4.72 22.08 -24.39
CA LEU B 234 -4.34 22.79 -25.60
C LEU B 234 -5.57 23.27 -26.39
N ASP B 235 -6.65 22.49 -26.41
CA ASP B 235 -7.86 22.95 -27.07
C ASP B 235 -8.41 24.22 -26.41
N HIS B 236 -8.47 24.23 -25.09
CA HIS B 236 -8.96 25.43 -24.41
C HIS B 236 -8.00 26.60 -24.59
N LEU B 237 -6.70 26.33 -24.65
CA LEU B 237 -5.73 27.39 -24.91
C LEU B 237 -5.96 28.00 -26.29
N HIS B 238 -6.19 27.17 -27.31
CA HIS B 238 -6.51 27.69 -28.63
C HIS B 238 -7.81 28.47 -28.63
N ALA B 239 -8.82 27.95 -27.93
CA ALA B 239 -10.13 28.60 -27.92
C ALA B 239 -10.06 30.00 -27.31
N THR B 240 -9.33 30.15 -26.20
CA THR B 240 -9.27 31.46 -25.57
C THR B 240 -8.25 32.38 -26.23
N ALA B 241 -7.12 31.83 -26.70
CA ALA B 241 -6.10 32.69 -27.30
C ALA B 241 -6.56 33.22 -28.65
N PHE B 242 -7.09 32.35 -29.50
CA PHE B 242 -7.63 32.76 -30.79
C PHE B 242 -9.16 32.90 -30.73
N GLN B 243 -9.62 33.70 -29.79
CA GLN B 243 -11.04 34.03 -29.69
C GLN B 243 -11.54 34.67 -30.97
N TYR B 244 -12.74 34.26 -31.40
CA TYR B 244 -13.46 34.92 -32.49
C TYR B 244 -12.67 34.90 -33.79
N THR B 245 -11.84 33.90 -33.97
CA THR B 245 -11.10 33.65 -35.21
C THR B 245 -11.28 32.20 -35.58
N PRO B 246 -11.10 31.86 -36.87
CA PRO B 246 -11.24 30.45 -37.27
C PRO B 246 -10.25 29.51 -36.60
N LEU B 247 -9.11 30.03 -36.14
CA LEU B 247 -8.11 29.21 -35.48
C LEU B 247 -8.52 28.76 -34.10
N GLY B 248 -9.52 29.41 -33.49
CA GLY B 248 -9.94 29.05 -32.16
C GLY B 248 -10.89 27.88 -32.07
N ARG B 249 -11.47 27.45 -33.19
CA ARG B 249 -12.41 26.35 -33.18
C ARG B 249 -11.70 25.01 -33.00
N THR B 250 -12.37 24.07 -32.34
CA THR B 250 -11.84 22.73 -32.20
C THR B 250 -11.97 21.96 -33.51
N ILE B 251 -11.16 20.92 -33.65
CA ILE B 251 -11.27 20.03 -34.79
C ILE B 251 -12.59 19.26 -34.73
N LEU B 252 -13.02 18.85 -33.54
CA LEU B 252 -14.21 18.04 -33.39
C LEU B 252 -15.48 18.80 -33.77
N GLY B 253 -15.59 20.06 -33.36
CA GLY B 253 -16.77 20.86 -33.62
C GLY B 253 -17.86 20.67 -32.58
N PRO B 254 -18.95 21.41 -32.73
CA PRO B 254 -20.08 21.29 -31.80
C PRO B 254 -20.98 20.08 -32.12
N ALA B 255 -21.69 19.64 -31.09
CA ALA B 255 -22.53 18.44 -31.23
C ALA B 255 -23.68 18.67 -32.22
N GLN B 256 -24.21 19.89 -32.26
CA GLN B 256 -25.30 20.15 -33.20
C GLN B 256 -24.85 20.03 -34.65
N ASN B 257 -23.59 20.40 -34.93
CA ASN B 257 -23.07 20.27 -36.29
C ASN B 257 -22.96 18.82 -36.71
N VAL B 258 -22.44 17.95 -35.84
CA VAL B 258 -22.33 16.55 -36.19
C VAL B 258 -23.70 15.91 -36.29
N LYS B 259 -24.65 16.33 -35.45
CA LYS B 259 -26.02 15.87 -35.59
C LYS B 259 -26.62 16.28 -36.93
N SER B 260 -26.23 17.44 -37.45
CA SER B 260 -26.81 17.94 -38.69
C SER B 260 -26.09 17.47 -39.96
N ILE B 261 -25.07 16.62 -39.83
CA ILE B 261 -24.23 16.27 -40.98
C ILE B 261 -24.97 15.32 -41.90
N THR B 262 -24.98 15.63 -43.20
CA THR B 262 -25.60 14.81 -44.23
C THR B 262 -24.60 14.56 -45.35
N ARG B 263 -25.04 13.77 -46.34
CA ARG B 263 -24.19 13.43 -47.48
C ARG B 263 -23.74 14.68 -48.24
N GLU B 264 -24.69 15.56 -48.56
CA GLU B 264 -24.35 16.72 -49.38
C GLU B 264 -23.38 17.64 -48.67
N ASP B 265 -23.41 17.66 -47.33
CA ASP B 265 -22.42 18.41 -46.57
C ASP B 265 -21.01 17.93 -46.87
N LEU B 266 -20.78 16.61 -46.77
CA LEU B 266 -19.45 16.06 -47.03
C LEU B 266 -19.04 16.25 -48.48
N GLN B 267 -19.96 16.03 -49.42
CA GLN B 267 -19.63 16.22 -50.81
C GLN B 267 -19.26 17.67 -51.11
N ASN B 268 -20.00 18.61 -50.52
CA ASN B 268 -19.69 20.03 -50.69
C ASN B 268 -18.34 20.37 -50.07
N TYR B 269 -18.01 19.76 -48.93
CA TYR B 269 -16.71 20.01 -48.32
C TYR B 269 -15.58 19.55 -49.25
N ILE B 270 -15.70 18.33 -49.79
CA ILE B 270 -14.66 17.83 -50.70
C ILE B 270 -14.55 18.71 -51.93
N LYS B 271 -15.70 19.12 -52.49
CA LYS B 271 -15.70 19.98 -53.66
C LYS B 271 -15.03 21.31 -53.35
N THR B 272 -15.28 21.87 -52.17
CA THR B 272 -14.76 23.20 -51.87
C THR B 272 -13.27 23.17 -51.58
N HIS B 273 -12.79 22.16 -50.86
CA HIS B 273 -11.44 22.24 -50.32
C HIS B 273 -10.43 21.30 -50.95
N TYR B 274 -10.83 20.12 -51.42
CA TYR B 274 -9.88 19.13 -51.94
C TYR B 274 -9.62 19.42 -53.42
N THR B 275 -8.88 20.50 -53.66
CA THR B 275 -8.57 20.96 -55.00
C THR B 275 -7.11 20.70 -55.33
N ALA B 276 -6.81 20.71 -56.63
CA ALA B 276 -5.49 20.28 -57.10
C ALA B 276 -4.38 21.18 -56.56
N SER B 277 -4.58 22.50 -56.56
CA SER B 277 -3.55 23.42 -56.08
C SER B 277 -3.37 23.38 -54.57
N ARG B 278 -4.25 22.72 -53.84
CA ARG B 278 -4.14 22.61 -52.39
C ARG B 278 -3.65 21.24 -51.93
N MET B 279 -3.28 20.36 -52.85
CA MET B 279 -2.96 18.98 -52.54
C MET B 279 -1.54 18.65 -52.99
N VAL B 280 -0.84 17.91 -52.14
CA VAL B 280 0.50 17.43 -52.45
C VAL B 280 0.51 15.92 -52.27
N ILE B 281 0.98 15.21 -53.30
CA ILE B 281 1.18 13.77 -53.21
C ILE B 281 2.66 13.54 -52.94
N ALA B 282 2.96 12.92 -51.80
CA ALA B 282 4.33 12.73 -51.34
C ALA B 282 4.60 11.24 -51.17
N ALA B 283 5.77 10.81 -51.65
CA ALA B 283 6.19 9.43 -51.55
C ALA B 283 7.65 9.38 -51.10
N ALA B 284 7.96 8.44 -50.21
CA ALA B 284 9.32 8.23 -49.76
C ALA B 284 9.59 6.73 -49.70
N GLY B 285 10.87 6.37 -49.85
CA GLY B 285 11.26 4.98 -49.82
C GLY B 285 11.57 4.42 -51.19
N ALA B 286 11.13 3.19 -51.45
CA ALA B 286 11.41 2.52 -52.71
C ALA B 286 10.36 2.95 -53.73
N VAL B 287 10.55 4.14 -54.28
CA VAL B 287 9.65 4.72 -55.27
C VAL B 287 10.48 5.45 -56.31
N LYS B 288 10.06 5.37 -57.56
CA LYS B 288 10.67 6.15 -58.63
C LYS B 288 9.75 7.32 -58.96
N HIS B 289 10.33 8.51 -59.10
CA HIS B 289 9.54 9.71 -59.34
C HIS B 289 8.64 9.56 -60.56
N GLU B 290 9.17 8.99 -61.64
CA GLU B 290 8.45 8.94 -62.91
C GLU B 290 7.21 8.04 -62.84
N GLU B 291 7.34 6.86 -62.23
CA GLU B 291 6.19 5.98 -62.10
C GLU B 291 5.10 6.62 -61.25
N VAL B 292 5.48 7.26 -60.15
CA VAL B 292 4.51 7.92 -59.30
C VAL B 292 3.80 9.05 -60.05
N VAL B 293 4.56 9.83 -60.81
CA VAL B 293 3.97 10.92 -61.58
C VAL B 293 2.98 10.38 -62.61
N GLU B 294 3.33 9.29 -63.30
CA GLU B 294 2.42 8.72 -64.28
C GLU B 294 1.15 8.19 -63.62
N GLN B 295 1.29 7.49 -62.50
CA GLN B 295 0.11 6.99 -61.80
C GLN B 295 -0.78 8.12 -61.32
N VAL B 296 -0.19 9.17 -60.78
CA VAL B 296 -0.98 10.32 -60.31
C VAL B 296 -1.71 10.97 -61.47
N LYS B 297 -1.02 11.13 -62.61
CA LYS B 297 -1.66 11.67 -63.80
C LYS B 297 -2.82 10.80 -64.27
N LYS B 298 -2.70 9.48 -64.12
CA LYS B 298 -3.79 8.58 -64.49
C LYS B 298 -4.98 8.63 -63.54
N LEU B 299 -4.73 8.68 -62.23
CA LEU B 299 -5.80 8.45 -61.26
C LEU B 299 -6.49 9.72 -60.77
N PHE B 300 -5.77 10.84 -60.63
CA PHE B 300 -6.34 12.01 -59.99
C PHE B 300 -6.92 12.97 -61.03
N THR B 301 -7.96 12.52 -61.72
CA THR B 301 -8.53 13.26 -62.84
C THR B 301 -9.78 14.04 -62.50
N LYS B 302 -10.68 13.49 -61.68
CA LYS B 302 -11.92 14.18 -61.35
C LYS B 302 -11.82 14.92 -60.03
N LEU B 303 -10.93 15.91 -59.95
CA LEU B 303 -10.84 16.76 -58.78
C LEU B 303 -11.83 17.92 -58.93
N SER B 304 -11.75 18.89 -58.02
CA SER B 304 -12.77 19.92 -57.94
C SER B 304 -12.47 21.13 -58.81
N SER B 305 -11.23 21.62 -58.77
CA SER B 305 -10.79 22.83 -59.46
C SER B 305 -11.51 24.07 -58.98
N ASP B 306 -12.02 24.08 -57.76
CA ASP B 306 -12.61 25.29 -57.20
C ASP B 306 -11.55 26.38 -57.11
N PRO B 307 -11.90 27.64 -57.41
CA PRO B 307 -10.91 28.72 -57.39
C PRO B 307 -10.50 29.18 -56.00
N THR B 308 -11.16 28.69 -54.95
CA THR B 308 -10.83 29.08 -53.58
C THR B 308 -9.37 28.75 -53.27
N THR B 309 -8.65 29.76 -52.77
CA THR B 309 -7.21 29.67 -52.54
C THR B 309 -6.89 30.02 -51.10
N THR B 310 -5.93 29.29 -50.51
CA THR B 310 -5.73 29.34 -49.07
C THR B 310 -5.23 30.70 -48.60
N SER B 311 -4.42 31.39 -49.41
CA SER B 311 -3.91 32.69 -49.00
C SER B 311 -5.04 33.70 -48.83
N GLN B 312 -5.98 33.72 -49.79
CA GLN B 312 -7.15 34.59 -49.65
C GLN B 312 -8.01 34.21 -48.46
N LEU B 313 -8.19 32.90 -48.22
CA LEU B 313 -8.98 32.48 -47.07
C LEU B 313 -8.36 32.99 -45.76
N VAL B 314 -7.04 32.89 -45.63
CA VAL B 314 -6.38 33.40 -44.45
C VAL B 314 -6.49 34.92 -44.39
N ALA B 315 -6.45 35.59 -45.54
CA ALA B 315 -6.47 37.06 -45.55
C ALA B 315 -7.81 37.61 -45.08
N ASN B 316 -8.92 37.07 -45.58
CA ASN B 316 -10.22 37.64 -45.22
C ASN B 316 -10.71 37.19 -43.86
N GLU B 317 -10.15 36.12 -43.30
CA GLU B 317 -10.51 35.64 -41.96
C GLU B 317 -9.24 35.42 -41.16
N PRO B 318 -8.56 36.51 -40.77
CA PRO B 318 -7.27 36.38 -40.11
C PRO B 318 -7.38 35.94 -38.66
N ALA B 319 -6.27 35.43 -38.14
CA ALA B 319 -6.21 34.97 -36.76
C ALA B 319 -5.41 35.97 -35.94
N SER B 320 -5.95 36.36 -34.79
CA SER B 320 -5.32 37.30 -33.89
C SER B 320 -5.31 36.74 -32.49
N PHE B 321 -4.42 37.24 -31.66
CA PHE B 321 -4.21 36.77 -30.29
C PHE B 321 -4.95 37.69 -29.33
N THR B 322 -5.61 37.10 -28.40
CA THR B 322 -6.31 37.83 -27.35
C THR B 322 -5.78 37.34 -26.01
N GLY B 323 -5.04 38.21 -25.30
CA GLY B 323 -4.62 37.93 -23.92
C GLY B 323 -5.80 37.58 -23.02
N SER B 324 -5.80 36.45 -22.39
CA SER B 324 -7.04 35.88 -21.77
C SER B 324 -6.72 34.60 -21.04
N GLU B 325 -7.66 34.06 -20.30
CA GLU B 325 -7.41 32.78 -19.64
C GLU B 325 -8.72 32.06 -19.37
N VAL B 326 -8.62 30.73 -19.31
CA VAL B 326 -9.71 29.87 -18.88
C VAL B 326 -9.18 28.97 -17.77
N ARG B 327 -9.84 28.99 -16.62
CA ARG B 327 -9.43 28.20 -15.46
C ARG B 327 -10.54 27.19 -15.15
N MET B 328 -10.25 25.91 -15.37
CA MET B 328 -11.20 24.84 -15.09
C MET B 328 -10.84 24.24 -13.73
N ILE B 329 -11.46 24.76 -12.69
CA ILE B 329 -11.14 24.36 -11.33
C ILE B 329 -11.86 23.06 -11.02
N ASP B 330 -11.10 22.01 -10.72
CA ASP B 330 -11.63 20.70 -10.34
C ASP B 330 -10.71 20.12 -9.28
N ASP B 331 -11.14 20.18 -8.03
CA ASP B 331 -10.31 19.79 -6.89
C ASP B 331 -10.36 18.29 -6.60
N ASP B 332 -10.97 17.49 -7.45
CA ASP B 332 -10.91 16.01 -7.33
C ASP B 332 -9.81 15.43 -8.21
N LEU B 333 -9.32 16.14 -9.23
CA LEU B 333 -8.19 15.66 -10.02
C LEU B 333 -6.91 15.68 -9.19
N PRO B 334 -6.10 14.63 -9.26
CA PRO B 334 -4.88 14.59 -8.43
C PRO B 334 -3.79 15.54 -8.89
N LEU B 335 -3.71 15.85 -10.18
CA LEU B 335 -2.65 16.70 -10.70
C LEU B 335 -3.25 17.88 -11.45
N ALA B 336 -2.55 19.01 -11.37
CA ALA B 336 -2.90 20.19 -12.14
C ALA B 336 -2.11 20.21 -13.44
N GLN B 337 -2.78 20.63 -14.52
CA GLN B 337 -2.10 20.83 -15.79
C GLN B 337 -2.48 22.20 -16.33
N PHE B 338 -1.48 22.98 -16.74
CA PHE B 338 -1.74 24.28 -17.31
C PHE B 338 -0.73 24.56 -18.41
N ALA B 339 -1.10 25.51 -19.27
CA ALA B 339 -0.22 26.03 -20.31
C ALA B 339 -0.30 27.54 -20.29
N VAL B 340 0.85 28.12 -20.43
CA VAL B 340 1.01 29.55 -20.56
C VAL B 340 1.62 29.75 -21.96
N ALA B 341 1.11 30.67 -22.71
CA ALA B 341 1.56 30.96 -24.08
C ALA B 341 1.54 32.43 -24.46
N PHE B 342 2.48 32.77 -25.30
CA PHE B 342 2.56 34.07 -25.94
C PHE B 342 2.15 33.87 -27.38
N GLU B 343 1.83 34.95 -28.03
CA GLU B 343 1.63 34.90 -29.48
C GLU B 343 2.97 34.64 -30.16
N GLY B 344 3.00 33.60 -30.99
CA GLY B 344 4.21 33.15 -31.65
C GLY B 344 4.36 33.69 -33.05
N ALA B 345 4.93 32.88 -33.93
CA ALA B 345 5.25 33.29 -35.29
C ALA B 345 4.66 32.31 -36.29
N SER B 346 4.42 32.81 -37.50
CA SER B 346 3.94 31.97 -38.58
C SER B 346 5.08 31.11 -39.13
N TRP B 347 4.71 30.20 -40.04
CA TRP B 347 5.67 29.26 -40.62
C TRP B 347 6.79 29.99 -41.35
N THR B 348 6.45 31.00 -42.15
CA THR B 348 7.41 31.63 -43.03
C THR B 348 8.15 32.80 -42.39
N ASP B 349 7.76 33.21 -41.19
CA ASP B 349 8.47 34.29 -40.50
C ASP B 349 9.89 33.84 -40.19
N PRO B 350 10.90 34.66 -40.49
CA PRO B 350 12.29 34.27 -40.19
C PRO B 350 12.53 34.00 -38.71
N ASP B 351 11.76 34.64 -37.82
CA ASP B 351 11.89 34.45 -36.39
C ASP B 351 11.43 33.07 -35.91
N SER B 352 10.78 32.28 -36.77
CA SER B 352 10.34 30.96 -36.35
C SER B 352 11.52 30.06 -36.01
N VAL B 353 12.62 30.16 -36.76
CA VAL B 353 13.81 29.38 -36.46
C VAL B 353 14.36 29.75 -35.09
N ALA B 354 14.45 31.06 -34.81
CA ALA B 354 14.89 31.49 -33.49
C ALA B 354 13.95 31.02 -32.40
N LEU B 355 12.64 30.96 -32.69
CA LEU B 355 11.70 30.44 -31.70
C LEU B 355 11.90 28.94 -31.47
N MET B 356 12.28 28.20 -32.51
CA MET B 356 12.64 26.80 -32.31
C MET B 356 13.86 26.65 -31.42
N VAL B 357 14.87 27.50 -31.65
CA VAL B 357 16.07 27.48 -30.80
C VAL B 357 15.69 27.81 -29.35
N MET B 358 14.83 28.80 -29.17
CA MET B 358 14.39 29.19 -27.83
C MET B 358 13.60 28.08 -27.15
N GLN B 359 12.76 27.37 -27.92
CA GLN B 359 12.04 26.24 -27.35
C GLN B 359 13.01 25.15 -26.90
N THR B 360 14.04 24.88 -27.70
CA THR B 360 15.07 23.94 -27.27
C THR B 360 15.77 24.45 -26.01
N MET B 361 15.98 25.75 -25.90
CA MET B 361 16.62 26.33 -24.72
C MET B 361 15.78 26.10 -23.48
N LEU B 362 14.45 26.21 -23.60
CA LEU B 362 13.60 25.93 -22.45
C LEU B 362 13.50 24.43 -22.18
N GLY B 363 13.39 23.62 -23.23
CA GLY B 363 13.47 22.19 -23.10
C GLY B 363 12.19 21.52 -22.62
N SER B 364 12.32 20.22 -22.34
CA SER B 364 11.22 19.42 -21.83
C SER B 364 11.78 18.32 -20.93
N TRP B 365 10.97 17.89 -19.97
CA TRP B 365 11.44 17.00 -18.92
C TRP B 365 10.25 16.35 -18.23
N ASN B 366 10.46 15.13 -17.76
CA ASN B 366 9.51 14.48 -16.86
C ASN B 366 10.31 13.74 -15.79
N LYS B 367 9.59 13.25 -14.76
CA LYS B 367 10.21 12.65 -13.59
C LYS B 367 11.01 11.40 -13.89
N ASN B 368 10.83 10.77 -15.05
CA ASN B 368 11.57 9.57 -15.39
C ASN B 368 12.86 9.85 -16.15
N VAL B 369 13.20 11.10 -16.36
CA VAL B 369 14.47 11.46 -17.00
C VAL B 369 15.57 11.39 -15.96
N GLY B 370 16.70 10.77 -16.32
CA GLY B 370 17.76 10.54 -15.35
C GLY B 370 18.48 11.80 -14.90
N GLY B 371 18.81 12.68 -15.84
CA GLY B 371 19.73 13.76 -15.55
C GLY B 371 19.20 15.17 -15.67
N GLY B 372 17.95 15.39 -15.24
CA GLY B 372 17.35 16.72 -15.37
C GLY B 372 18.08 17.79 -14.58
N LYS B 373 18.74 17.41 -13.49
CA LYS B 373 19.46 18.38 -12.66
C LYS B 373 20.73 18.90 -13.33
N HIS B 374 21.16 18.29 -14.43
CA HIS B 374 22.46 18.59 -15.02
C HIS B 374 22.36 19.14 -16.44
N VAL B 375 21.16 19.30 -16.98
CA VAL B 375 21.01 19.70 -18.38
C VAL B 375 21.33 21.18 -18.56
N GLY B 376 21.48 21.61 -19.81
CA GLY B 376 21.81 23.00 -20.08
C GLY B 376 20.67 23.96 -19.81
N SER B 377 19.43 23.48 -19.90
CA SER B 377 18.27 24.33 -19.68
C SER B 377 18.15 24.68 -18.21
N ASP B 378 18.11 25.99 -17.91
CA ASP B 378 17.96 26.43 -16.53
C ASP B 378 16.57 26.12 -15.98
N LEU B 379 15.54 26.21 -16.81
CA LEU B 379 14.19 25.88 -16.36
C LEU B 379 14.09 24.42 -15.94
N THR B 380 14.60 23.52 -16.79
CA THR B 380 14.62 22.10 -16.43
C THR B 380 15.46 21.87 -15.18
N GLN B 381 16.58 22.58 -15.04
CA GLN B 381 17.39 22.44 -13.84
C GLN B 381 16.62 22.83 -12.60
N ARG B 382 15.92 23.96 -12.63
CA ARG B 382 15.15 24.40 -11.47
C ARG B 382 14.07 23.39 -11.12
N VAL B 383 13.34 22.92 -12.13
CA VAL B 383 12.23 21.99 -11.90
C VAL B 383 12.75 20.67 -11.33
N ALA B 384 13.83 20.13 -11.91
CA ALA B 384 14.33 18.84 -11.46
C ALA B 384 15.04 18.95 -10.12
N ILE B 385 15.73 20.05 -9.85
CA ILE B 385 16.48 20.20 -8.61
C ILE B 385 15.52 20.39 -7.43
N ASN B 386 14.41 21.08 -7.64
CA ASN B 386 13.49 21.32 -6.53
C ASN B 386 12.25 20.44 -6.52
N GLU B 387 12.13 19.50 -7.46
CA GLU B 387 10.99 18.58 -7.55
C GLU B 387 9.66 19.34 -7.50
N ILE B 388 9.44 20.19 -8.50
CA ILE B 388 8.28 21.07 -8.46
C ILE B 388 7.35 20.82 -9.65
N ALA B 389 7.48 19.68 -10.32
CA ALA B 389 6.59 19.34 -11.41
C ALA B 389 6.69 17.85 -11.70
N GLU B 390 5.63 17.29 -12.29
CA GLU B 390 5.69 15.96 -12.86
C GLU B 390 6.28 15.99 -14.26
N SER B 391 5.97 17.02 -15.03
CA SER B 391 6.43 17.13 -16.40
C SER B 391 6.41 18.60 -16.80
N ILE B 392 7.31 18.96 -17.70
CA ILE B 392 7.37 20.30 -18.24
C ILE B 392 7.78 20.18 -19.70
N MET B 393 7.24 21.06 -20.53
CA MET B 393 7.41 20.93 -21.97
C MET B 393 7.18 22.29 -22.61
N ALA B 394 8.18 22.80 -23.32
CA ALA B 394 8.02 24.02 -24.09
C ALA B 394 7.58 23.68 -25.50
N PHE B 395 6.62 24.44 -26.02
CA PHE B 395 6.08 24.19 -27.35
C PHE B 395 6.19 25.44 -28.20
N ASN B 396 6.37 25.21 -29.51
CA ASN B 396 6.41 26.27 -30.50
C ASN B 396 5.51 25.82 -31.65
N THR B 397 4.28 26.32 -31.67
CA THR B 397 3.30 25.95 -32.67
C THR B 397 3.21 27.03 -33.73
N ASN B 398 3.28 26.63 -35.00
CA ASN B 398 3.23 27.57 -36.10
C ASN B 398 1.96 27.36 -36.93
N TYR B 399 1.45 28.45 -37.46
CA TYR B 399 0.32 28.43 -38.38
C TYR B 399 0.64 29.34 -39.55
N LYS B 400 -0.31 29.56 -40.45
CA LYS B 400 0.00 30.30 -41.67
C LYS B 400 0.19 31.79 -41.40
N ASP B 401 -0.49 32.34 -40.40
CA ASP B 401 -0.42 33.77 -40.13
C ASP B 401 -0.11 34.12 -38.68
N THR B 402 0.12 33.13 -37.82
CA THR B 402 0.40 33.39 -36.41
C THR B 402 0.96 32.11 -35.79
N GLY B 403 1.26 32.18 -34.50
CA GLY B 403 1.76 31.01 -33.80
C GLY B 403 1.53 31.12 -32.31
N LEU B 404 1.94 30.07 -31.60
CA LEU B 404 1.89 30.00 -30.15
C LEU B 404 3.23 29.55 -29.61
N PHE B 405 3.77 30.28 -28.64
CA PHE B 405 5.02 29.94 -27.97
C PHE B 405 4.75 29.93 -26.48
N GLY B 406 4.95 28.79 -25.84
CA GLY B 406 4.65 28.70 -24.43
C GLY B 406 5.14 27.43 -23.79
N VAL B 407 4.71 27.22 -22.56
CA VAL B 407 5.16 26.12 -21.71
C VAL B 407 3.94 25.38 -21.19
N TYR B 408 3.99 24.05 -21.24
CA TYR B 408 2.96 23.18 -20.67
C TYR B 408 3.57 22.40 -19.52
N ALA B 409 2.88 22.39 -18.38
CA ALA B 409 3.39 21.75 -17.18
C ALA B 409 2.31 20.94 -16.48
N VAL B 410 2.73 19.85 -15.86
CA VAL B 410 1.90 19.01 -14.99
C VAL B 410 2.56 18.97 -13.62
N ALA B 411 1.79 19.26 -12.57
CA ALA B 411 2.35 19.33 -11.23
C ALA B 411 1.25 19.14 -10.19
N LYS B 412 1.67 18.88 -8.97
CA LYS B 412 0.76 18.84 -7.82
C LYS B 412 0.35 20.24 -7.41
N ALA B 413 -0.75 20.31 -6.65
CA ALA B 413 -1.36 21.60 -6.33
C ALA B 413 -0.40 22.49 -5.54
N ASP B 414 0.34 21.92 -4.59
CA ASP B 414 1.19 22.72 -3.72
C ASP B 414 2.49 23.15 -4.38
N CYS B 415 2.81 22.65 -5.56
CA CYS B 415 4.00 23.09 -6.29
C CYS B 415 3.75 24.23 -7.24
N LEU B 416 2.47 24.59 -7.47
CA LEU B 416 2.10 25.44 -8.58
C LEU B 416 2.71 26.83 -8.48
N ASP B 417 2.75 27.41 -7.28
CA ASP B 417 3.25 28.78 -7.13
C ASP B 417 4.73 28.87 -7.51
N ASP B 418 5.55 27.98 -6.96
CA ASP B 418 6.97 27.97 -7.30
C ASP B 418 7.19 27.60 -8.76
N LEU B 419 6.41 26.66 -9.29
CA LEU B 419 6.56 26.28 -10.69
C LEU B 419 6.27 27.45 -11.61
N SER B 420 5.19 28.19 -11.32
CA SER B 420 4.84 29.35 -12.15
C SER B 420 5.91 30.42 -12.07
N TYR B 421 6.42 30.68 -10.86
CA TYR B 421 7.52 31.61 -10.73
C TYR B 421 8.70 31.19 -11.60
N ALA B 422 9.09 29.91 -11.53
CA ALA B 422 10.25 29.44 -12.26
C ALA B 422 10.06 29.56 -13.77
N ILE B 423 8.87 29.15 -14.26
CA ILE B 423 8.59 29.22 -15.69
C ILE B 423 8.69 30.66 -16.17
N MET B 424 8.00 31.57 -15.48
CA MET B 424 8.01 32.96 -15.92
C MET B 424 9.40 33.55 -15.83
N TYR B 425 10.15 33.23 -14.77
CA TYR B 425 11.51 33.74 -14.63
C TYR B 425 12.38 33.31 -15.80
N GLU B 426 12.37 32.02 -16.13
CA GLU B 426 13.26 31.53 -17.17
C GLU B 426 12.82 31.97 -18.56
N VAL B 427 11.51 32.15 -18.79
CA VAL B 427 11.08 32.68 -20.07
C VAL B 427 11.46 34.15 -20.22
N THR B 428 11.22 34.96 -19.18
CA THR B 428 11.55 36.37 -19.24
C THR B 428 13.07 36.59 -19.31
N LYS B 429 13.85 35.67 -18.75
CA LYS B 429 15.30 35.82 -18.79
C LYS B 429 15.85 35.84 -20.21
N LEU B 430 15.14 35.22 -21.16
CA LEU B 430 15.56 35.23 -22.55
C LEU B 430 15.66 36.63 -23.14
N ALA B 431 14.92 37.59 -22.58
CA ALA B 431 14.99 38.96 -23.06
C ALA B 431 16.14 39.74 -22.44
N TYR B 432 16.81 39.22 -21.43
CA TYR B 432 17.82 39.96 -20.69
C TYR B 432 19.20 39.32 -20.76
N ARG B 433 19.33 38.04 -20.41
CA ARG B 433 20.63 37.39 -20.25
C ARG B 433 20.63 36.08 -21.01
N VAL B 434 21.40 36.00 -22.08
CA VAL B 434 21.57 34.77 -22.86
C VAL B 434 23.05 34.50 -23.01
N SER B 435 23.51 33.35 -22.52
CA SER B 435 24.91 32.99 -22.64
C SER B 435 25.18 32.34 -23.99
N ASP B 436 26.40 32.55 -24.50
CA ASP B 436 26.77 31.94 -25.76
C ASP B 436 26.76 30.42 -25.69
N ALA B 437 27.16 29.87 -24.53
CA ALA B 437 27.16 28.42 -24.37
C ALA B 437 25.76 27.84 -24.47
N ASP B 438 24.77 28.48 -23.85
CA ASP B 438 23.41 27.96 -23.89
C ASP B 438 22.85 27.96 -25.31
N VAL B 439 23.03 29.06 -26.04
CA VAL B 439 22.51 29.12 -27.40
C VAL B 439 23.26 28.17 -28.32
N THR B 440 24.57 28.00 -28.12
CA THR B 440 25.32 27.03 -28.92
C THR B 440 24.84 25.61 -28.68
N ARG B 441 24.65 25.26 -27.40
CA ARG B 441 24.16 23.93 -27.06
C ARG B 441 22.78 23.70 -27.64
N ALA B 442 21.90 24.71 -27.58
CA ALA B 442 20.56 24.56 -28.12
C ALA B 442 20.58 24.41 -29.62
N ARG B 443 21.45 25.16 -30.31
CA ARG B 443 21.60 24.99 -31.75
C ARG B 443 22.02 23.57 -32.09
N ASN B 444 23.01 23.04 -31.36
CA ASN B 444 23.48 21.68 -31.61
C ASN B 444 22.36 20.67 -31.37
N GLN B 445 21.63 20.83 -30.26
CA GLN B 445 20.55 19.91 -29.94
C GLN B 445 19.43 19.97 -30.98
N LEU B 446 19.11 21.17 -31.46
CA LEU B 446 18.04 21.32 -32.45
C LEU B 446 18.42 20.67 -33.77
N LYS B 447 19.65 20.91 -34.24
CA LYS B 447 20.10 20.27 -35.47
C LYS B 447 20.08 18.75 -35.31
N SER B 448 20.58 18.26 -34.18
CA SER B 448 20.61 16.81 -33.96
C SER B 448 19.21 16.23 -33.95
N SER B 449 18.26 16.88 -33.27
CA SER B 449 16.91 16.32 -33.18
C SER B 449 16.21 16.36 -34.54
N LEU B 450 16.40 17.43 -35.30
CA LEU B 450 15.80 17.51 -36.62
C LEU B 450 16.31 16.41 -37.53
N LEU B 451 17.62 16.13 -37.49
CA LEU B 451 18.12 15.05 -38.34
C LEU B 451 17.80 13.67 -37.80
N LEU B 452 17.79 13.50 -36.47
CA LEU B 452 17.62 12.18 -35.90
C LEU B 452 16.19 11.69 -35.97
N HIS B 453 15.22 12.60 -35.85
CA HIS B 453 13.77 12.22 -35.90
C HIS B 453 13.38 11.81 -37.32
N MET B 454 14.17 12.19 -38.32
CA MET B 454 13.87 11.92 -39.72
C MET B 454 14.33 10.52 -40.15
N ASP B 455 13.84 9.51 -39.44
CA ASP B 455 14.19 8.12 -39.72
C ASP B 455 12.93 7.34 -40.06
N GLY B 456 12.95 6.64 -41.18
CA GLY B 456 11.82 5.89 -41.69
C GLY B 456 11.16 6.59 -42.86
N THR B 457 10.47 5.79 -43.68
CA THR B 457 9.77 6.35 -44.84
C THR B 457 8.64 7.28 -44.43
N SER B 458 7.90 6.91 -43.39
CA SER B 458 6.75 7.72 -42.97
C SER B 458 7.16 9.10 -42.46
N PRO B 459 8.12 9.25 -41.55
CA PRO B 459 8.55 10.61 -41.17
C PRO B 459 9.09 11.42 -42.33
N ILE B 460 9.77 10.79 -43.29
CA ILE B 460 10.30 11.54 -44.43
C ILE B 460 9.16 12.02 -45.32
N ALA B 461 8.19 11.16 -45.59
CA ALA B 461 7.04 11.56 -46.41
C ALA B 461 6.26 12.68 -45.72
N GLU B 462 6.08 12.57 -44.40
CA GLU B 462 5.40 13.63 -43.66
C GLU B 462 6.18 14.94 -43.73
N ASP B 463 7.50 14.88 -43.62
CA ASP B 463 8.32 16.09 -43.73
C ASP B 463 8.15 16.72 -45.11
N ILE B 464 8.18 15.90 -46.15
CA ILE B 464 8.02 16.42 -47.51
C ILE B 464 6.67 17.12 -47.67
N GLY B 465 5.60 16.44 -47.26
CA GLY B 465 4.26 17.02 -47.42
C GLY B 465 4.09 18.30 -46.60
N ARG B 466 4.50 18.27 -45.34
CA ARG B 466 4.37 19.44 -44.48
C ARG B 466 5.16 20.62 -45.03
N GLN B 467 6.41 20.40 -45.46
CA GLN B 467 7.20 21.50 -45.99
C GLN B 467 6.61 22.05 -47.27
N LEU B 468 6.11 21.18 -48.15
CA LEU B 468 5.53 21.65 -49.39
C LEU B 468 4.27 22.47 -49.12
N LEU B 469 3.52 22.12 -48.08
CA LEU B 469 2.34 22.92 -47.74
C LEU B 469 2.71 24.24 -47.06
N THR B 470 3.67 24.23 -46.14
CA THR B 470 3.95 25.42 -45.35
C THR B 470 4.96 26.36 -46.01
N TYR B 471 5.97 25.82 -46.67
CA TYR B 471 7.01 26.64 -47.27
C TYR B 471 6.91 26.74 -48.79
N GLY B 472 6.16 25.85 -49.43
CA GLY B 472 6.17 25.74 -50.87
C GLY B 472 7.37 25.01 -51.42
N ARG B 473 8.21 24.46 -50.56
CA ARG B 473 9.42 23.78 -50.97
C ARG B 473 9.93 22.97 -49.78
N ARG B 474 10.76 21.98 -50.08
CA ARG B 474 11.42 21.20 -49.04
C ARG B 474 12.77 21.86 -48.78
N ILE B 475 12.92 22.45 -47.60
CA ILE B 475 14.13 23.20 -47.27
C ILE B 475 15.28 22.21 -47.11
N PRO B 476 16.33 22.31 -47.91
CA PRO B 476 17.45 21.38 -47.77
C PRO B 476 18.14 21.55 -46.42
N THR B 477 18.71 20.45 -45.93
CA THR B 477 19.25 20.41 -44.58
C THR B 477 20.34 21.46 -44.38
N ALA B 478 21.17 21.69 -45.40
CA ALA B 478 22.24 22.66 -45.27
C ALA B 478 21.69 24.07 -45.05
N GLU B 479 20.65 24.44 -45.80
CA GLU B 479 20.05 25.76 -45.60
C GLU B 479 19.42 25.87 -44.21
N LEU B 480 18.74 24.83 -43.75
CA LEU B 480 18.12 24.87 -42.43
C LEU B 480 19.18 25.00 -41.34
N PHE B 481 20.30 24.27 -41.49
CA PHE B 481 21.40 24.39 -40.54
C PHE B 481 22.00 25.79 -40.58
N ALA B 482 22.13 26.37 -41.78
CA ALA B 482 22.68 27.73 -41.89
C ALA B 482 21.76 28.75 -41.22
N ARG B 483 20.45 28.58 -41.38
CA ARG B 483 19.51 29.45 -40.68
C ARG B 483 19.60 29.27 -39.17
N ILE B 484 19.78 28.02 -38.72
CA ILE B 484 19.86 27.75 -37.29
C ILE B 484 21.10 28.41 -36.69
N ASP B 485 22.25 28.25 -37.36
CA ASP B 485 23.47 28.81 -36.77
C ASP B 485 23.54 30.33 -36.89
N ALA B 486 22.64 30.94 -37.67
CA ALA B 486 22.51 32.39 -37.65
C ALA B 486 21.83 32.90 -36.39
N VAL B 487 21.27 32.02 -35.56
CA VAL B 487 20.63 32.41 -34.31
C VAL B 487 21.69 32.42 -33.22
N ASP B 488 22.18 33.61 -32.89
CA ASP B 488 23.14 33.79 -31.82
C ASP B 488 22.44 34.35 -30.59
N ALA B 489 23.22 34.69 -29.56
CA ALA B 489 22.64 35.19 -28.32
C ALA B 489 21.90 36.51 -28.53
N SER B 490 22.46 37.40 -29.35
CA SER B 490 21.80 38.67 -29.62
C SER B 490 20.50 38.47 -30.39
N THR B 491 20.48 37.49 -31.31
CA THR B 491 19.25 37.17 -32.02
C THR B 491 18.17 36.68 -31.07
N VAL B 492 18.55 35.81 -30.12
CA VAL B 492 17.58 35.31 -29.15
C VAL B 492 17.06 36.45 -28.29
N LYS B 493 17.93 37.36 -27.86
CA LYS B 493 17.48 38.50 -27.07
C LYS B 493 16.52 39.38 -27.86
N ARG B 494 16.83 39.64 -29.14
CA ARG B 494 15.95 40.46 -29.96
C ARG B 494 14.58 39.81 -30.14
N VAL B 495 14.57 38.51 -30.44
CA VAL B 495 13.30 37.81 -30.65
C VAL B 495 12.49 37.76 -29.36
N ALA B 496 13.15 37.50 -28.24
CA ALA B 496 12.46 37.48 -26.95
C ALA B 496 11.88 38.84 -26.61
N ASN B 497 12.62 39.91 -26.89
CA ASN B 497 12.10 41.26 -26.64
C ASN B 497 10.95 41.59 -27.57
N LYS B 498 10.89 40.96 -28.74
CA LYS B 498 9.74 41.18 -29.61
C LYS B 498 8.52 40.38 -29.20
N TYR B 499 8.70 39.15 -28.70
CA TYR B 499 7.58 38.25 -28.48
C TYR B 499 7.20 38.03 -27.03
N ILE B 500 8.13 38.17 -26.09
CA ILE B 500 7.91 37.82 -24.70
C ILE B 500 7.82 39.06 -23.80
N TYR B 501 8.73 40.02 -23.99
CA TYR B 501 8.85 41.12 -23.05
C TYR B 501 7.60 41.99 -23.01
N ASP B 502 7.05 42.18 -21.81
CA ASP B 502 5.90 43.05 -21.56
C ASP B 502 4.73 42.72 -22.50
N LYS B 503 4.45 41.47 -22.59
CA LYS B 503 3.45 40.98 -23.56
C LYS B 503 2.30 40.27 -22.87
N ASP B 504 1.12 40.37 -23.44
CA ASP B 504 -0.06 39.62 -23.00
C ASP B 504 0.13 38.10 -23.16
N ILE B 505 -0.45 37.39 -22.21
CA ILE B 505 -0.33 35.92 -22.22
C ILE B 505 -1.71 35.27 -22.23
N ALA B 506 -1.77 34.05 -22.72
CA ALA B 506 -2.95 33.19 -22.73
C ALA B 506 -2.69 32.02 -21.79
N ILE B 507 -3.59 31.78 -20.86
CA ILE B 507 -3.49 30.65 -19.90
C ILE B 507 -4.69 29.67 -19.97
N SER B 508 -4.40 28.40 -19.92
CA SER B 508 -5.43 27.37 -19.83
C SER B 508 -5.01 26.37 -18.77
N ALA B 509 -5.81 26.22 -17.72
CA ALA B 509 -5.47 25.40 -16.58
C ALA B 509 -6.66 24.54 -16.17
N ILE B 510 -6.37 23.34 -15.67
CA ILE B 510 -7.40 22.43 -15.17
C ILE B 510 -6.85 21.66 -13.98
N GLY B 511 -7.71 21.46 -12.98
CA GLY B 511 -7.36 20.66 -11.82
C GLY B 511 -7.36 21.45 -10.53
N PRO B 512 -6.62 20.96 -9.53
CA PRO B 512 -6.52 21.69 -8.26
C PRO B 512 -5.64 22.92 -8.41
N ILE B 513 -6.18 23.97 -8.99
CA ILE B 513 -5.40 25.10 -9.46
C ILE B 513 -5.72 26.37 -8.67
N GLN B 514 -6.24 26.22 -7.45
CA GLN B 514 -6.58 27.39 -6.66
C GLN B 514 -5.34 28.20 -6.26
N ASP B 515 -4.18 27.55 -6.21
CA ASP B 515 -2.93 28.22 -5.87
C ASP B 515 -2.10 28.57 -7.11
N LEU B 516 -2.63 28.36 -8.31
CA LEU B 516 -2.00 28.89 -9.50
C LEU B 516 -2.18 30.40 -9.51
N PRO B 517 -1.11 31.17 -9.74
CA PRO B 517 -1.23 32.63 -9.69
C PRO B 517 -2.19 33.16 -10.74
N ASP B 518 -2.83 34.28 -10.41
CA ASP B 518 -3.84 34.87 -11.27
C ASP B 518 -3.19 35.56 -12.47
N TYR B 519 -3.99 36.01 -13.41
CA TYR B 519 -3.52 36.64 -14.67
C TYR B 519 -2.62 37.87 -14.44
N ASN B 520 -2.93 38.67 -13.43
CA ASN B 520 -2.11 39.87 -13.21
C ASN B 520 -0.70 39.49 -12.77
N LYS B 521 -0.56 38.46 -11.93
CA LYS B 521 0.78 38.04 -11.49
C LYS B 521 1.61 37.49 -12.65
N PHE B 522 1.10 36.59 -13.46
CA PHE B 522 1.76 36.09 -14.69
C PHE B 522 2.11 37.27 -15.61
N ARG B 523 1.24 38.26 -15.76
CA ARG B 523 1.44 39.42 -16.64
C ARG B 523 2.57 40.32 -16.09
N ARG B 524 2.64 40.43 -14.78
CA ARG B 524 3.71 41.21 -14.16
C ARG B 524 5.04 40.50 -14.29
N ARG B 525 5.06 39.17 -14.20
CA ARG B 525 6.30 38.41 -14.29
C ARG B 525 6.84 38.30 -15.71
N THR B 526 6.40 39.04 -16.71
CA THR B 526 6.85 39.13 -18.13
C THR B 526 7.93 40.22 -18.32
N TYR B 527 8.13 41.02 -17.30
CA TYR B 527 9.24 41.95 -17.38
C TYR B 527 9.96 42.00 -16.04
N TRP B 528 11.16 42.57 -16.04
CA TRP B 528 11.97 42.74 -14.83
C TRP B 528 12.15 44.23 -14.57
N ASN B 529 11.74 44.68 -13.39
CA ASN B 529 11.82 46.10 -13.07
C ASN B 529 13.20 46.52 -12.57
N ARG B 530 14.12 45.58 -12.36
CA ARG B 530 15.50 45.95 -12.03
C ARG B 530 16.32 46.32 -13.26
N TYR B 531 15.74 46.27 -14.45
CA TYR B 531 16.41 46.71 -15.66
C TYR B 531 15.66 47.85 -16.32
N GLU C 76 -28.98 14.38 -17.59
CA GLU C 76 -28.49 15.72 -17.83
C GLU C 76 -27.02 15.86 -17.41
N VAL C 77 -26.35 16.87 -17.96
CA VAL C 77 -24.93 17.11 -17.72
C VAL C 77 -24.82 18.49 -17.08
N PRO C 78 -24.12 18.63 -15.96
CA PRO C 78 -23.97 19.96 -15.35
C PRO C 78 -23.12 20.88 -16.22
N ALA C 79 -23.30 22.19 -15.98
CA ALA C 79 -22.73 23.20 -16.86
C ALA C 79 -21.21 23.16 -16.87
N THR C 80 -20.57 22.92 -15.72
CA THR C 80 -19.11 22.90 -15.68
C THR C 80 -18.55 21.75 -16.52
N VAL C 81 -19.18 20.58 -16.46
CA VAL C 81 -18.74 19.44 -17.27
C VAL C 81 -18.86 19.77 -18.75
N GLU C 82 -19.98 20.39 -19.14
CA GLU C 82 -20.16 20.76 -20.54
C GLU C 82 -19.13 21.78 -20.98
N ALA C 83 -18.82 22.77 -20.14
CA ALA C 83 -17.81 23.76 -20.48
C ALA C 83 -16.44 23.13 -20.64
N VAL C 84 -16.08 22.21 -19.72
CA VAL C 84 -14.79 21.55 -19.82
C VAL C 84 -14.71 20.68 -21.07
N LYS C 85 -15.83 20.05 -21.44
CA LYS C 85 -15.87 19.11 -22.59
C LYS C 85 -16.00 19.83 -23.93
N THR C 86 -16.43 21.09 -23.94
CA THR C 86 -16.70 21.82 -25.18
C THR C 86 -16.01 23.18 -25.16
N PRO C 87 -14.75 23.26 -25.62
CA PRO C 87 -14.10 24.57 -25.70
C PRO C 87 -14.90 25.54 -26.54
N ASN C 88 -14.99 26.78 -26.08
CA ASN C 88 -15.81 27.80 -26.71
C ASN C 88 -14.92 28.95 -27.16
N SER C 89 -14.86 29.17 -28.47
CA SER C 89 -14.12 30.29 -29.03
C SER C 89 -14.96 31.54 -29.16
N LYS C 90 -16.22 31.50 -28.73
CA LYS C 90 -17.13 32.64 -28.81
C LYS C 90 -17.48 33.12 -27.40
N ILE C 91 -16.45 33.18 -26.55
CA ILE C 91 -16.64 33.47 -25.13
C ILE C 91 -17.18 34.88 -24.96
N VAL C 92 -18.20 35.01 -24.12
CA VAL C 92 -18.79 36.32 -23.83
C VAL C 92 -18.27 36.86 -22.50
N ARG D 7 -49.05 32.94 17.14
CA ARG D 7 -47.63 33.24 17.19
C ARG D 7 -47.32 34.49 16.38
N LEU D 8 -46.55 35.40 16.99
CA LEU D 8 -46.24 36.67 16.36
C LEU D 8 -45.20 36.54 15.24
N VAL D 9 -44.42 35.46 15.24
CA VAL D 9 -43.43 35.25 14.19
C VAL D 9 -44.02 34.62 12.94
N ASP D 10 -45.20 34.02 13.04
CA ASP D 10 -45.81 33.32 11.91
C ASP D 10 -46.34 34.31 10.88
N PRO D 11 -45.86 34.26 9.63
CA PRO D 11 -46.40 35.16 8.60
C PRO D 11 -47.85 34.85 8.24
N ARG D 12 -48.33 33.65 8.52
CA ARG D 12 -49.72 33.32 8.22
C ARG D 12 -50.70 34.09 9.11
N LYS D 13 -50.24 34.65 10.22
CA LYS D 13 -51.09 35.37 11.16
C LYS D 13 -50.77 36.85 11.25
N ASN D 14 -49.49 37.20 11.37
CA ASN D 14 -49.07 38.59 11.51
C ASN D 14 -48.65 39.13 10.14
N PHE D 15 -49.30 40.20 9.70
CA PHE D 15 -48.92 40.81 8.43
C PHE D 15 -47.55 41.48 8.53
N LEU D 16 -47.16 41.95 9.72
CA LEU D 16 -45.80 42.45 9.90
C LEU D 16 -44.77 41.35 9.69
N ALA D 17 -45.02 40.16 10.23
CA ALA D 17 -44.12 39.04 9.99
C ALA D 17 -44.12 38.65 8.51
N ARG D 18 -45.27 38.77 7.84
CA ARG D 18 -45.34 38.47 6.42
C ARG D 18 -44.50 39.45 5.60
N MET D 19 -44.58 40.75 5.93
CA MET D 19 -43.75 41.75 5.25
C MET D 19 -42.26 41.51 5.53
N HIS D 20 -41.93 41.16 6.78
CA HIS D 20 -40.55 40.84 7.12
C HIS D 20 -40.03 39.69 6.27
N MET D 21 -40.82 38.62 6.18
CA MET D 21 -40.42 37.46 5.39
C MET D 21 -40.27 37.82 3.92
N LYS D 22 -41.20 38.61 3.39
CA LYS D 22 -41.12 38.99 1.98
C LYS D 22 -39.87 39.83 1.71
N SER D 23 -39.54 40.75 2.62
CA SER D 23 -38.35 41.57 2.46
C SER D 23 -37.08 40.71 2.46
N VAL D 24 -36.98 39.80 3.44
CA VAL D 24 -35.81 38.94 3.52
C VAL D 24 -35.71 38.05 2.29
N SER D 25 -36.84 37.51 1.84
CA SER D 25 -36.84 36.64 0.67
C SER D 25 -36.40 37.37 -0.58
N ASN D 26 -36.86 38.61 -0.77
CA ASN D 26 -36.43 39.40 -1.91
C ASN D 26 -34.93 39.68 -1.86
N ARG D 27 -34.43 40.04 -0.67
CA ARG D 27 -32.99 40.30 -0.52
C ARG D 27 -32.16 39.06 -0.84
N LEU D 28 -32.57 37.90 -0.32
CA LEU D 28 -31.86 36.66 -0.60
C LEU D 28 -31.94 36.28 -2.07
N ARG D 29 -33.12 36.45 -2.67
CA ARG D 29 -33.33 36.08 -4.06
C ARG D 29 -32.43 36.88 -4.99
N ARG D 30 -32.22 38.16 -4.68
CA ARG D 30 -31.35 38.99 -5.51
C ARG D 30 -29.95 38.39 -5.65
N TYR D 31 -29.46 37.69 -4.64
CA TYR D 31 -28.12 37.12 -4.66
C TYR D 31 -28.11 35.62 -4.92
N GLY D 32 -29.27 34.99 -5.09
CA GLY D 32 -29.31 33.55 -5.23
C GLY D 32 -28.97 32.78 -3.98
N LEU D 33 -29.04 33.43 -2.82
CA LEU D 33 -28.67 32.79 -1.56
C LEU D 33 -29.89 32.21 -0.86
N ARG D 34 -29.66 31.11 -0.15
CA ARG D 34 -30.64 30.58 0.77
C ARG D 34 -30.39 31.12 2.16
N TYR D 35 -31.45 31.18 2.97
CA TYR D 35 -31.30 31.68 4.34
C TYR D 35 -30.28 30.84 5.12
N ASP D 36 -30.27 29.53 4.89
CA ASP D 36 -29.29 28.67 5.53
C ASP D 36 -27.85 28.97 5.08
N ASP D 37 -27.67 29.52 3.88
CA ASP D 37 -26.34 29.92 3.43
C ASP D 37 -25.76 31.03 4.30
N LEU D 38 -26.59 31.81 4.98
CA LEU D 38 -26.09 32.86 5.84
C LEU D 38 -25.48 32.33 7.12
N TYR D 39 -25.75 31.08 7.48
CA TYR D 39 -25.19 30.41 8.68
C TYR D 39 -23.74 30.05 8.39
N ASP D 40 -22.83 30.61 9.14
CA ASP D 40 -21.37 30.43 8.93
C ASP D 40 -20.74 29.44 9.92
N PRO D 41 -19.96 28.47 9.47
CA PRO D 41 -19.21 27.51 10.34
C PRO D 41 -18.21 28.21 11.31
N LEU D 42 -17.76 29.43 11.01
CA LEU D 42 -16.88 30.22 11.93
C LEU D 42 -17.65 30.89 13.08
N TYR D 43 -18.97 31.10 12.97
CA TYR D 43 -19.80 31.68 14.04
C TYR D 43 -19.95 30.73 15.24
N ASP D 44 -20.19 29.47 14.98
CA ASP D 44 -20.44 28.47 16.03
C ASP D 44 -19.83 27.15 15.64
N LEU D 45 -19.35 26.46 16.63
CA LEU D 45 -18.81 25.12 16.43
C LEU D 45 -19.92 24.11 16.12
N ASP D 46 -21.12 24.32 16.64
CA ASP D 46 -22.25 23.44 16.32
C ASP D 46 -22.60 23.51 14.83
N ILE D 47 -22.49 24.70 14.23
CA ILE D 47 -22.75 24.85 12.77
C ILE D 47 -21.70 24.08 11.99
N LYS D 48 -20.44 24.20 12.39
CA LYS D 48 -19.35 23.45 11.77
C LYS D 48 -19.61 21.94 11.80
N GLU D 49 -20.06 21.43 12.93
CA GLU D 49 -20.37 20.02 13.09
C GLU D 49 -21.54 19.60 12.20
N ALA D 50 -22.61 20.40 12.19
CA ALA D 50 -23.77 20.10 11.36
C ALA D 50 -23.40 20.10 9.88
N LEU D 51 -22.56 21.03 9.47
CA LEU D 51 -22.09 21.15 8.09
C LEU D 51 -21.28 19.91 7.73
N ASN D 52 -20.50 19.42 8.67
CA ASN D 52 -19.68 18.23 8.42
C ASN D 52 -20.53 16.98 8.34
N ARG D 53 -21.70 16.96 8.99
CA ARG D 53 -22.57 15.79 8.89
C ARG D 53 -23.40 15.77 7.61
N LEU D 54 -23.48 16.82 6.85
CA LEU D 54 -24.37 16.86 5.67
C LEU D 54 -23.73 16.14 4.51
N PRO D 55 -24.49 15.54 3.59
CA PRO D 55 -23.93 14.97 2.33
C PRO D 55 -23.09 15.93 1.47
N ARG D 56 -21.99 15.48 0.84
CA ARG D 56 -21.10 16.28 -0.04
C ARG D 56 -21.86 17.15 -1.05
N GLU D 57 -22.84 16.61 -1.75
CA GLU D 57 -23.69 17.35 -2.73
C GLU D 57 -24.39 18.61 -2.14
N ILE D 58 -24.94 18.54 -0.92
CA ILE D 58 -25.61 19.68 -0.24
C ILE D 58 -24.56 20.77 0.02
N VAL D 59 -23.49 20.36 0.65
CA VAL D 59 -22.39 21.31 0.98
C VAL D 59 -21.77 21.90 -0.31
N ASP D 60 -21.60 21.11 -1.35
CA ASP D 60 -21.11 21.61 -2.66
C ASP D 60 -22.04 22.65 -3.26
N ALA D 61 -23.34 22.40 -3.21
CA ALA D 61 -24.30 23.37 -3.72
C ALA D 61 -24.27 24.65 -2.88
N ARG D 62 -24.14 24.52 -1.55
CA ARG D 62 -23.98 25.70 -0.67
C ARG D 62 -22.74 26.52 -1.07
N ASN D 63 -21.63 25.85 -1.22
CA ASN D 63 -20.39 26.56 -1.54
C ASN D 63 -20.47 27.22 -2.91
N GLN D 64 -21.11 26.55 -3.87
CA GLN D 64 -21.31 27.16 -5.18
C GLN D 64 -22.20 28.39 -5.09
N ARG D 65 -23.28 28.32 -4.31
CA ARG D 65 -24.15 29.47 -4.15
C ARG D 65 -23.41 30.61 -3.47
N LEU D 66 -22.58 30.30 -2.47
CA LEU D 66 -21.78 31.34 -1.82
C LEU D 66 -20.81 32.00 -2.80
N MET D 67 -20.15 31.20 -3.64
CA MET D 67 -19.24 31.76 -4.62
C MET D 67 -19.97 32.64 -5.63
N ARG D 68 -21.12 32.18 -6.11
CA ARG D 68 -21.91 32.98 -7.04
C ARG D 68 -22.34 34.30 -6.41
N ALA D 69 -22.78 34.25 -5.15
CA ALA D 69 -23.19 35.45 -4.45
C ALA D 69 -22.02 36.41 -4.25
N MET D 70 -20.85 35.89 -3.88
CA MET D 70 -19.69 36.74 -3.71
C MET D 70 -19.28 37.40 -5.03
N ASP D 71 -19.37 36.64 -6.13
CA ASP D 71 -19.09 37.21 -7.44
C ASP D 71 -20.06 38.35 -7.78
N LEU D 72 -21.35 38.13 -7.53
CA LEU D 72 -22.33 39.18 -7.78
C LEU D 72 -22.06 40.40 -6.91
N SER D 73 -21.76 40.18 -5.63
CA SER D 73 -21.47 41.27 -4.70
C SER D 73 -20.26 42.07 -5.17
N MET D 74 -19.21 41.38 -5.63
CA MET D 74 -18.03 42.05 -6.14
C MET D 74 -18.36 42.87 -7.40
N LYS D 75 -19.21 42.33 -8.28
CA LYS D 75 -19.51 43.01 -9.53
C LYS D 75 -20.56 44.11 -9.39
N HIS D 76 -21.15 44.28 -8.21
CA HIS D 76 -22.25 45.24 -8.01
C HIS D 76 -23.41 44.92 -8.96
N GLU D 77 -23.78 43.64 -9.01
CA GLU D 77 -24.87 43.20 -9.86
C GLU D 77 -25.67 42.13 -9.14
N TYR D 78 -26.91 41.96 -9.57
CA TYR D 78 -27.79 40.93 -9.04
C TYR D 78 -27.95 39.81 -10.05
N LEU D 79 -28.52 38.72 -9.60
CA LEU D 79 -28.88 37.64 -10.51
C LEU D 79 -29.85 38.18 -11.57
N PRO D 80 -29.69 37.77 -12.83
CA PRO D 80 -30.70 38.10 -13.88
C PRO D 80 -32.09 37.68 -13.38
N ASP D 81 -33.13 38.42 -13.73
CA ASP D 81 -34.52 38.16 -13.28
C ASP D 81 -35.00 36.73 -13.58
N ASN D 82 -34.54 36.13 -14.64
CA ASN D 82 -34.95 34.75 -15.02
C ASN D 82 -34.36 33.73 -14.02
N LEU D 83 -33.15 33.93 -13.54
CA LEU D 83 -32.58 33.07 -12.49
C LEU D 83 -33.23 33.42 -11.12
N GLN D 84 -33.67 34.66 -10.91
CA GLN D 84 -34.36 35.09 -9.66
C GLN D 84 -35.71 34.35 -9.53
N ALA D 85 -36.40 34.11 -10.64
CA ALA D 85 -37.71 33.42 -10.68
C ALA D 85 -37.57 31.95 -10.21
N VAL D 86 -36.42 31.33 -10.30
CA VAL D 86 -36.32 29.92 -9.95
C VAL D 86 -35.60 29.70 -8.62
N GLN D 87 -35.33 30.77 -7.87
CA GLN D 87 -34.66 30.65 -6.58
C GLN D 87 -35.63 30.20 -5.49
N THR D 88 -35.09 29.54 -4.47
CA THR D 88 -35.87 29.01 -3.35
C THR D 88 -35.24 29.49 -2.05
N PRO D 89 -35.45 30.76 -1.66
CA PRO D 89 -34.69 31.34 -0.55
C PRO D 89 -34.86 30.62 0.78
N PHE D 90 -36.04 30.08 1.07
CA PHE D 90 -36.30 29.44 2.36
C PHE D 90 -36.43 27.92 2.26
N ARG D 91 -35.91 27.31 1.20
CA ARG D 91 -35.81 25.86 1.14
C ARG D 91 -34.65 25.43 2.02
N SER D 92 -34.95 24.68 3.07
CA SER D 92 -34.03 24.45 4.17
C SER D 92 -33.19 23.19 3.95
N TYR D 93 -31.94 23.25 4.40
CA TYR D 93 -31.07 22.07 4.45
C TYR D 93 -30.29 21.92 5.74
N LEU D 94 -30.29 22.91 6.63
CA LEU D 94 -29.39 22.94 7.76
C LEU D 94 -30.07 22.89 9.12
N GLN D 95 -31.26 23.45 9.27
CA GLN D 95 -31.82 23.67 10.61
C GLN D 95 -32.06 22.37 11.36
N ASP D 96 -32.51 21.32 10.67
CA ASP D 96 -32.78 20.05 11.34
C ASP D 96 -31.49 19.42 11.87
N MET D 97 -30.44 19.39 11.05
CA MET D 97 -29.15 18.88 11.50
C MET D 97 -28.61 19.70 12.67
N LEU D 98 -28.73 21.03 12.59
CA LEU D 98 -28.23 21.88 13.66
C LEU D 98 -28.99 21.62 14.97
N ALA D 99 -30.30 21.46 14.89
CA ALA D 99 -31.09 21.17 16.08
C ALA D 99 -30.69 19.81 16.67
N LEU D 100 -30.45 18.81 15.82
CA LEU D 100 -30.00 17.51 16.31
C LEU D 100 -28.65 17.63 17.01
N VAL D 101 -27.72 18.39 16.42
CA VAL D 101 -26.41 18.59 17.03
C VAL D 101 -26.54 19.26 18.39
N LYS D 102 -27.38 20.29 18.48
CA LYS D 102 -27.56 20.99 19.74
C LYS D 102 -28.19 20.08 20.79
N ARG D 103 -29.15 19.24 20.39
CA ARG D 103 -29.74 18.29 21.33
C ARG D 103 -28.70 17.30 21.84
N GLU D 104 -27.83 16.82 20.96
CA GLU D 104 -26.78 15.88 21.38
C GLU D 104 -25.81 16.54 22.35
N ARG D 105 -25.43 17.80 22.10
CA ARG D 105 -24.55 18.49 23.02
C ARG D 105 -25.21 18.72 24.37
N ALA D 106 -26.51 19.06 24.37
CA ALA D 106 -27.22 19.22 25.62
C ALA D 106 -27.28 17.90 26.39
N GLU D 107 -27.47 16.79 25.69
CA GLU D 107 -27.46 15.49 26.34
C GLU D 107 -26.10 15.21 26.98
N ARG D 108 -25.02 15.51 26.25
CA ARG D 108 -23.68 15.29 26.79
C ARG D 108 -23.44 16.14 28.05
N GLU D 109 -23.87 17.40 28.02
CA GLU D 109 -23.67 18.27 29.17
C GLU D 109 -24.51 17.81 30.36
N ALA D 110 -25.73 17.35 30.11
CA ALA D 110 -26.61 16.91 31.19
C ALA D 110 -26.10 15.66 31.90
N LEU D 111 -25.24 14.87 31.26
CA LEU D 111 -24.68 13.67 31.88
C LEU D 111 -23.24 13.87 32.35
N GLY D 112 -22.73 15.09 32.29
CA GLY D 112 -21.40 15.37 32.80
C GLY D 112 -20.25 14.96 31.91
N ALA D 113 -20.50 14.74 30.63
CA ALA D 113 -19.47 14.33 29.70
C ALA D 113 -18.67 15.52 29.18
N LEU D 114 -17.49 15.22 28.65
CA LEU D 114 -16.69 16.24 27.99
C LEU D 114 -17.32 16.61 26.65
N PRO D 115 -17.27 17.88 26.25
CA PRO D 115 -17.80 18.25 24.93
C PRO D 115 -17.00 17.59 23.81
N LEU D 116 -17.70 17.28 22.72
CA LEU D 116 -17.07 16.62 21.58
C LEU D 116 -16.16 17.56 20.79
N TYR D 117 -16.35 18.87 20.92
CA TYR D 117 -15.52 19.85 20.24
C TYR D 117 -15.59 21.14 21.02
N GLN D 118 -14.54 21.94 20.91
CA GLN D 118 -14.47 23.20 21.63
C GLN D 118 -13.97 24.29 20.70
N ARG D 119 -14.36 25.51 21.00
CA ARG D 119 -13.82 26.67 20.30
C ARG D 119 -12.45 27.03 20.84
N THR D 120 -11.54 27.39 19.95
CA THR D 120 -10.23 27.86 20.37
C THR D 120 -10.34 29.24 21.01
N ILE D 121 -9.45 29.52 21.95
CA ILE D 121 -9.38 30.83 22.58
C ILE D 121 -8.54 31.77 21.72
N PRO D 122 -9.11 32.84 21.19
CA PRO D 122 -8.42 33.79 20.30
C PRO D 122 -7.54 34.77 21.04
N ALA E 52 -14.54 0.26 55.14
CA ALA E 52 -14.39 1.43 55.99
C ALA E 52 -12.93 1.70 56.35
N LEU E 53 -12.62 1.61 57.65
CA LEU E 53 -11.32 2.08 58.14
C LEU E 53 -10.35 0.95 58.46
N THR E 54 -10.84 -0.25 58.67
CA THR E 54 -9.97 -1.39 59.10
C THR E 54 -8.99 -1.83 58.02
N SER E 55 -7.88 -2.37 58.43
CA SER E 55 -6.89 -2.95 57.51
C SER E 55 -7.54 -4.17 56.87
N LEU E 56 -7.18 -4.50 55.66
CA LEU E 56 -7.83 -5.61 54.89
C LEU E 56 -7.65 -7.01 55.52
N ASP E 57 -6.62 -7.28 56.33
CA ASP E 57 -6.43 -8.55 57.08
C ASP E 57 -7.47 -8.71 58.19
N MET E 58 -8.22 -7.67 58.48
CA MET E 58 -9.30 -7.69 59.49
C MET E 58 -10.65 -7.58 58.83
N PRO E 59 -11.61 -8.42 59.21
CA PRO E 59 -13.00 -8.28 58.71
C PRO E 59 -13.67 -6.95 59.08
N LEU E 60 -14.38 -6.34 58.13
CA LEU E 60 -15.13 -5.11 58.39
C LEU E 60 -16.37 -5.47 59.22
N GLN E 61 -16.55 -4.80 60.33
CA GLN E 61 -17.63 -5.07 61.25
C GLN E 61 -18.96 -4.58 60.69
N GLY E 62 -20.02 -5.35 60.92
CA GLY E 62 -21.35 -4.93 60.53
C GLY E 62 -21.71 -5.13 59.08
N VAL E 63 -21.04 -6.03 58.38
CA VAL E 63 -21.40 -6.35 57.00
C VAL E 63 -22.35 -7.53 57.00
N SER E 64 -23.45 -7.41 56.27
CA SER E 64 -24.40 -8.50 56.15
C SER E 64 -23.87 -9.55 55.18
N LEU E 65 -23.73 -10.79 55.65
CA LEU E 65 -23.13 -11.85 54.87
C LEU E 65 -24.21 -12.81 54.38
N PRO E 66 -24.40 -12.96 53.07
CA PRO E 66 -25.40 -13.91 52.58
C PRO E 66 -25.01 -15.33 52.93
N PRO E 67 -25.99 -16.23 53.08
CA PRO E 67 -25.65 -17.61 53.42
C PRO E 67 -24.93 -18.29 52.27
N PRO E 68 -24.07 -19.26 52.56
CA PRO E 68 -23.34 -19.95 51.49
C PRO E 68 -24.28 -20.78 50.62
N LEU E 69 -23.89 -20.94 49.37
CA LEU E 69 -24.53 -21.92 48.50
C LEU E 69 -24.01 -23.31 48.84
N ALA E 70 -24.89 -24.30 48.71
CA ALA E 70 -24.52 -25.68 49.02
C ALA E 70 -23.40 -26.15 48.10
N ASP E 71 -22.61 -27.09 48.60
CA ASP E 71 -21.45 -27.57 47.84
C ASP E 71 -21.86 -28.36 46.60
N LYS E 72 -23.09 -28.86 46.58
CA LYS E 72 -23.62 -29.63 45.46
C LYS E 72 -24.91 -28.96 45.01
N VAL E 73 -24.84 -28.22 43.90
CA VAL E 73 -25.99 -27.54 43.33
C VAL E 73 -26.37 -28.27 42.04
N GLU E 74 -27.61 -28.74 41.97
CA GLU E 74 -28.06 -29.47 40.80
C GLU E 74 -28.10 -28.53 39.60
N PRO E 75 -27.54 -28.92 38.46
CA PRO E 75 -27.56 -28.03 37.29
C PRO E 75 -28.98 -27.80 36.79
N SER E 76 -29.19 -26.66 36.16
CA SER E 76 -30.51 -26.24 35.74
C SER E 76 -30.82 -26.75 34.33
N LYS E 77 -32.12 -26.86 34.06
CA LYS E 77 -32.61 -27.24 32.74
C LYS E 77 -32.53 -26.05 31.78
N LEU E 78 -32.40 -26.36 30.49
CA LEU E 78 -32.44 -25.35 29.44
C LEU E 78 -33.87 -25.20 28.95
N GLN E 79 -34.56 -24.16 29.43
CA GLN E 79 -35.91 -23.88 28.97
C GLN E 79 -35.86 -23.12 27.64
N ILE E 80 -36.59 -23.60 26.66
CA ILE E 80 -36.63 -23.00 25.33
C ILE E 80 -38.07 -22.65 24.99
N THR E 81 -38.25 -21.46 24.42
CA THR E 81 -39.55 -21.01 23.97
C THR E 81 -39.41 -20.50 22.54
N THR E 82 -40.26 -20.97 21.65
CA THR E 82 -40.28 -20.51 20.27
C THR E 82 -41.47 -19.60 20.08
N LEU E 83 -41.20 -18.35 19.73
CA LEU E 83 -42.26 -17.38 19.52
C LEU E 83 -43.00 -17.68 18.21
N PRO E 84 -44.25 -17.23 18.07
CA PRO E 84 -45.02 -17.55 16.85
C PRO E 84 -44.37 -17.06 15.57
N ASN E 85 -43.53 -16.03 15.62
CA ASN E 85 -42.81 -15.62 14.42
C ASN E 85 -41.55 -16.43 14.17
N GLY E 86 -41.26 -17.42 15.01
CA GLY E 86 -40.12 -18.29 14.82
C GLY E 86 -38.85 -17.90 15.54
N LEU E 87 -38.93 -16.99 16.50
CA LEU E 87 -37.75 -16.53 17.24
C LEU E 87 -37.59 -17.38 18.49
N LYS E 88 -36.43 -18.01 18.62
CA LYS E 88 -36.16 -18.92 19.73
C LYS E 88 -35.57 -18.15 20.90
N ILE E 89 -36.13 -18.38 22.09
CA ILE E 89 -35.63 -17.80 23.34
C ILE E 89 -35.26 -18.95 24.26
N ALA E 90 -33.99 -19.00 24.65
CA ALA E 90 -33.47 -20.11 25.45
C ALA E 90 -32.64 -19.57 26.60
N SER E 91 -32.83 -20.14 27.79
CA SER E 91 -32.16 -19.66 28.98
C SER E 91 -31.89 -20.82 29.94
N GLU E 92 -30.80 -20.70 30.71
CA GLU E 92 -30.50 -21.65 31.81
C GLU E 92 -30.17 -20.84 33.06
N THR E 93 -30.58 -21.27 34.24
CA THR E 93 -30.24 -20.65 35.51
C THR E 93 -28.87 -21.14 35.99
N THR E 94 -28.10 -20.22 36.60
CA THR E 94 -26.83 -20.60 37.18
C THR E 94 -26.74 -20.00 38.57
N PRO E 95 -25.99 -20.61 39.50
CA PRO E 95 -25.79 -19.97 40.80
C PRO E 95 -24.85 -18.77 40.77
N ASN E 96 -24.06 -18.63 39.72
CA ASN E 96 -23.11 -17.53 39.61
C ASN E 96 -23.85 -16.20 39.49
N PRO E 97 -23.42 -15.16 40.21
CA PRO E 97 -24.11 -13.86 40.11
C PRO E 97 -24.02 -13.20 38.74
N ALA E 98 -23.10 -13.55 37.87
CA ALA E 98 -23.04 -12.98 36.50
C ALA E 98 -24.01 -13.59 35.47
N ALA E 99 -24.51 -12.76 34.59
CA ALA E 99 -25.43 -13.16 33.51
C ALA E 99 -24.76 -12.84 32.18
N SER E 100 -25.06 -13.64 31.18
CA SER E 100 -24.55 -13.41 29.81
C SER E 100 -25.75 -13.53 28.86
N ILE E 101 -26.04 -12.48 28.12
CA ILE E 101 -27.22 -12.48 27.21
C ILE E 101 -26.73 -12.25 25.80
N GLY E 102 -27.10 -13.17 24.95
CA GLY E 102 -26.67 -13.07 23.56
C GLY E 102 -27.78 -13.18 22.57
N LEU E 103 -27.60 -12.53 21.46
CA LEU E 103 -28.50 -12.66 20.31
C LEU E 103 -27.68 -13.19 19.16
N TYR E 104 -28.12 -14.30 18.57
CA TYR E 104 -27.37 -14.99 17.54
C TYR E 104 -28.21 -15.08 16.27
N VAL E 105 -27.55 -14.67 15.22
CA VAL E 105 -28.25 -14.61 13.92
C VAL E 105 -27.64 -15.56 12.90
N ASP E 106 -28.50 -16.24 12.14
CA ASP E 106 -28.06 -17.01 10.97
C ASP E 106 -27.82 -16.03 9.83
N CYS E 107 -26.60 -15.57 9.70
CA CYS E 107 -26.23 -14.56 8.70
C CYS E 107 -24.73 -14.41 8.75
N GLY E 108 -24.10 -14.05 7.67
CA GLY E 108 -22.65 -13.92 7.58
C GLY E 108 -22.19 -13.60 6.19
N SER E 109 -20.92 -13.72 5.93
CA SER E 109 -20.29 -13.38 4.67
C SER E 109 -20.85 -14.17 3.50
N ILE E 110 -21.38 -15.37 3.76
CA ILE E 110 -21.90 -16.21 2.68
C ILE E 110 -23.14 -15.60 2.04
N TYR E 111 -23.81 -14.67 2.72
CA TYR E 111 -25.01 -14.01 2.21
C TYR E 111 -24.70 -12.71 1.49
N GLU E 112 -23.42 -12.38 1.31
CA GLU E 112 -23.05 -11.06 0.78
C GLU E 112 -23.09 -11.01 -0.74
N ALA E 113 -22.56 -12.02 -1.40
CA ALA E 113 -22.40 -11.96 -2.85
C ALA E 113 -23.77 -11.90 -3.53
N PRO E 114 -23.97 -10.95 -4.44
CA PRO E 114 -23.13 -9.83 -4.86
C PRO E 114 -23.57 -8.53 -4.19
N TYR E 115 -22.87 -7.43 -4.48
CA TYR E 115 -23.24 -6.07 -4.08
C TYR E 115 -23.48 -5.89 -2.58
N PHE E 116 -23.00 -6.82 -1.74
CA PHE E 116 -22.98 -6.64 -0.30
C PHE E 116 -21.62 -7.02 0.30
N HIS E 117 -20.57 -6.98 -0.51
CA HIS E 117 -19.28 -7.53 -0.08
C HIS E 117 -18.65 -6.62 0.98
N GLY E 118 -18.41 -7.18 2.16
CA GLY E 118 -17.92 -6.42 3.30
C GLY E 118 -18.97 -6.00 4.28
N ALA E 119 -20.24 -6.30 4.03
CA ALA E 119 -21.33 -5.83 4.88
C ALA E 119 -21.24 -6.44 6.28
N THR E 120 -20.85 -7.72 6.36
CA THR E 120 -20.84 -8.42 7.64
C THR E 120 -19.81 -7.83 8.60
N HIS E 121 -18.60 -7.56 8.11
CA HIS E 121 -17.54 -7.00 8.96
C HIS E 121 -17.92 -5.60 9.44
N LEU E 122 -18.47 -4.78 8.54
CA LEU E 122 -18.98 -3.46 8.93
C LEU E 122 -20.07 -3.58 9.97
N LEU E 123 -20.99 -4.54 9.79
CA LEU E 123 -22.08 -4.71 10.75
C LEU E 123 -21.55 -5.06 12.13
N GLU E 124 -20.54 -5.93 12.19
CA GLU E 124 -19.95 -6.23 13.49
C GLU E 124 -19.30 -4.99 14.07
N ARG E 125 -18.65 -4.17 13.25
CA ARG E 125 -18.06 -2.94 13.76
C ARG E 125 -19.11 -1.90 14.13
N MET E 126 -20.31 -1.97 13.55
CA MET E 126 -21.37 -1.00 13.84
C MET E 126 -22.27 -1.44 14.99
N ALA E 127 -21.95 -2.53 15.67
CA ALA E 127 -22.78 -3.01 16.75
C ALA E 127 -22.77 -2.03 17.92
N PHE E 128 -23.93 -1.90 18.57
CA PHE E 128 -24.10 -1.06 19.75
C PHE E 128 -23.75 0.40 19.48
N LYS E 129 -24.04 0.86 18.26
CA LYS E 129 -23.99 2.27 17.91
C LYS E 129 -25.38 2.89 18.12
N SER E 130 -25.59 4.08 17.60
CA SER E 130 -26.86 4.78 17.77
C SER E 130 -28.02 3.95 17.20
N THR E 131 -29.15 3.96 17.90
CA THR E 131 -30.38 3.37 17.43
C THR E 131 -31.41 4.47 17.17
N LEU E 132 -32.58 4.06 16.69
CA LEU E 132 -33.67 5.02 16.49
C LEU E 132 -34.22 5.55 17.80
N ASN E 133 -33.89 4.93 18.93
CA ASN E 133 -34.44 5.32 20.22
C ASN E 133 -33.42 5.91 21.18
N ARG E 134 -32.13 5.75 20.93
CA ARG E 134 -31.11 6.27 21.83
C ARG E 134 -29.82 6.52 21.06
N THR E 135 -29.12 7.59 21.42
CA THR E 135 -27.85 7.89 20.80
C THR E 135 -26.79 6.88 21.24
N HIS E 136 -25.69 6.83 20.49
CA HIS E 136 -24.55 6.02 20.89
C HIS E 136 -24.06 6.41 22.27
N PHE E 137 -24.04 7.72 22.55
CA PHE E 137 -23.58 8.20 23.85
C PHE E 137 -24.45 7.68 24.98
N ARG E 138 -25.77 7.74 24.82
CA ARG E 138 -26.66 7.26 25.86
C ARG E 138 -26.58 5.75 26.01
N LEU E 139 -26.38 5.03 24.91
CA LEU E 139 -26.20 3.58 24.98
C LEU E 139 -24.96 3.21 25.80
N VAL E 140 -23.83 3.85 25.49
CA VAL E 140 -22.61 3.59 26.23
C VAL E 140 -22.79 3.93 27.70
N ARG E 141 -23.45 5.05 27.99
CA ARG E 141 -23.65 5.43 29.39
C ARG E 141 -24.57 4.44 30.11
N GLU E 142 -25.60 3.95 29.42
CA GLU E 142 -26.50 2.97 30.02
C GLU E 142 -25.75 1.68 30.36
N ILE E 143 -24.91 1.21 29.44
CA ILE E 143 -24.17 -0.03 29.69
C ILE E 143 -23.15 0.18 30.79
N GLU E 144 -22.47 1.34 30.81
CA GLU E 144 -21.50 1.62 31.85
C GLU E 144 -22.15 1.76 33.22
N ALA E 145 -23.39 2.24 33.27
CA ALA E 145 -24.06 2.46 34.54
C ALA E 145 -24.31 1.16 35.28
N ILE E 146 -24.52 0.06 34.56
CA ILE E 146 -24.74 -1.25 35.17
C ILE E 146 -23.48 -2.10 35.18
N GLY E 147 -22.33 -1.50 34.90
CA GLY E 147 -21.08 -2.25 34.86
C GLY E 147 -21.04 -3.34 33.81
N GLY E 148 -21.67 -3.11 32.66
CA GLY E 148 -21.76 -4.12 31.64
C GLY E 148 -20.62 -4.07 30.63
N ASN E 149 -20.51 -5.14 29.86
CA ASN E 149 -19.59 -5.23 28.75
C ASN E 149 -20.33 -5.79 27.54
N THR E 150 -20.09 -5.20 26.37
CA THR E 150 -20.69 -5.65 25.13
C THR E 150 -19.63 -6.21 24.21
N SER E 151 -20.08 -7.08 23.29
CA SER E 151 -19.18 -7.70 22.33
C SER E 151 -20.01 -8.18 21.16
N ALA E 152 -19.40 -8.13 19.97
CA ALA E 152 -20.05 -8.58 18.75
C ALA E 152 -19.04 -9.33 17.91
N SER E 153 -19.56 -10.37 17.29
CA SER E 153 -18.72 -11.22 16.42
C SER E 153 -19.34 -11.53 15.06
N ALA E 154 -18.50 -11.45 14.07
CA ALA E 154 -18.96 -11.84 12.73
C ALA E 154 -18.08 -12.98 12.20
N SER E 155 -18.71 -13.94 11.60
CA SER E 155 -18.04 -15.09 10.97
C SER E 155 -18.65 -15.30 9.58
N ARG E 156 -18.21 -16.31 8.87
CA ARG E 156 -18.77 -16.70 7.56
C ARG E 156 -20.26 -17.07 7.61
N GLU E 157 -20.78 -17.66 8.68
CA GLU E 157 -22.16 -18.19 8.76
C GLU E 157 -22.92 -17.76 10.01
N GLN E 158 -22.34 -16.89 10.82
CA GLN E 158 -22.95 -16.52 12.10
C GLN E 158 -22.59 -15.11 12.57
N MET E 159 -23.58 -14.43 13.11
CA MET E 159 -23.35 -13.09 13.70
C MET E 159 -23.76 -13.23 15.16
N SER E 160 -23.02 -12.63 16.07
CA SER E 160 -23.39 -12.67 17.50
C SER E 160 -23.34 -11.28 18.20
N TYR E 161 -24.24 -11.04 19.14
CA TYR E 161 -24.24 -9.82 19.94
C TYR E 161 -24.45 -10.22 21.39
N THR E 162 -23.50 -9.89 22.25
CA THR E 162 -23.53 -10.33 23.65
C THR E 162 -23.38 -9.15 24.59
N ILE E 163 -24.14 -9.24 25.66
CA ILE E 163 -23.96 -8.33 26.82
C ILE E 163 -23.69 -9.19 28.09
N ASP E 164 -22.71 -8.83 28.89
CA ASP E 164 -22.40 -9.49 30.20
C ASP E 164 -22.54 -8.47 31.33
N ALA E 165 -23.24 -8.84 32.38
CA ALA E 165 -23.43 -7.98 33.55
C ALA E 165 -23.91 -8.84 34.71
N LEU E 166 -24.09 -8.21 35.86
CA LEU E 166 -24.66 -8.89 37.02
C LEU E 166 -26.12 -9.24 36.76
N LYS E 167 -26.59 -10.28 37.47
CA LYS E 167 -27.89 -10.87 37.16
C LYS E 167 -29.04 -9.93 37.50
N THR E 168 -28.82 -8.95 38.37
CA THR E 168 -29.90 -8.05 38.75
C THR E 168 -30.27 -7.07 37.63
N TYR E 169 -29.47 -6.98 36.58
CA TYR E 169 -29.69 -6.01 35.52
C TYR E 169 -30.24 -6.63 34.24
N VAL E 170 -30.84 -7.81 34.33
CA VAL E 170 -31.33 -8.50 33.13
C VAL E 170 -32.26 -7.64 32.28
N PRO E 171 -33.27 -6.96 32.85
CA PRO E 171 -34.15 -6.13 31.99
C PRO E 171 -33.40 -5.08 31.19
N GLU E 172 -32.43 -4.38 31.82
CA GLU E 172 -31.66 -3.37 31.11
C GLU E 172 -30.84 -4.00 29.98
N MET E 173 -30.20 -5.13 30.24
CA MET E 173 -29.41 -5.78 29.20
C MET E 173 -30.29 -6.21 28.03
N VAL E 174 -31.45 -6.81 28.31
CA VAL E 174 -32.31 -7.26 27.22
C VAL E 174 -32.82 -6.08 26.41
N GLU E 175 -33.27 -5.02 27.09
CA GLU E 175 -33.76 -3.84 26.39
C GLU E 175 -32.68 -3.28 25.47
N VAL E 176 -31.48 -3.06 26.02
CA VAL E 176 -30.41 -2.46 25.23
C VAL E 176 -30.01 -3.36 24.07
N LEU E 177 -29.90 -4.67 24.31
CA LEU E 177 -29.47 -5.60 23.26
C LEU E 177 -30.48 -5.64 22.12
N ILE E 178 -31.76 -5.78 22.44
CA ILE E 178 -32.78 -5.91 21.40
C ILE E 178 -32.92 -4.60 20.64
N ASP E 179 -32.89 -3.46 21.34
CA ASP E 179 -32.90 -2.18 20.63
C ASP E 179 -31.70 -2.05 19.71
N SER E 180 -30.52 -2.47 20.17
CA SER E 180 -29.31 -2.33 19.38
C SER E 180 -29.37 -3.17 18.11
N VAL E 181 -29.92 -4.38 18.20
CA VAL E 181 -29.93 -5.24 17.02
C VAL E 181 -31.11 -4.93 16.09
N ARG E 182 -32.30 -4.66 16.65
CA ARG E 182 -33.49 -4.46 15.82
C ARG E 182 -33.54 -3.10 15.16
N ASN E 183 -33.11 -2.04 15.85
CA ASN E 183 -33.36 -0.70 15.35
C ASN E 183 -32.10 0.12 15.15
N PRO E 184 -31.10 -0.33 14.40
CA PRO E 184 -29.93 0.51 14.17
C PRO E 184 -30.30 1.75 13.38
N ALA E 185 -29.64 2.87 13.70
CA ALA E 185 -29.87 4.09 12.95
C ALA E 185 -29.00 4.15 11.70
N PHE E 186 -27.83 3.52 11.73
CA PHE E 186 -26.86 3.55 10.64
C PHE E 186 -26.62 4.97 10.13
N LEU E 187 -26.34 5.87 11.08
CA LEU E 187 -26.04 7.25 10.73
C LEU E 187 -24.76 7.33 9.92
N ASP E 188 -24.73 8.23 8.94
CA ASP E 188 -23.65 8.25 7.97
C ASP E 188 -22.31 8.58 8.60
N TRP E 189 -22.27 9.51 9.56
CA TRP E 189 -21.00 9.87 10.18
C TRP E 189 -20.43 8.70 11.00
N GLU E 190 -21.30 7.98 11.71
CA GLU E 190 -20.85 6.82 12.47
C GLU E 190 -20.34 5.71 11.54
N VAL E 191 -21.05 5.48 10.43
CA VAL E 191 -20.61 4.49 9.45
C VAL E 191 -19.26 4.89 8.85
N ASN E 192 -19.09 6.17 8.53
CA ASN E 192 -17.82 6.62 7.97
C ASN E 192 -16.68 6.45 8.95
N GLU E 193 -16.93 6.72 10.24
CA GLU E 193 -15.92 6.47 11.26
C GLU E 193 -15.54 4.99 11.32
N GLU E 194 -16.53 4.11 11.30
CA GLU E 194 -16.23 2.68 11.39
C GLU E 194 -15.52 2.19 10.12
N LEU E 195 -15.83 2.78 8.96
CA LEU E 195 -15.09 2.46 7.74
C LEU E 195 -13.64 2.90 7.84
N ARG E 196 -13.41 4.08 8.41
CA ARG E 196 -12.05 4.56 8.62
C ARG E 196 -11.27 3.61 9.52
N LYS E 197 -11.92 3.08 10.56
CA LYS E 197 -11.24 2.11 11.42
C LYS E 197 -11.05 0.76 10.71
N MET E 198 -12.00 0.40 9.86
CA MET E 198 -11.91 -0.86 9.12
C MET E 198 -10.72 -0.85 8.18
N LYS E 199 -10.42 0.31 7.58
CA LYS E 199 -9.25 0.41 6.71
C LYS E 199 -7.98 -0.02 7.44
N VAL E 200 -7.75 0.55 8.63
CA VAL E 200 -6.53 0.23 9.36
C VAL E 200 -6.58 -1.20 9.89
N GLU E 201 -7.77 -1.71 10.24
CA GLU E 201 -7.84 -3.10 10.68
C GLU E 201 -7.47 -4.06 9.54
N ILE E 202 -7.91 -3.75 8.32
CA ILE E 202 -7.52 -4.54 7.15
C ILE E 202 -6.02 -4.44 6.91
N ALA E 203 -5.47 -3.22 7.01
CA ALA E 203 -4.04 -3.03 6.78
C ALA E 203 -3.21 -3.82 7.78
N GLU E 204 -3.61 -3.84 9.05
CA GLU E 204 -2.90 -4.57 10.08
C GLU E 204 -3.38 -6.02 10.18
N LEU E 205 -3.40 -6.71 9.04
CA LEU E 205 -3.76 -8.12 8.96
C LEU E 205 -2.64 -8.98 8.39
N ALA E 206 -1.88 -8.46 7.41
CA ALA E 206 -0.73 -9.18 6.91
C ALA E 206 0.33 -9.37 7.98
N LYS E 207 0.33 -8.53 9.03
CA LYS E 207 1.25 -8.69 10.13
C LYS E 207 1.04 -10.00 10.88
N ASN E 208 -0.12 -10.64 10.70
CA ASN E 208 -0.39 -11.95 11.29
C ASN E 208 -0.50 -12.97 10.17
N PRO E 209 0.60 -13.69 9.85
CA PRO E 209 0.52 -14.68 8.76
C PRO E 209 -0.49 -15.78 9.00
N MET E 210 -0.70 -16.18 10.26
CA MET E 210 -1.66 -17.23 10.57
C MET E 210 -3.04 -16.88 10.03
N GLY E 211 -3.61 -15.78 10.50
CA GLY E 211 -4.95 -15.41 10.08
C GLY E 211 -5.03 -15.05 8.61
N PHE E 212 -3.97 -14.43 8.08
CA PHE E 212 -3.96 -14.09 6.66
C PHE E 212 -4.05 -15.33 5.80
N LEU E 213 -3.24 -16.35 6.11
CA LEU E 213 -3.31 -17.61 5.37
C LEU E 213 -4.64 -18.31 5.60
N LEU E 214 -5.15 -18.29 6.83
CA LEU E 214 -6.42 -18.94 7.13
C LEU E 214 -7.54 -18.32 6.32
N GLU E 215 -7.50 -17.01 6.12
CA GLU E 215 -8.48 -16.34 5.27
C GLU E 215 -8.26 -16.67 3.80
N ALA E 216 -7.01 -16.64 3.36
CA ALA E 216 -6.71 -16.83 1.95
C ALA E 216 -7.10 -18.23 1.46
N ILE E 217 -6.83 -19.24 2.28
CA ILE E 217 -7.15 -20.62 1.88
C ILE E 217 -8.63 -20.94 1.97
N HIS E 218 -9.44 -20.07 2.57
CA HIS E 218 -10.89 -20.24 2.46
C HIS E 218 -11.36 -19.90 1.06
N SER E 219 -10.85 -18.82 0.48
CA SER E 219 -11.23 -18.44 -0.87
C SER E 219 -10.49 -19.24 -1.93
N ALA E 220 -9.28 -19.72 -1.61
CA ALA E 220 -8.52 -20.50 -2.58
C ALA E 220 -8.99 -21.93 -2.68
N GLY E 221 -9.75 -22.42 -1.70
CA GLY E 221 -10.17 -23.80 -1.69
C GLY E 221 -11.63 -24.04 -1.96
N TYR E 222 -12.47 -23.07 -1.60
CA TYR E 222 -13.90 -23.14 -1.84
C TYR E 222 -14.27 -22.31 -3.06
N SER E 223 -15.38 -22.68 -3.68
CA SER E 223 -16.00 -21.91 -4.74
C SER E 223 -17.42 -21.56 -4.31
N GLY E 224 -17.81 -20.30 -4.54
CA GLY E 224 -19.12 -19.84 -4.17
C GLY E 224 -19.13 -18.98 -2.92
N PRO E 225 -20.22 -19.07 -2.16
CA PRO E 225 -20.38 -18.15 -1.01
C PRO E 225 -19.30 -18.27 0.04
N LEU E 226 -18.83 -19.48 0.33
CA LEU E 226 -17.82 -19.63 1.38
C LEU E 226 -16.46 -19.11 0.95
N ALA E 227 -16.27 -18.85 -0.34
CA ALA E 227 -15.08 -18.17 -0.80
C ALA E 227 -15.18 -16.66 -0.70
N SER E 228 -16.35 -16.13 -0.38
CA SER E 228 -16.49 -14.70 -0.16
C SER E 228 -15.69 -14.29 1.06
N PRO E 229 -14.80 -13.32 0.97
CA PRO E 229 -13.98 -12.94 2.12
C PRO E 229 -14.82 -12.40 3.27
N LEU E 230 -14.44 -12.78 4.49
CA LEU E 230 -14.93 -12.08 5.66
C LEU E 230 -14.32 -10.68 5.76
N TYR E 231 -13.05 -10.55 5.34
CA TYR E 231 -12.36 -9.28 5.27
C TYR E 231 -12.42 -8.78 3.83
N ALA E 232 -13.24 -7.77 3.60
CA ALA E 232 -13.41 -7.26 2.24
C ALA E 232 -12.22 -6.41 1.82
N PRO E 233 -11.93 -6.34 0.52
CA PRO E 233 -10.82 -5.50 0.06
C PRO E 233 -11.16 -4.03 0.16
N GLU E 234 -10.11 -3.21 0.11
CA GLU E 234 -10.29 -1.77 0.26
C GLU E 234 -10.73 -1.15 -1.07
N SER E 235 -11.70 -1.76 -1.71
CA SER E 235 -12.45 -1.24 -2.84
C SER E 235 -13.95 -1.39 -2.64
N ALA E 236 -14.39 -2.48 -2.02
CA ALA E 236 -15.77 -2.61 -1.62
C ALA E 236 -16.11 -1.73 -0.42
N LEU E 237 -15.09 -1.22 0.27
CA LEU E 237 -15.34 -0.35 1.42
C LEU E 237 -15.73 1.05 1.01
N ASP E 238 -15.14 1.57 -0.08
CA ASP E 238 -15.50 2.89 -0.59
C ASP E 238 -16.94 2.95 -1.05
N ARG E 239 -17.59 1.80 -1.26
CA ARG E 239 -18.97 1.75 -1.69
C ARG E 239 -19.94 1.40 -0.57
N LEU E 240 -19.44 0.92 0.57
CA LEU E 240 -20.31 0.60 1.69
C LEU E 240 -20.85 1.87 2.32
N ASN E 241 -22.13 1.93 2.65
CA ASN E 241 -22.82 3.14 3.21
C ASN E 241 -23.93 2.61 4.13
N GLY E 242 -24.66 3.48 4.86
CA GLY E 242 -25.69 3.08 5.84
C GLY E 242 -26.93 2.48 5.25
N GLU E 243 -27.26 2.84 4.03
CA GLU E 243 -28.48 2.36 3.34
C GLU E 243 -28.20 0.96 2.80
N LEU E 244 -27.01 0.77 2.25
CA LEU E 244 -26.61 -0.59 1.79
C LEU E 244 -26.63 -1.55 3.00
N LEU E 245 -26.21 -1.12 4.20
CA LEU E 245 -26.24 -1.95 5.43
C LEU E 245 -27.66 -2.12 5.94
N GLU E 246 -28.49 -1.11 5.78
CA GLU E 246 -29.91 -1.23 6.17
C GLU E 246 -30.65 -2.17 5.22
N GLU E 247 -30.28 -2.18 3.94
CA GLU E 247 -30.97 -3.15 3.06
C GLU E 247 -30.50 -4.57 3.43
N PHE E 248 -29.22 -4.69 3.71
CA PHE E 248 -28.70 -6.01 4.05
C PHE E 248 -29.35 -6.56 5.32
N MET E 249 -29.57 -5.70 6.33
CA MET E 249 -30.08 -6.16 7.60
C MET E 249 -31.57 -6.46 7.55
N THR E 250 -32.35 -5.68 6.79
CA THR E 250 -33.80 -5.88 6.80
C THR E 250 -34.17 -7.23 6.21
N GLU E 251 -33.46 -7.68 5.18
CA GLU E 251 -33.77 -8.93 4.50
C GLU E 251 -33.04 -10.13 5.09
N ASN E 252 -32.20 -9.94 6.09
CA ASN E 252 -31.45 -11.05 6.68
C ASN E 252 -31.72 -11.24 8.15
N PHE E 253 -31.85 -10.15 8.92
CA PHE E 253 -32.07 -10.24 10.36
C PHE E 253 -33.56 -10.44 10.63
N THR E 254 -34.02 -11.64 10.32
CA THR E 254 -35.41 -12.02 10.54
C THR E 254 -35.53 -12.96 11.73
N ALA E 255 -36.73 -13.01 12.31
CA ALA E 255 -36.92 -13.69 13.59
C ALA E 255 -36.59 -15.17 13.50
N ALA E 256 -36.97 -15.83 12.40
CA ALA E 256 -36.75 -17.26 12.28
C ALA E 256 -35.28 -17.63 12.21
N ARG E 257 -34.41 -16.66 11.92
CA ARG E 257 -32.97 -16.88 11.90
C ARG E 257 -32.29 -16.32 13.15
N MET E 258 -33.04 -16.02 14.20
CA MET E 258 -32.52 -15.37 15.40
C MET E 258 -32.74 -16.26 16.62
N VAL E 259 -31.73 -16.29 17.49
CA VAL E 259 -31.80 -16.99 18.77
C VAL E 259 -31.40 -16.03 19.86
N LEU E 260 -32.23 -15.92 20.90
CA LEU E 260 -31.92 -15.14 22.09
C LEU E 260 -31.54 -16.10 23.21
N ALA E 261 -30.26 -16.15 23.51
CA ALA E 261 -29.78 -17.11 24.53
C ALA E 261 -29.25 -16.42 25.78
N ALA E 262 -29.66 -16.92 26.93
CA ALA E 262 -29.21 -16.34 28.19
C ALA E 262 -28.65 -17.38 29.18
N SER E 263 -27.48 -17.11 29.72
CA SER E 263 -26.98 -17.96 30.84
C SER E 263 -26.99 -17.09 32.09
N GLY E 264 -27.78 -17.44 33.08
CA GLY E 264 -27.73 -16.74 34.38
C GLY E 264 -29.02 -16.05 34.66
N VAL E 265 -30.04 -16.51 34.03
CA VAL E 265 -31.29 -15.77 34.15
C VAL E 265 -32.44 -16.78 34.28
N GLU E 266 -33.48 -16.37 34.96
CA GLU E 266 -34.72 -17.15 35.01
C GLU E 266 -35.53 -16.92 33.74
N HIS E 267 -36.18 -17.98 33.28
CA HIS E 267 -36.90 -17.93 32.01
C HIS E 267 -38.12 -17.01 32.07
N GLU E 268 -38.76 -16.89 33.24
CA GLU E 268 -40.05 -16.22 33.32
C GLU E 268 -39.94 -14.73 33.02
N GLU E 269 -39.20 -13.98 33.85
CA GLU E 269 -39.08 -12.55 33.60
C GLU E 269 -38.26 -12.24 32.36
N LEU E 270 -37.36 -13.14 31.95
CA LEU E 270 -36.69 -12.97 30.67
C LEU E 270 -37.70 -12.95 29.53
N LEU E 271 -38.64 -13.90 29.54
CA LEU E 271 -39.72 -13.86 28.56
C LEU E 271 -40.57 -12.60 28.74
N LYS E 272 -40.84 -12.23 29.99
CA LYS E 272 -41.66 -11.06 30.28
C LYS E 272 -41.09 -9.80 29.63
N VAL E 273 -39.77 -9.66 29.66
CA VAL E 273 -39.15 -8.48 29.06
C VAL E 273 -39.00 -8.65 27.55
N ALA E 274 -38.65 -9.85 27.09
CA ALA E 274 -38.26 -10.03 25.70
C ALA E 274 -39.47 -10.06 24.75
N GLU E 275 -40.59 -10.65 25.19
CA GLU E 275 -41.71 -10.83 24.27
C GLU E 275 -42.25 -9.52 23.70
N PRO E 276 -42.51 -8.47 24.50
CA PRO E 276 -43.00 -7.22 23.91
C PRO E 276 -42.03 -6.57 22.95
N LEU E 277 -40.74 -6.88 23.01
CA LEU E 277 -39.76 -6.27 22.13
C LEU E 277 -39.46 -7.08 20.88
N THR E 278 -39.99 -8.30 20.76
CA THR E 278 -39.69 -9.15 19.62
C THR E 278 -40.91 -9.81 18.97
N SER E 279 -42.08 -9.81 19.63
CA SER E 279 -43.21 -10.55 19.10
C SER E 279 -43.79 -9.92 17.83
N ASP E 280 -43.48 -8.66 17.56
CA ASP E 280 -44.03 -7.96 16.40
C ASP E 280 -43.16 -8.12 15.16
N LEU E 281 -42.09 -8.90 15.24
CA LEU E 281 -41.30 -9.18 14.06
C LEU E 281 -42.10 -10.02 13.08
N PRO E 282 -42.10 -9.68 11.80
CA PRO E 282 -42.88 -10.46 10.83
C PRO E 282 -42.37 -11.89 10.69
N ASN E 283 -43.29 -12.81 10.49
CA ASN E 283 -42.95 -14.21 10.25
C ASN E 283 -42.60 -14.38 8.77
N VAL E 284 -41.33 -14.57 8.47
CA VAL E 284 -40.88 -14.70 7.08
C VAL E 284 -40.45 -16.14 6.86
N PRO E 285 -40.64 -16.68 5.66
CA PRO E 285 -40.30 -18.07 5.41
C PRO E 285 -38.80 -18.29 5.56
N PRO E 286 -38.38 -19.51 5.89
CA PRO E 286 -36.94 -19.80 5.94
C PRO E 286 -36.37 -19.94 4.53
N GLN E 287 -35.29 -19.22 4.27
CA GLN E 287 -34.58 -19.30 3.01
C GLN E 287 -33.48 -20.36 3.08
N LEU E 288 -33.25 -21.03 1.95
CA LEU E 288 -32.26 -22.08 1.89
C LEU E 288 -30.84 -21.49 1.92
N ALA E 289 -29.95 -22.18 2.62
CA ALA E 289 -28.59 -21.69 2.75
C ALA E 289 -27.90 -21.67 1.39
N PRO E 290 -27.18 -20.60 1.05
CA PRO E 290 -26.40 -20.62 -0.19
C PRO E 290 -25.37 -21.74 -0.16
N LYS E 291 -25.27 -22.46 -1.27
CA LYS E 291 -24.47 -23.69 -1.33
C LYS E 291 -23.06 -23.37 -1.82
N SER E 292 -22.08 -23.91 -1.11
CA SER E 292 -20.68 -23.76 -1.48
C SER E 292 -20.15 -25.10 -1.98
N GLN E 293 -19.04 -25.04 -2.71
CA GLN E 293 -18.43 -26.23 -3.28
C GLN E 293 -16.94 -26.21 -2.97
N TYR E 294 -16.47 -27.22 -2.26
CA TYR E 294 -15.03 -27.41 -2.15
C TYR E 294 -14.48 -27.92 -3.46
N VAL E 295 -13.49 -27.21 -3.99
CA VAL E 295 -12.87 -27.59 -5.25
C VAL E 295 -11.37 -27.78 -5.12
N GLY E 296 -10.73 -27.22 -4.11
CA GLY E 296 -9.29 -27.22 -4.00
C GLY E 296 -8.69 -26.12 -4.86
N GLY E 297 -7.50 -25.65 -4.48
CA GLY E 297 -6.87 -24.59 -5.24
C GLY E 297 -5.58 -24.16 -4.58
N ASP E 298 -4.95 -23.15 -5.17
CA ASP E 298 -3.65 -22.68 -4.72
C ASP E 298 -3.66 -21.17 -4.51
N PHE E 299 -3.15 -20.75 -3.36
CA PHE E 299 -2.86 -19.35 -3.08
C PHE E 299 -1.37 -19.09 -3.30
N ARG E 300 -1.01 -17.83 -3.55
CA ARG E 300 0.38 -17.44 -3.65
C ARG E 300 0.52 -15.92 -3.64
N GLN E 301 1.56 -15.42 -2.97
CA GLN E 301 1.89 -14.00 -3.02
C GLN E 301 3.32 -13.83 -2.54
N HIS E 302 4.13 -13.15 -3.35
CA HIS E 302 5.55 -12.94 -3.05
C HIS E 302 5.70 -11.53 -2.47
N THR E 303 5.88 -11.45 -1.16
CA THR E 303 6.00 -10.19 -0.45
C THR E 303 7.40 -9.96 0.08
N GLY E 304 8.40 -10.67 -0.43
CA GLY E 304 9.73 -10.56 0.12
C GLY E 304 9.80 -11.19 1.50
N GLY E 305 10.78 -10.72 2.28
CA GLY E 305 10.98 -11.24 3.62
C GLY E 305 11.75 -12.55 3.63
N GLU E 306 12.10 -12.98 4.84
CA GLU E 306 12.88 -14.19 5.04
C GLU E 306 12.16 -15.16 5.96
N ALA E 307 10.83 -15.25 5.82
CA ALA E 307 10.05 -16.16 6.65
C ALA E 307 8.87 -16.64 5.82
N THR E 308 9.06 -17.78 5.14
CA THR E 308 7.97 -18.34 4.33
C THR E 308 6.93 -18.97 5.24
N HIS E 309 5.67 -18.62 4.99
CA HIS E 309 4.54 -19.20 5.70
C HIS E 309 3.69 -19.99 4.72
N PHE E 310 3.32 -21.21 5.11
CA PHE E 310 2.51 -22.05 4.24
C PHE E 310 1.36 -22.64 5.03
N ALA E 311 0.33 -23.08 4.30
CA ALA E 311 -0.78 -23.80 4.88
C ALA E 311 -1.23 -24.87 3.90
N VAL E 312 -1.34 -26.10 4.39
CA VAL E 312 -1.81 -27.23 3.59
C VAL E 312 -3.10 -27.71 4.21
N ALA E 313 -4.18 -27.66 3.45
CA ALA E 313 -5.51 -27.92 3.99
C ALA E 313 -6.28 -28.88 3.09
N PHE E 314 -7.18 -29.64 3.72
CA PHE E 314 -8.05 -30.57 3.05
C PHE E 314 -9.48 -30.37 3.56
N GLU E 315 -10.42 -31.08 2.95
CA GLU E 315 -11.83 -30.91 3.25
C GLU E 315 -12.31 -32.00 4.21
N VAL E 316 -13.04 -31.59 5.23
CA VAL E 316 -13.63 -32.53 6.19
C VAL E 316 -15.13 -32.23 6.27
N PRO E 317 -15.92 -33.19 6.77
CA PRO E 317 -17.36 -32.94 6.93
C PRO E 317 -17.64 -31.84 7.93
N GLY E 318 -18.79 -31.18 7.74
CA GLY E 318 -19.24 -30.11 8.60
C GLY E 318 -20.01 -30.61 9.81
N TRP E 319 -20.55 -29.65 10.57
CA TRP E 319 -21.28 -29.97 11.79
C TRP E 319 -22.53 -30.80 11.54
N ASN E 320 -23.11 -30.72 10.34
CA ASN E 320 -24.26 -31.55 10.03
C ASN E 320 -23.92 -33.05 10.02
N ASN E 321 -22.63 -33.38 9.93
CA ASN E 321 -22.20 -34.78 9.99
C ASN E 321 -21.82 -35.12 11.42
N GLU E 322 -22.76 -35.70 12.16
CA GLU E 322 -22.43 -36.26 13.46
C GLU E 322 -21.38 -37.34 13.29
N LYS E 323 -20.35 -37.31 14.15
CA LYS E 323 -19.12 -38.07 13.96
C LYS E 323 -18.43 -37.64 12.66
N GLU E 324 -17.14 -37.96 12.53
CA GLU E 324 -16.29 -37.55 11.42
C GLU E 324 -15.97 -36.05 11.48
N ALA E 325 -16.60 -35.34 12.42
CA ALA E 325 -16.17 -34.00 12.82
C ALA E 325 -15.53 -34.01 14.19
N VAL E 326 -16.11 -34.78 15.12
CA VAL E 326 -15.39 -35.24 16.29
C VAL E 326 -14.02 -35.77 15.90
N THR E 327 -13.99 -36.60 14.84
CA THR E 327 -12.75 -37.18 14.39
C THR E 327 -11.80 -36.10 13.88
N ALA E 328 -12.34 -35.05 13.26
CA ALA E 328 -11.50 -33.96 12.80
C ALA E 328 -10.86 -33.22 13.98
N THR E 329 -11.63 -32.97 15.03
CA THR E 329 -11.05 -32.32 16.22
C THR E 329 -9.97 -33.20 16.85
N VAL E 330 -10.25 -34.50 16.95
CA VAL E 330 -9.27 -35.43 17.52
C VAL E 330 -8.00 -35.45 16.67
N LEU E 331 -8.15 -35.48 15.35
CA LEU E 331 -7.00 -35.49 14.45
C LEU E 331 -6.20 -34.20 14.57
N GLN E 332 -6.88 -33.06 14.72
CA GLN E 332 -6.17 -31.81 14.97
C GLN E 332 -5.35 -31.89 16.25
N MET E 333 -5.92 -32.49 17.29
CA MET E 333 -5.16 -32.65 18.52
C MET E 333 -4.04 -33.67 18.39
N LEU E 334 -4.15 -34.63 17.47
CA LEU E 334 -3.09 -35.61 17.25
C LEU E 334 -1.79 -34.92 16.86
N MET E 335 -1.85 -33.97 15.95
CA MET E 335 -0.69 -33.14 15.64
C MET E 335 -0.47 -32.04 16.66
N GLY E 336 -1.55 -31.48 17.22
CA GLY E 336 -1.40 -30.36 18.12
C GLY E 336 -0.73 -29.21 17.41
N GLY E 337 0.28 -28.65 18.05
CA GLY E 337 1.06 -27.61 17.41
C GLY E 337 1.83 -26.79 18.43
N GLY E 338 2.70 -25.94 17.90
CA GLY E 338 3.51 -25.05 18.71
C GLY E 338 4.53 -24.30 17.88
N GLY E 339 4.69 -23.01 18.16
CA GLY E 339 5.64 -22.18 17.43
C GLY E 339 6.54 -21.43 18.39
N SER E 340 7.65 -20.92 17.83
CA SER E 340 8.64 -20.20 18.62
C SER E 340 8.26 -18.73 18.78
N PHE E 341 7.04 -18.49 19.26
CA PHE E 341 6.58 -17.16 19.62
C PHE E 341 6.40 -16.98 21.12
N SER E 342 5.85 -17.99 21.79
CA SER E 342 5.69 -17.97 23.24
C SER E 342 6.22 -19.28 23.80
N ALA E 343 6.76 -19.20 25.02
CA ALA E 343 7.32 -20.36 25.70
C ALA E 343 6.74 -20.46 27.09
N GLY E 344 6.65 -21.70 27.59
CA GLY E 344 6.11 -21.95 28.91
C GLY E 344 6.55 -23.31 29.40
N GLY E 345 6.19 -23.59 30.65
CA GLY E 345 6.55 -24.83 31.28
C GLY E 345 5.85 -26.01 30.63
N PRO E 346 6.40 -27.21 30.78
CA PRO E 346 5.77 -28.40 30.23
C PRO E 346 4.42 -28.67 30.88
N GLY E 347 3.75 -29.70 30.37
CA GLY E 347 2.42 -30.05 30.82
C GLY E 347 1.29 -29.47 29.97
N LYS E 348 1.61 -28.60 29.02
CA LYS E 348 0.63 -28.09 28.07
C LYS E 348 0.43 -29.01 26.88
N GLY E 349 1.17 -30.11 26.79
CA GLY E 349 1.01 -31.05 25.70
C GLY E 349 2.01 -30.88 24.58
N MET E 350 3.29 -30.75 24.93
CA MET E 350 4.32 -30.56 23.91
C MET E 350 4.60 -31.83 23.10
N HIS E 351 4.17 -33.01 23.58
CA HIS E 351 4.35 -34.24 22.82
C HIS E 351 3.38 -34.36 21.66
N SER E 352 2.45 -33.41 21.50
CA SER E 352 1.62 -33.37 20.30
C SER E 352 2.50 -33.31 19.07
N TRP E 353 2.10 -34.04 18.02
CA TRP E 353 3.06 -34.31 16.96
C TRP E 353 3.21 -33.14 16.00
N LEU E 354 3.34 -31.94 16.53
CA LEU E 354 3.97 -30.80 15.88
C LEU E 354 4.93 -30.07 16.82
N TYR E 355 4.56 -29.95 18.10
CA TYR E 355 5.42 -29.23 19.07
C TYR E 355 6.73 -30.01 19.26
N ARG E 356 6.65 -31.32 19.48
CA ARG E 356 7.82 -32.15 19.72
C ARG E 356 8.55 -32.51 18.43
N ARG E 357 8.04 -32.08 17.27
CA ARG E 357 8.67 -32.37 15.99
C ARG E 357 9.30 -31.13 15.37
N VAL E 358 8.51 -30.07 15.13
CA VAL E 358 9.04 -28.88 14.47
C VAL E 358 9.85 -28.00 15.40
N LEU E 359 9.92 -28.34 16.68
CA LEU E 359 10.75 -27.62 17.64
C LEU E 359 11.79 -28.47 18.32
N ASN E 360 11.68 -29.80 18.24
CA ASN E 360 12.69 -30.71 18.78
C ASN E 360 13.36 -31.51 17.67
N GLU E 361 12.59 -32.23 16.86
CA GLU E 361 13.18 -32.94 15.72
C GLU E 361 13.57 -31.98 14.61
N TYR E 362 12.73 -30.98 14.36
CA TYR E 362 12.99 -29.93 13.38
C TYR E 362 13.17 -28.60 14.10
N GLN E 363 13.64 -27.59 13.37
CA GLN E 363 14.04 -26.36 14.01
C GLN E 363 13.66 -25.16 13.14
N GLU E 364 13.74 -23.97 13.75
CA GLU E 364 13.53 -22.69 13.09
C GLU E 364 12.12 -22.60 12.48
N VAL E 365 11.14 -22.62 13.37
CA VAL E 365 9.74 -22.42 13.01
C VAL E 365 9.23 -21.20 13.79
N GLN E 366 8.52 -20.31 13.10
CA GLN E 366 8.01 -19.10 13.74
C GLN E 366 6.70 -19.39 14.47
N SER E 367 5.70 -19.91 13.75
CA SER E 367 4.41 -20.24 14.35
C SER E 367 3.77 -21.35 13.52
N CYS E 368 3.89 -22.58 13.99
CA CYS E 368 3.40 -23.76 13.29
C CYS E 368 2.50 -24.59 14.19
N THR E 369 1.39 -25.06 13.64
CA THR E 369 0.42 -25.88 14.37
C THR E 369 -0.53 -26.51 13.36
N ALA E 370 -1.59 -27.14 13.86
CA ALA E 370 -2.66 -27.69 13.05
C ALA E 370 -3.93 -26.90 13.33
N PHE E 371 -4.59 -26.43 12.27
CA PHE E 371 -5.81 -25.64 12.40
C PHE E 371 -7.01 -26.45 11.95
N THR E 372 -8.19 -25.88 12.21
CA THR E 372 -9.44 -26.53 11.82
C THR E 372 -10.50 -25.44 11.68
N SER E 373 -11.23 -25.47 10.57
CA SER E 373 -12.29 -24.51 10.28
C SER E 373 -13.50 -25.28 9.78
N ILE E 374 -14.49 -25.45 10.65
CA ILE E 374 -15.67 -26.26 10.36
C ILE E 374 -16.86 -25.33 10.14
N PHE E 375 -17.76 -25.77 9.26
CA PHE E 375 -19.01 -25.09 9.01
C PHE E 375 -20.13 -26.11 9.09
N ASN E 376 -21.34 -25.71 8.72
CA ASN E 376 -22.50 -26.57 8.93
C ASN E 376 -22.41 -27.85 8.10
N ASP E 377 -22.00 -27.73 6.83
CA ASP E 377 -22.01 -28.87 5.91
C ASP E 377 -20.66 -29.14 5.29
N THR E 378 -19.62 -28.39 5.66
CA THR E 378 -18.28 -28.65 5.15
C THR E 378 -17.28 -28.09 6.15
N GLY E 379 -16.13 -28.74 6.23
CA GLY E 379 -15.08 -28.32 7.12
C GLY E 379 -13.74 -28.28 6.41
N LEU E 380 -12.74 -27.74 7.11
CA LEU E 380 -11.41 -27.59 6.56
C LEU E 380 -10.39 -27.94 7.64
N PHE E 381 -9.48 -28.86 7.32
CA PHE E 381 -8.44 -29.30 8.24
C PHE E 381 -7.07 -29.07 7.60
N GLY E 382 -6.12 -28.57 8.39
CA GLY E 382 -4.82 -28.30 7.82
C GLY E 382 -3.71 -28.10 8.84
N ILE E 383 -2.52 -27.89 8.31
CA ILE E 383 -1.31 -27.69 9.10
C ILE E 383 -0.64 -26.40 8.65
N TYR E 384 -0.09 -25.65 9.59
CA TYR E 384 0.66 -24.44 9.26
C TYR E 384 2.14 -24.76 9.10
N GLY E 385 2.96 -23.72 9.07
CA GLY E 385 4.41 -23.89 9.01
C GLY E 385 5.14 -22.60 8.76
N CYS E 386 6.40 -22.53 9.20
CA CYS E 386 7.23 -21.35 9.03
C CYS E 386 8.67 -21.79 8.81
N SER E 387 9.20 -21.49 7.63
CA SER E 387 10.57 -21.86 7.30
C SER E 387 11.37 -20.65 6.86
N SER E 388 12.59 -20.90 6.39
CA SER E 388 13.45 -19.88 5.81
C SER E 388 13.15 -19.75 4.32
N PRO E 389 13.70 -18.72 3.64
CA PRO E 389 13.46 -18.62 2.19
C PRO E 389 13.91 -19.84 1.40
N GLN E 390 15.06 -20.42 1.76
CA GLN E 390 15.55 -21.59 1.05
C GLN E 390 15.21 -22.91 1.74
N PHE E 391 14.75 -22.84 2.99
CA PHE E 391 14.30 -24.09 3.67
C PHE E 391 12.82 -24.32 3.39
N ALA E 392 12.22 -23.52 2.49
CA ALA E 392 10.81 -23.69 2.13
C ALA E 392 10.63 -24.62 0.95
N ALA E 393 11.26 -25.79 1.00
CA ALA E 393 10.98 -26.84 0.03
C ALA E 393 10.76 -28.15 0.78
N LYS E 394 11.44 -28.31 1.91
CA LYS E 394 11.36 -29.54 2.69
C LYS E 394 10.33 -29.46 3.80
N ALA E 395 9.97 -28.26 4.26
CA ALA E 395 8.95 -28.15 5.30
C ALA E 395 7.59 -28.63 4.80
N ILE E 396 7.24 -28.30 3.56
CA ILE E 396 5.95 -28.71 3.02
C ILE E 396 5.92 -30.22 2.81
N GLU E 397 7.00 -30.79 2.27
CA GLU E 397 7.08 -32.24 2.15
C GLU E 397 7.07 -32.90 3.52
N LEU E 398 7.64 -32.24 4.52
CA LEU E 398 7.63 -32.76 5.89
C LEU E 398 6.21 -32.87 6.42
N ALA E 399 5.43 -31.80 6.24
CA ALA E 399 4.02 -31.84 6.63
C ALA E 399 3.27 -32.91 5.85
N ALA E 400 3.54 -33.02 4.55
CA ALA E 400 2.92 -34.06 3.74
C ALA E 400 3.24 -35.45 4.29
N LYS E 401 4.50 -35.65 4.69
CA LYS E 401 4.91 -36.94 5.24
C LYS E 401 4.21 -37.22 6.57
N GLU E 402 4.05 -36.20 7.42
CA GLU E 402 3.32 -36.40 8.68
C GLU E 402 1.88 -36.83 8.42
N LEU E 403 1.20 -36.14 7.50
CA LEU E 403 -0.16 -36.53 7.13
C LEU E 403 -0.20 -37.95 6.55
N LYS E 404 0.77 -38.28 5.69
CA LYS E 404 0.82 -39.63 5.07
C LYS E 404 1.04 -40.69 6.15
N ASP E 405 1.90 -40.40 7.14
CA ASP E 405 2.14 -41.34 8.23
C ASP E 405 0.88 -41.56 9.04
N VAL E 406 0.14 -40.49 9.34
CA VAL E 406 -1.11 -40.66 10.07
C VAL E 406 -2.09 -41.48 9.25
N ALA E 407 -2.15 -41.25 7.93
CA ALA E 407 -3.05 -42.01 7.09
C ALA E 407 -2.62 -43.47 6.95
N GLY E 408 -1.34 -43.74 7.11
CA GLY E 408 -0.79 -45.08 6.96
C GLY E 408 -0.88 -45.98 8.16
N GLY E 409 -1.37 -45.49 9.30
CA GLY E 409 -1.47 -46.31 10.49
C GLY E 409 -0.25 -46.24 11.39
N LYS E 410 0.59 -45.22 11.19
CA LYS E 410 1.81 -45.06 11.97
C LYS E 410 1.56 -44.50 13.35
N VAL E 411 0.31 -44.41 13.79
CA VAL E 411 -0.03 -43.93 15.12
C VAL E 411 -0.40 -45.12 16.00
N ASN E 412 0.11 -45.11 17.23
CA ASN E 412 -0.08 -46.20 18.17
C ASN E 412 -1.06 -45.79 19.25
N GLN E 413 -1.23 -46.68 20.22
CA GLN E 413 -2.21 -46.47 21.28
C GLN E 413 -1.90 -45.23 22.11
N ALA E 414 -0.63 -45.07 22.51
CA ALA E 414 -0.27 -44.01 23.45
C ALA E 414 -0.66 -42.63 22.93
N HIS E 415 -0.26 -42.33 21.69
CA HIS E 415 -0.53 -41.01 21.13
C HIS E 415 -2.02 -40.79 20.89
N LEU E 416 -2.75 -41.83 20.45
CA LEU E 416 -4.18 -41.67 20.23
C LEU E 416 -4.92 -41.44 21.54
N ASP E 417 -4.55 -42.17 22.60
CA ASP E 417 -5.18 -41.91 23.90
C ASP E 417 -4.84 -40.52 24.42
N ARG E 418 -3.60 -40.07 24.22
CA ARG E 418 -3.25 -38.71 24.63
C ARG E 418 -4.09 -37.68 23.89
N ALA E 419 -4.27 -37.86 22.57
CA ALA E 419 -5.09 -36.95 21.80
C ALA E 419 -6.54 -36.97 22.26
N LYS E 420 -7.08 -38.16 22.52
CA LYS E 420 -8.46 -38.29 22.99
C LYS E 420 -8.66 -37.55 24.31
N ALA E 421 -7.73 -37.78 25.25
CA ALA E 421 -7.80 -37.12 26.55
C ALA E 421 -7.73 -35.61 26.40
N ALA E 422 -6.83 -35.14 25.52
CA ALA E 422 -6.73 -33.70 25.29
C ALA E 422 -8.02 -33.14 24.73
N THR E 423 -8.64 -33.84 23.77
CA THR E 423 -9.91 -33.38 23.20
C THR E 423 -10.99 -33.27 24.27
N LYS E 424 -11.18 -34.34 25.04
CA LYS E 424 -12.24 -34.34 26.04
C LYS E 424 -12.00 -33.28 27.11
N SER E 425 -10.75 -33.16 27.57
CA SER E 425 -10.42 -32.15 28.58
C SER E 425 -10.60 -30.74 28.03
N ALA E 426 -10.47 -30.53 26.73
CA ALA E 426 -10.57 -29.20 26.10
C ALA E 426 -12.03 -28.72 26.00
N VAL E 427 -12.95 -29.58 25.60
CA VAL E 427 -14.40 -29.28 25.57
C VAL E 427 -14.92 -29.07 27.00
N LEU E 428 -14.66 -29.98 27.93
CA LEU E 428 -15.14 -29.85 29.34
C LEU E 428 -14.55 -28.60 30.06
N MET E 429 -13.32 -28.20 29.81
CA MET E 429 -12.66 -27.00 30.41
C MET E 429 -13.16 -25.67 29.84
N ASN E 430 -13.25 -25.53 28.53
CA ASN E 430 -13.84 -24.32 27.89
C ASN E 430 -15.26 -24.04 28.43
N LEU E 431 -16.07 -25.06 28.71
CA LEU E 431 -17.46 -24.98 29.22
C LEU E 431 -17.62 -24.49 30.65
N GLU E 432 -16.54 -24.26 31.38
CA GLU E 432 -16.67 -23.65 32.71
C GLU E 432 -16.78 -22.10 32.59
N SER E 433 -16.44 -21.47 31.46
CA SER E 433 -16.71 -20.00 31.23
C SER E 433 -18.19 -19.80 30.96
N ARG E 434 -18.89 -18.94 31.71
CA ARG E 434 -20.32 -18.65 31.45
C ARG E 434 -20.51 -18.12 30.01
N MET E 435 -19.58 -17.30 29.52
CA MET E 435 -19.65 -16.70 28.15
C MET E 435 -19.50 -17.75 27.07
N ILE E 436 -18.55 -18.69 27.27
CA ILE E 436 -18.45 -19.77 26.25
C ILE E 436 -19.71 -20.67 26.33
N ALA E 437 -20.40 -20.75 27.46
CA ALA E 437 -21.63 -21.55 27.64
C ALA E 437 -22.88 -20.96 26.99
N ALA E 438 -23.04 -19.64 26.98
CA ALA E 438 -24.11 -18.95 26.26
C ALA E 438 -23.87 -18.99 24.75
N GLU E 439 -22.61 -18.85 24.33
CA GLU E 439 -22.30 -18.94 22.90
C GLU E 439 -22.65 -20.35 22.43
N ASP E 440 -22.29 -21.40 23.19
CA ASP E 440 -22.62 -22.81 22.86
C ASP E 440 -24.14 -22.97 22.75
N ILE E 441 -24.89 -22.47 23.73
CA ILE E 441 -26.38 -22.56 23.69
C ILE E 441 -26.91 -21.97 22.38
N GLY E 442 -26.58 -20.72 22.05
CA GLY E 442 -27.08 -20.04 20.86
C GLY E 442 -26.56 -20.59 19.56
N ARG E 443 -25.22 -20.75 19.38
CA ARG E 443 -24.65 -21.31 18.14
C ARG E 443 -25.18 -22.73 17.89
N GLN E 444 -25.47 -23.48 18.94
CA GLN E 444 -26.06 -24.82 18.72
C GLN E 444 -27.53 -24.68 18.32
N ILE E 445 -28.32 -23.93 19.09
CA ILE E 445 -29.75 -23.77 18.78
C ILE E 445 -29.92 -23.08 17.43
N LEU E 446 -28.94 -22.34 16.93
CA LEU E 446 -29.03 -21.83 15.54
C LEU E 446 -28.81 -22.99 14.59
N THR E 447 -27.82 -23.86 14.84
CA THR E 447 -27.52 -24.91 13.87
C THR E 447 -28.61 -25.98 13.89
N TYR E 448 -28.76 -26.64 15.03
CA TYR E 448 -29.86 -27.62 15.16
C TYR E 448 -31.04 -26.87 15.78
N GLY E 449 -31.99 -27.59 16.38
CA GLY E 449 -33.07 -26.92 17.09
C GLY E 449 -32.95 -27.05 18.60
N GLU E 450 -31.81 -27.56 19.07
CA GLU E 450 -31.62 -27.82 20.49
C GLU E 450 -30.13 -27.87 20.79
N ARG E 451 -29.88 -27.89 22.11
CA ARG E 451 -28.47 -28.09 22.59
C ARG E 451 -28.25 -29.59 22.77
N LYS E 452 -27.28 -30.14 22.05
CA LYS E 452 -26.98 -31.54 22.22
C LYS E 452 -26.05 -31.73 23.43
N PRO E 453 -26.33 -32.67 24.32
CA PRO E 453 -25.48 -32.85 25.50
C PRO E 453 -24.06 -33.24 25.09
N VAL E 454 -23.09 -32.78 25.87
CA VAL E 454 -21.70 -33.13 25.60
C VAL E 454 -21.38 -34.59 25.88
N ASP E 455 -22.29 -35.29 26.56
CA ASP E 455 -22.05 -36.70 26.88
C ASP E 455 -21.93 -37.55 25.61
N GLN E 456 -22.81 -37.32 24.63
CA GLN E 456 -22.73 -38.10 23.39
C GLN E 456 -21.46 -37.76 22.61
N PHE E 457 -21.05 -36.49 22.63
CA PHE E 457 -19.78 -36.09 22.03
C PHE E 457 -18.61 -36.84 22.69
N LEU E 458 -18.61 -36.90 24.02
CA LEU E 458 -17.55 -37.60 24.72
C LEU E 458 -17.57 -39.09 24.42
N LYS E 459 -18.77 -39.67 24.30
CA LYS E 459 -18.87 -41.08 23.91
C LYS E 459 -18.28 -41.32 22.54
N SER E 460 -18.60 -40.46 21.58
CA SER E 460 -18.02 -40.59 20.25
C SER E 460 -16.50 -40.41 20.28
N VAL E 461 -16.00 -39.53 21.15
CA VAL E 461 -14.56 -39.37 21.29
C VAL E 461 -13.93 -40.65 21.81
N ASP E 462 -14.53 -41.24 22.84
CA ASP E 462 -13.93 -42.41 23.46
C ASP E 462 -14.21 -43.69 22.71
N GLN E 463 -15.03 -43.64 21.66
CA GLN E 463 -15.31 -44.80 20.82
C GLN E 463 -14.46 -44.85 19.56
N LEU E 464 -13.44 -43.99 19.45
CA LEU E 464 -12.59 -43.99 18.27
C LEU E 464 -11.47 -45.02 18.41
N THR E 465 -11.03 -45.52 17.25
CA THR E 465 -9.95 -46.50 17.18
C THR E 465 -8.90 -46.01 16.18
N LEU E 466 -7.77 -46.73 16.14
CA LEU E 466 -6.73 -46.38 15.18
C LEU E 466 -7.20 -46.60 13.75
N LYS E 467 -8.07 -47.58 13.54
CA LYS E 467 -8.64 -47.81 12.22
C LYS E 467 -9.44 -46.59 11.75
N ASP E 468 -10.24 -46.01 12.65
CA ASP E 468 -11.02 -44.84 12.29
C ASP E 468 -10.13 -43.64 11.95
N ILE E 469 -9.10 -43.39 12.76
CA ILE E 469 -8.21 -42.27 12.46
C ILE E 469 -7.50 -42.48 11.13
N ALA E 470 -7.01 -43.71 10.91
CA ALA E 470 -6.29 -44.00 9.68
C ALA E 470 -7.18 -43.83 8.45
N ASP E 471 -8.39 -44.38 8.49
CA ASP E 471 -9.25 -44.32 7.31
C ASP E 471 -9.79 -42.91 7.09
N PHE E 472 -10.06 -42.18 8.18
CA PHE E 472 -10.46 -40.79 8.06
C PHE E 472 -9.37 -39.97 7.37
N THR E 473 -8.12 -40.11 7.84
CA THR E 473 -7.03 -39.35 7.22
C THR E 473 -6.80 -39.78 5.78
N SER E 474 -6.96 -41.08 5.49
CA SER E 474 -6.75 -41.56 4.13
C SER E 474 -7.79 -40.98 3.17
N LYS E 475 -9.07 -41.03 3.56
CA LYS E 475 -10.13 -40.51 2.69
C LYS E 475 -10.12 -38.99 2.64
N VAL E 476 -9.59 -38.33 3.67
CA VAL E 476 -9.54 -36.87 3.69
C VAL E 476 -8.45 -36.34 2.75
N ILE E 477 -7.25 -36.91 2.78
CA ILE E 477 -6.12 -36.38 2.01
C ILE E 477 -6.09 -36.91 0.58
N SER E 478 -6.97 -37.84 0.23
CA SER E 478 -7.09 -38.26 -1.15
C SER E 478 -7.77 -37.22 -2.02
N LYS E 479 -8.59 -36.36 -1.43
CA LYS E 479 -9.44 -35.41 -2.14
C LYS E 479 -8.65 -34.15 -2.47
N PRO E 480 -9.21 -33.22 -3.24
CA PRO E 480 -8.42 -32.09 -3.72
C PRO E 480 -7.77 -31.30 -2.59
N LEU E 481 -6.56 -30.82 -2.87
CA LEU E 481 -5.71 -30.15 -1.91
C LEU E 481 -5.90 -28.63 -2.00
N THR E 482 -5.71 -27.97 -0.86
CA THR E 482 -5.70 -26.51 -0.81
C THR E 482 -4.37 -26.05 -0.24
N MET E 483 -3.69 -25.15 -0.94
CA MET E 483 -2.36 -24.69 -0.56
C MET E 483 -2.33 -23.17 -0.48
N GLY E 484 -1.70 -22.67 0.58
CA GLY E 484 -1.46 -21.25 0.71
C GLY E 484 -0.02 -20.97 1.07
N SER E 485 0.51 -19.88 0.53
CA SER E 485 1.89 -19.49 0.80
C SER E 485 1.99 -17.98 0.75
N PHE E 486 2.58 -17.41 1.80
CA PHE E 486 2.70 -15.92 1.91
C PHE E 486 4.13 -15.58 2.34
N GLY E 487 4.67 -14.48 1.79
CA GLY E 487 6.02 -14.07 2.08
C GLY E 487 6.95 -14.28 0.91
N ASP E 488 8.05 -14.99 1.13
CA ASP E 488 8.99 -15.35 0.07
C ASP E 488 8.54 -16.71 -0.49
N VAL E 489 7.88 -16.68 -1.64
CA VAL E 489 7.31 -17.88 -2.23
C VAL E 489 8.05 -18.30 -3.49
N LEU E 490 9.19 -17.67 -3.79
CA LEU E 490 9.93 -17.99 -5.00
C LEU E 490 10.43 -19.42 -5.01
N ALA E 491 10.91 -19.91 -3.86
CA ALA E 491 11.44 -21.26 -3.80
C ALA E 491 10.35 -22.32 -3.63
N VAL E 492 9.12 -21.92 -3.37
CA VAL E 492 8.04 -22.89 -3.16
C VAL E 492 7.66 -23.53 -4.48
N PRO E 493 7.44 -24.85 -4.52
CA PRO E 493 7.04 -25.50 -5.77
C PRO E 493 5.60 -25.21 -6.15
N SER E 494 5.13 -25.85 -7.23
CA SER E 494 3.81 -25.60 -7.77
C SER E 494 2.75 -26.43 -7.05
N TYR E 495 1.49 -26.16 -7.37
CA TYR E 495 0.37 -26.91 -6.81
C TYR E 495 0.37 -28.37 -7.23
N ASP E 496 0.81 -28.67 -8.46
CA ASP E 496 0.91 -30.06 -8.91
C ASP E 496 2.03 -30.80 -8.21
N THR E 497 3.18 -30.16 -8.02
CA THR E 497 4.33 -30.81 -7.41
C THR E 497 4.12 -31.12 -5.93
N ILE E 498 3.21 -30.41 -5.28
CA ILE E 498 2.82 -30.72 -3.90
C ILE E 498 1.57 -31.58 -3.83
N SER E 499 0.70 -31.52 -4.84
CA SER E 499 -0.53 -32.31 -4.84
C SER E 499 -0.27 -33.78 -5.10
N SER E 500 0.71 -34.10 -5.95
CA SER E 500 1.03 -35.49 -6.24
C SER E 500 1.64 -36.21 -5.05
N LYS E 501 2.16 -35.47 -4.06
CA LYS E 501 2.69 -36.09 -2.86
C LYS E 501 1.59 -36.84 -2.11
N PHE E 502 0.40 -36.25 -2.02
CA PHE E 502 -0.74 -36.95 -1.45
C PHE E 502 -1.41 -37.80 -2.53
N SER F 45 -40.66 29.21 -12.75
CA SER F 45 -41.02 28.66 -11.46
C SER F 45 -39.86 27.91 -10.81
N PRO F 46 -39.77 27.98 -9.48
CA PRO F 46 -38.71 27.25 -8.79
C PRO F 46 -38.87 25.75 -8.99
N PRO F 47 -37.75 25.01 -9.01
CA PRO F 47 -37.86 23.56 -9.19
C PRO F 47 -38.50 22.92 -7.97
N PRO F 48 -39.19 21.80 -8.15
CA PRO F 48 -39.79 21.10 -7.01
C PRO F 48 -38.72 20.53 -6.11
N PRO F 49 -39.04 20.29 -4.83
CA PRO F 49 -37.98 20.02 -3.84
C PRO F 49 -37.16 18.76 -4.10
N HIS F 50 -37.62 17.85 -4.95
CA HIS F 50 -36.89 16.60 -5.20
C HIS F 50 -36.20 16.57 -6.57
N LEU F 51 -36.17 17.71 -7.27
CA LEU F 51 -35.71 17.69 -8.66
C LEU F 51 -34.19 17.77 -8.76
N MET F 52 -33.58 18.81 -8.18
CA MET F 52 -32.13 18.90 -8.17
C MET F 52 -31.52 17.83 -7.27
N PRO F 53 -30.38 17.25 -7.65
CA PRO F 53 -29.78 16.18 -6.81
C PRO F 53 -29.43 16.64 -5.41
N TYR F 54 -28.92 17.86 -5.24
CA TYR F 54 -28.60 18.33 -3.89
C TYR F 54 -29.86 18.53 -3.08
N ASP F 55 -30.94 19.00 -3.70
CA ASP F 55 -32.20 19.16 -2.97
C ASP F 55 -32.77 17.80 -2.54
N HIS F 56 -32.68 16.81 -3.43
CA HIS F 56 -33.15 15.47 -3.09
C HIS F 56 -32.34 14.85 -1.96
N ALA F 57 -31.01 15.02 -1.99
CA ALA F 57 -30.18 14.52 -0.90
C ALA F 57 -30.52 15.20 0.41
N ALA F 58 -30.78 16.52 0.36
CA ALA F 58 -31.19 17.24 1.56
C ALA F 58 -32.50 16.70 2.11
N GLU F 59 -33.45 16.40 1.21
CA GLU F 59 -34.72 15.82 1.66
C GLU F 59 -34.52 14.47 2.32
N ILE F 60 -33.65 13.64 1.76
CA ILE F 60 -33.39 12.32 2.34
C ILE F 60 -32.82 12.46 3.75
N ILE F 61 -31.80 13.31 3.90
CA ILE F 61 -31.20 13.45 5.23
C ILE F 61 -32.17 14.09 6.22
N LYS F 62 -33.03 15.00 5.75
CA LYS F 62 -34.01 15.61 6.62
C LYS F 62 -35.02 14.58 7.13
N ASN F 63 -35.50 13.70 6.25
CA ASN F 63 -36.42 12.65 6.69
C ASN F 63 -35.74 11.71 7.67
N LYS F 64 -34.49 11.35 7.40
CA LYS F 64 -33.75 10.50 8.34
C LYS F 64 -33.64 11.16 9.71
N ILE F 65 -33.31 12.45 9.74
CA ILE F 65 -33.27 13.19 11.00
C ILE F 65 -34.63 13.14 11.68
N LYS F 66 -35.70 13.29 10.90
CA LYS F 66 -37.04 13.33 11.47
C LYS F 66 -37.37 12.04 12.19
N LYS F 67 -36.97 10.89 11.62
CA LYS F 67 -37.34 9.66 12.33
C LYS F 67 -36.46 9.36 13.54
N LEU F 68 -35.65 10.31 14.01
CA LEU F 68 -34.96 10.17 15.29
C LEU F 68 -35.59 11.02 16.38
N GLU F 69 -36.63 11.79 16.07
CA GLU F 69 -37.26 12.68 17.03
C GLU F 69 -38.41 12.03 17.79
N ASN F 70 -38.87 10.87 17.37
CA ASN F 70 -39.97 10.15 18.04
C ASN F 70 -39.52 8.73 18.35
N PRO F 71 -38.81 8.53 19.46
CA PRO F 71 -38.44 7.17 19.85
C PRO F 71 -39.63 6.37 20.33
N ASP F 72 -39.55 5.05 20.14
CA ASP F 72 -40.57 4.13 20.64
C ASP F 72 -40.30 3.84 22.12
N LYS F 73 -41.25 4.20 22.98
CA LYS F 73 -41.05 4.12 24.42
C LYS F 73 -40.98 2.68 24.91
N ARG F 74 -41.35 1.72 24.08
CA ARG F 74 -41.19 0.30 24.39
C ARG F 74 -39.76 0.00 24.81
N PHE F 75 -38.80 0.65 24.17
CA PHE F 75 -37.39 0.36 24.34
C PHE F 75 -36.70 1.32 25.30
N LEU F 76 -37.45 2.11 26.06
CA LEU F 76 -36.87 3.14 26.92
C LEU F 76 -37.52 3.11 28.30
N LYS F 77 -37.65 1.92 28.89
CA LYS F 77 -38.33 1.80 30.17
C LYS F 77 -37.47 1.23 31.30
N TYR F 78 -36.40 0.52 31.00
CA TYR F 78 -35.57 -0.08 32.03
C TYR F 78 -34.19 0.57 32.15
N ALA F 79 -33.46 0.67 31.04
CA ALA F 79 -32.09 1.16 31.09
C ALA F 79 -32.04 2.66 31.34
N SER F 80 -31.09 3.08 32.17
CA SER F 80 -30.86 4.48 32.44
C SER F 80 -29.38 4.81 32.34
N PRO F 81 -29.03 6.00 31.85
CA PRO F 81 -27.62 6.41 31.84
C PRO F 81 -27.14 7.01 33.14
N HIS F 82 -28.01 7.12 34.15
CA HIS F 82 -27.61 7.67 35.44
C HIS F 82 -27.15 6.55 36.35
N PRO F 83 -25.89 6.54 36.79
CA PRO F 83 -25.41 5.45 37.66
C PRO F 83 -26.11 5.49 39.01
N ILE F 84 -26.51 4.31 39.48
CA ILE F 84 -27.15 4.13 40.78
C ILE F 84 -26.33 3.13 41.58
N LEU F 85 -26.03 3.47 42.83
CA LEU F 85 -25.36 2.54 43.73
C LEU F 85 -26.38 1.52 44.22
N ALA F 86 -26.27 0.29 43.76
CA ALA F 86 -27.17 -0.78 44.12
C ALA F 86 -26.60 -1.59 45.28
N SER F 87 -27.50 -2.28 45.99
CA SER F 87 -27.13 -3.16 47.10
C SER F 87 -27.98 -4.41 46.98
N HIS F 88 -27.46 -5.41 46.27
CA HIS F 88 -28.13 -6.70 46.11
C HIS F 88 -27.16 -7.79 46.55
N ASN F 89 -27.22 -8.14 47.83
CA ASN F 89 -26.38 -9.20 48.38
C ASN F 89 -27.00 -10.58 48.26
N HIS F 90 -28.26 -10.69 47.86
CA HIS F 90 -28.89 -12.01 47.74
C HIS F 90 -28.27 -12.82 46.62
N ILE F 91 -27.95 -12.17 45.49
CA ILE F 91 -27.25 -12.84 44.41
C ILE F 91 -25.77 -13.06 44.71
N LEU F 92 -25.28 -12.57 45.85
CA LEU F 92 -23.86 -12.67 46.18
C LEU F 92 -23.49 -13.99 46.82
N SER F 93 -24.45 -14.87 47.07
CA SER F 93 -24.17 -16.16 47.69
C SER F 93 -23.23 -16.99 46.83
N ALA F 94 -22.23 -17.58 47.47
CA ALA F 94 -21.23 -18.42 46.84
C ALA F 94 -20.98 -19.60 47.76
N PRO F 95 -20.45 -20.71 47.23
CA PRO F 95 -20.06 -21.81 48.11
C PRO F 95 -19.00 -21.36 49.10
N GLU F 96 -19.08 -21.92 50.31
CA GLU F 96 -18.15 -21.57 51.38
C GLU F 96 -16.72 -21.90 50.98
N THR F 97 -15.80 -20.98 51.28
CA THR F 97 -14.38 -21.22 51.11
C THR F 97 -13.84 -21.83 52.40
N ARG F 98 -13.65 -23.15 52.40
CA ARG F 98 -13.16 -23.85 53.58
C ARG F 98 -11.64 -23.76 53.66
N VAL F 99 -11.13 -23.37 54.81
CA VAL F 99 -9.69 -23.24 55.05
C VAL F 99 -9.32 -24.12 56.23
N THR F 100 -8.27 -24.92 56.06
CA THR F 100 -7.77 -25.79 57.11
C THR F 100 -6.28 -25.57 57.30
N THR F 101 -5.85 -25.37 58.53
CA THR F 101 -4.44 -25.21 58.86
C THR F 101 -3.93 -26.52 59.46
N LEU F 102 -2.93 -27.12 58.80
CA LEU F 102 -2.31 -28.33 59.30
C LEU F 102 -1.31 -28.01 60.41
N PRO F 103 -0.94 -28.99 61.23
CA PRO F 103 -0.02 -28.70 62.34
C PRO F 103 1.31 -28.14 61.91
N ASN F 104 1.82 -28.51 60.74
CA ASN F 104 3.08 -27.97 60.25
C ASN F 104 2.96 -26.54 59.72
N GLY F 105 1.79 -25.92 59.87
CA GLY F 105 1.55 -24.58 59.36
C GLY F 105 1.01 -24.52 57.95
N LEU F 106 0.92 -25.63 57.26
CA LEU F 106 0.39 -25.64 55.90
C LEU F 106 -1.11 -25.35 55.90
N ARG F 107 -1.57 -24.58 54.91
CA ARG F 107 -2.96 -24.20 54.80
C ARG F 107 -3.58 -24.82 53.55
N VAL F 108 -4.73 -25.44 53.71
CA VAL F 108 -5.49 -26.02 52.61
C VAL F 108 -6.82 -25.28 52.52
N ALA F 109 -7.10 -24.69 51.36
CA ALA F 109 -8.30 -23.90 51.14
C ALA F 109 -8.97 -24.35 49.86
N THR F 110 -10.26 -24.67 49.96
CA THR F 110 -11.03 -25.13 48.81
C THR F 110 -12.35 -24.39 48.73
N GLU F 111 -12.83 -24.20 47.50
CA GLU F 111 -14.20 -23.79 47.24
C GLU F 111 -14.81 -24.84 46.34
N SER F 112 -15.72 -25.63 46.90
CA SER F 112 -16.21 -26.83 46.23
C SER F 112 -17.42 -26.53 45.36
N ASN F 113 -17.41 -27.10 44.15
CA ASN F 113 -18.56 -27.07 43.25
C ASN F 113 -18.66 -28.48 42.66
N LEU F 114 -19.42 -29.35 43.34
CA LEU F 114 -19.45 -30.76 42.98
C LEU F 114 -20.16 -31.02 41.66
N SER F 115 -20.92 -30.06 41.13
CA SER F 115 -21.55 -30.23 39.84
C SER F 115 -20.56 -30.12 38.67
N ALA F 116 -19.42 -29.47 38.89
CA ALA F 116 -18.45 -29.27 37.82
C ALA F 116 -17.78 -30.57 37.43
N LYS F 117 -17.29 -30.61 36.19
CA LYS F 117 -16.54 -31.76 35.69
C LYS F 117 -15.05 -31.62 35.84
N THR F 118 -14.55 -30.42 36.09
CA THR F 118 -13.13 -30.13 36.12
C THR F 118 -12.73 -29.58 37.49
N ALA F 119 -11.43 -29.39 37.67
CA ALA F 119 -10.91 -28.85 38.91
C ALA F 119 -9.56 -28.19 38.65
N THR F 120 -9.24 -27.20 39.46
CA THR F 120 -7.93 -26.59 39.49
C THR F 120 -7.37 -26.77 40.90
N VAL F 121 -6.16 -27.30 41.00
CA VAL F 121 -5.50 -27.50 42.28
C VAL F 121 -4.04 -27.08 42.14
N GLY F 122 -3.52 -26.41 43.16
CA GLY F 122 -2.18 -25.88 43.03
C GLY F 122 -1.62 -25.40 44.35
N VAL F 123 -0.40 -24.89 44.28
CA VAL F 123 0.33 -24.39 45.43
C VAL F 123 0.67 -22.92 45.19
N TRP F 124 0.34 -22.08 46.16
CA TRP F 124 0.72 -20.68 46.15
C TRP F 124 1.72 -20.46 47.28
N ILE F 125 2.88 -19.91 46.95
CA ILE F 125 3.99 -19.77 47.88
C ILE F 125 4.29 -18.29 48.07
N ASP F 126 4.40 -17.86 49.33
CA ASP F 126 4.80 -16.51 49.68
C ASP F 126 6.31 -16.36 49.48
N ALA F 127 6.72 -16.47 48.21
CA ALA F 127 8.12 -16.37 47.83
C ALA F 127 8.20 -15.78 46.44
N GLY F 128 9.37 -15.24 46.11
CA GLY F 128 9.56 -14.63 44.82
C GLY F 128 10.91 -13.93 44.74
N SER F 129 11.05 -13.07 43.73
CA SER F 129 12.32 -12.43 43.46
C SER F 129 12.72 -11.45 44.55
N ARG F 130 11.75 -10.85 45.24
CA ARG F 130 12.06 -9.88 46.27
C ARG F 130 12.82 -10.52 47.44
N PHE F 131 12.47 -11.74 47.81
CA PHE F 131 13.10 -12.38 48.96
C PHE F 131 14.42 -13.04 48.63
N GLU F 132 14.83 -13.03 47.37
CA GLU F 132 16.19 -13.43 47.02
C GLU F 132 17.18 -12.35 47.47
N SER F 133 18.46 -12.62 47.25
CA SER F 133 19.51 -11.66 47.53
C SER F 133 20.13 -11.19 46.22
N ASP F 134 21.00 -10.19 46.31
CA ASP F 134 21.65 -9.67 45.11
C ASP F 134 22.53 -10.72 44.44
N GLU F 135 22.96 -11.74 45.18
CA GLU F 135 23.74 -12.82 44.59
C GLU F 135 22.87 -13.96 44.09
N THR F 136 21.69 -14.15 44.68
CA THR F 136 20.77 -15.20 44.27
C THR F 136 19.66 -14.69 43.39
N ASN F 137 19.77 -13.46 42.88
CA ASN F 137 18.73 -12.89 42.02
C ASN F 137 18.61 -13.68 40.73
N GLY F 138 17.42 -14.17 40.43
CA GLY F 138 17.19 -15.07 39.31
C GLY F 138 17.07 -16.53 39.70
N THR F 139 17.23 -16.88 40.98
CA THR F 139 17.14 -18.28 41.38
C THR F 139 15.69 -18.76 41.38
N ALA F 140 14.75 -17.87 41.67
CA ALA F 140 13.34 -18.26 41.67
C ALA F 140 12.87 -18.60 40.26
N HIS F 141 13.20 -17.76 39.30
CA HIS F 141 12.83 -18.02 37.91
C HIS F 141 13.57 -19.23 37.35
N PHE F 142 14.82 -19.44 37.77
CA PHE F 142 15.54 -20.66 37.40
C PHE F 142 14.85 -21.88 37.97
N LEU F 143 14.41 -21.80 39.23
CA LEU F 143 13.72 -22.91 39.87
C LEU F 143 12.41 -23.23 39.16
N GLU F 144 11.70 -22.19 38.72
CA GLU F 144 10.42 -22.40 37.97
C GLU F 144 10.71 -23.27 36.74
N HIS F 145 11.78 -22.96 36.01
CA HIS F 145 12.14 -23.76 34.84
C HIS F 145 12.43 -25.21 35.24
N MET F 146 13.27 -25.39 36.25
CA MET F 146 13.75 -26.72 36.65
C MET F 146 12.71 -27.55 37.36
N ILE F 147 11.56 -26.98 37.73
CA ILE F 147 10.58 -27.70 38.53
C ILE F 147 9.93 -28.83 37.74
N PHE F 148 10.01 -28.82 36.42
CA PHE F 148 9.41 -29.86 35.58
C PHE F 148 10.47 -30.64 34.81
N LYS F 149 11.68 -30.75 35.36
CA LYS F 149 12.79 -31.39 34.66
C LYS F 149 13.35 -32.55 35.46
N GLY F 150 12.47 -33.40 35.99
CA GLY F 150 12.90 -34.60 36.72
C GLY F 150 12.81 -34.69 38.23
N THR F 151 12.18 -35.74 38.73
CA THR F 151 12.17 -36.12 40.15
C THR F 151 12.72 -37.56 40.21
N ASP F 152 13.11 -38.11 41.35
CA ASP F 152 13.55 -39.52 41.47
C ASP F 152 12.45 -40.53 41.01
N ARG F 153 11.26 -40.58 41.61
CA ARG F 153 10.12 -41.38 41.08
C ARG F 153 9.77 -41.13 39.59
N ARG F 154 10.06 -39.98 38.98
CA ARG F 154 9.57 -39.76 37.59
C ARG F 154 10.50 -38.83 36.83
N THR F 155 10.68 -39.07 35.54
CA THR F 155 11.60 -38.27 34.73
C THR F 155 10.80 -37.27 33.88
N VAL F 156 11.48 -36.38 33.18
CA VAL F 156 10.82 -35.39 32.29
C VAL F 156 9.77 -36.10 31.44
N ARG F 157 10.17 -37.12 30.69
CA ARG F 157 9.16 -37.73 29.84
C ARG F 157 8.03 -38.30 30.67
N ALA F 158 8.38 -39.17 31.58
CA ALA F 158 7.38 -39.77 32.48
C ALA F 158 6.34 -38.74 32.97
N LEU F 159 6.77 -37.57 33.44
CA LEU F 159 5.91 -36.47 33.95
C LEU F 159 5.12 -35.82 32.81
N GLU F 160 5.67 -35.70 31.62
CA GLU F 160 4.91 -35.17 30.49
C GLU F 160 3.86 -36.14 29.97
N GLU F 161 4.22 -37.41 29.78
CA GLU F 161 3.28 -38.44 29.36
C GLU F 161 2.16 -38.64 30.36
N GLU F 162 2.40 -38.60 31.67
CA GLU F 162 1.25 -38.78 32.59
C GLU F 162 0.36 -37.52 32.64
N ILE F 163 0.91 -36.34 32.50
CA ILE F 163 0.04 -35.18 32.41
C ILE F 163 -0.81 -35.25 31.14
N GLU F 164 -0.21 -35.70 30.04
CA GLU F 164 -0.98 -35.81 28.79
C GLU F 164 -1.98 -36.96 28.84
N ASP F 165 -1.64 -38.05 29.54
CA ASP F 165 -2.55 -39.18 29.62
C ASP F 165 -3.81 -38.82 30.38
N ILE F 166 -3.69 -38.01 31.42
CA ILE F 166 -4.92 -37.51 32.04
C ILE F 166 -5.51 -36.33 31.29
N GLY F 167 -4.76 -35.76 30.34
CA GLY F 167 -5.22 -34.59 29.62
C GLY F 167 -5.15 -33.30 30.39
N GLY F 168 -4.32 -33.24 31.43
CA GLY F 168 -4.24 -32.09 32.29
C GLY F 168 -3.28 -31.03 31.77
N HIS F 169 -3.08 -30.01 32.60
CA HIS F 169 -2.21 -28.90 32.28
C HIS F 169 -1.42 -28.53 33.53
N LEU F 170 -0.13 -28.22 33.35
CA LEU F 170 0.74 -27.78 34.43
C LEU F 170 1.26 -26.40 34.08
N ASN F 171 0.99 -25.43 34.96
CA ASN F 171 1.43 -24.05 34.75
C ASN F 171 2.20 -23.58 35.96
N ALA F 172 3.28 -22.85 35.71
CA ALA F 172 4.10 -22.25 36.76
C ALA F 172 4.26 -20.78 36.49
N TYR F 173 4.05 -19.96 37.51
CA TYR F 173 4.25 -18.52 37.41
C TYR F 173 5.02 -18.03 38.62
N THR F 174 6.05 -17.21 38.38
CA THR F 174 6.82 -16.60 39.45
C THR F 174 6.81 -15.08 39.26
N SER F 175 6.52 -14.36 40.32
CA SER F 175 6.52 -12.91 40.31
C SER F 175 7.49 -12.40 41.39
N ARG F 176 7.47 -11.09 41.62
CA ARG F 176 8.39 -10.49 42.58
C ARG F 176 8.11 -10.94 44.01
N GLU F 177 6.85 -11.19 44.35
CA GLU F 177 6.49 -11.58 45.71
C GLU F 177 5.67 -12.86 45.79
N GLN F 178 5.33 -13.48 44.66
CA GLN F 178 4.44 -14.63 44.68
C GLN F 178 4.92 -15.67 43.66
N THR F 179 4.75 -16.94 44.02
CA THR F 179 5.08 -18.05 43.13
C THR F 179 3.95 -19.07 43.20
N THR F 180 3.56 -19.61 42.06
CA THR F 180 2.45 -20.55 42.02
C THR F 180 2.76 -21.70 41.06
N TYR F 181 2.40 -22.90 41.47
CA TYR F 181 2.38 -24.08 40.61
C TYR F 181 0.99 -24.70 40.75
N TYR F 182 0.28 -24.86 39.63
CA TYR F 182 -1.08 -25.37 39.70
C TYR F 182 -1.37 -26.26 38.49
N ALA F 183 -2.39 -27.10 38.66
CA ALA F 183 -2.77 -28.09 37.68
C ALA F 183 -4.25 -27.98 37.34
N LYS F 184 -4.55 -27.99 36.05
CA LYS F 184 -5.93 -28.04 35.55
C LYS F 184 -6.20 -29.46 35.08
N VAL F 185 -7.07 -30.17 35.79
CA VAL F 185 -7.33 -31.59 35.53
C VAL F 185 -8.83 -31.85 35.64
N LEU F 186 -9.22 -33.05 35.24
CA LEU F 186 -10.58 -33.52 35.44
C LEU F 186 -10.82 -33.88 36.90
N ASP F 187 -12.09 -33.95 37.28
CA ASP F 187 -12.46 -34.19 38.67
C ASP F 187 -11.88 -35.48 39.21
N SER F 188 -11.74 -36.51 38.37
CA SER F 188 -11.24 -37.80 38.79
C SER F 188 -9.73 -37.87 38.89
N ASN F 189 -9.01 -36.78 38.58
CA ASN F 189 -7.56 -36.78 38.60
C ASN F 189 -7.00 -35.77 39.61
N VAL F 190 -7.82 -35.35 40.57
CA VAL F 190 -7.39 -34.38 41.56
C VAL F 190 -6.29 -34.96 42.44
N ASN F 191 -6.45 -36.21 42.88
CA ASN F 191 -5.46 -36.83 43.74
C ASN F 191 -4.14 -37.02 43.01
N GLN F 192 -4.20 -37.41 41.73
CA GLN F 192 -3.00 -37.53 40.92
C GLN F 192 -2.30 -36.18 40.74
N ALA F 193 -3.07 -35.12 40.50
CA ALA F 193 -2.47 -33.80 40.37
C ALA F 193 -1.78 -33.37 41.67
N LEU F 194 -2.42 -33.64 42.81
CA LEU F 194 -1.79 -33.34 44.09
C LEU F 194 -0.52 -34.15 44.28
N ASP F 195 -0.47 -35.40 43.85
CA ASP F 195 0.76 -36.25 43.87
C ASP F 195 1.92 -35.66 43.07
N VAL F 196 1.69 -35.24 41.86
CA VAL F 196 2.72 -34.65 40.97
C VAL F 196 3.14 -33.32 41.58
N LEU F 197 2.21 -32.56 42.15
CA LEU F 197 2.66 -31.31 42.75
C LEU F 197 3.55 -31.56 43.97
N ALA F 198 3.16 -32.50 44.82
CA ALA F 198 3.98 -32.83 45.99
C ALA F 198 5.33 -33.41 45.58
N ASP F 199 5.46 -34.20 44.53
CA ASP F 199 6.74 -34.82 44.14
C ASP F 199 7.65 -33.76 43.57
N ILE F 200 7.08 -32.89 42.76
CA ILE F 200 8.00 -31.95 42.15
C ILE F 200 8.47 -30.88 43.10
N LEU F 201 7.72 -30.60 44.17
CA LEU F 201 8.12 -29.56 45.11
C LEU F 201 9.02 -30.08 46.24
N GLN F 202 9.18 -31.39 46.36
CA GLN F 202 9.94 -31.97 47.45
C GLN F 202 11.09 -32.87 46.99
N ASN F 203 10.99 -33.46 45.80
CA ASN F 203 11.94 -34.49 45.37
C ASN F 203 12.52 -34.21 44.00
N SER F 204 12.59 -32.94 43.59
CA SER F 204 13.22 -32.61 42.33
C SER F 204 14.71 -32.92 42.36
N LYS F 205 15.23 -33.43 41.25
CA LYS F 205 16.60 -33.91 41.19
C LYS F 205 17.60 -32.80 40.92
N PHE F 206 17.30 -31.90 39.98
CA PHE F 206 18.20 -30.83 39.58
C PHE F 206 19.53 -31.39 39.08
N GLU F 207 19.50 -32.13 37.98
CA GLU F 207 20.71 -32.70 37.40
C GLU F 207 21.56 -31.61 36.75
N GLU F 208 22.89 -31.79 36.82
CA GLU F 208 23.79 -30.72 36.41
C GLU F 208 23.68 -30.42 34.91
N GLN F 209 23.48 -31.45 34.09
CA GLN F 209 23.35 -31.21 32.65
C GLN F 209 21.98 -30.66 32.27
N ARG F 210 20.92 -31.09 32.97
CA ARG F 210 19.64 -30.40 32.84
C ARG F 210 19.80 -28.93 33.19
N ILE F 211 20.53 -28.64 34.26
CA ILE F 211 20.78 -27.27 34.68
C ILE F 211 21.52 -26.51 33.59
N ASN F 212 22.52 -27.15 32.96
CA ASN F 212 23.29 -26.47 31.92
C ASN F 212 22.42 -26.15 30.70
N ARG F 213 21.59 -27.10 30.27
CA ARG F 213 20.72 -26.83 29.13
C ARG F 213 19.71 -25.73 29.45
N GLU F 214 19.14 -25.76 30.66
CA GLU F 214 18.24 -24.69 31.06
C GLU F 214 18.97 -23.35 31.19
N ARG F 215 20.25 -23.40 31.56
CA ARG F 215 21.06 -22.19 31.61
C ARG F 215 21.19 -21.57 30.23
N ASP F 216 21.46 -22.41 29.23
CA ASP F 216 21.50 -21.92 27.84
C ASP F 216 20.16 -21.33 27.42
N VAL F 217 19.06 -22.02 27.76
CA VAL F 217 17.74 -21.52 27.39
C VAL F 217 17.47 -20.17 28.03
N ILE F 218 17.79 -20.02 29.32
CA ILE F 218 17.53 -18.77 30.02
C ILE F 218 18.40 -17.65 29.46
N LEU F 219 19.69 -17.93 29.23
CA LEU F 219 20.55 -16.92 28.63
C LEU F 219 20.04 -16.46 27.28
N ARG F 220 19.47 -17.39 26.50
CA ARG F 220 18.89 -17.00 25.22
C ARG F 220 17.70 -16.06 25.41
N GLU F 221 16.80 -16.40 26.32
CA GLU F 221 15.57 -15.58 26.48
C GLU F 221 15.93 -14.21 27.10
N MET F 222 17.01 -14.14 27.89
CA MET F 222 17.37 -12.88 28.53
C MET F 222 17.82 -11.82 27.54
N GLN F 223 18.14 -12.19 26.30
CA GLN F 223 18.68 -11.23 25.35
C GLN F 223 18.13 -11.38 23.93
N GLU F 224 17.07 -12.16 23.72
CA GLU F 224 16.55 -12.37 22.37
C GLU F 224 15.04 -12.25 22.26
N VAL F 225 14.32 -12.09 23.37
CA VAL F 225 12.87 -12.00 23.33
C VAL F 225 12.43 -10.72 24.03
N GLU F 226 13.36 -9.76 24.13
CA GLU F 226 13.17 -8.52 24.87
C GLU F 226 12.25 -7.52 24.16
N GLY F 227 11.53 -7.95 23.11
CA GLY F 227 10.61 -7.11 22.40
C GLY F 227 9.25 -6.94 23.05
N GLN F 228 8.98 -7.61 24.18
CA GLN F 228 7.74 -7.41 24.93
C GLN F 228 7.87 -6.07 25.63
N THR F 229 7.52 -5.00 24.90
CA THR F 229 7.94 -3.66 25.31
C THR F 229 7.19 -3.21 26.56
N ASP F 230 5.91 -3.58 26.67
CA ASP F 230 5.13 -3.17 27.83
C ASP F 230 5.72 -3.71 29.12
N GLU F 231 6.14 -4.98 29.11
CA GLU F 231 6.76 -5.56 30.28
C GLU F 231 8.17 -5.01 30.49
N VAL F 232 8.85 -4.62 29.41
CA VAL F 232 10.15 -3.96 29.54
C VAL F 232 9.99 -2.60 30.20
N VAL F 233 8.95 -1.87 29.82
CA VAL F 233 8.68 -0.56 30.43
C VAL F 233 8.40 -0.72 31.91
N LEU F 234 7.60 -1.72 32.28
CA LEU F 234 7.30 -1.94 33.70
C LEU F 234 8.53 -2.42 34.47
N ASP F 235 9.40 -3.22 33.85
CA ASP F 235 10.63 -3.62 34.53
C ASP F 235 11.52 -2.42 34.82
N HIS F 236 11.71 -1.55 33.82
CA HIS F 236 12.52 -0.36 34.06
C HIS F 236 11.86 0.58 35.06
N LEU F 237 10.52 0.64 35.06
CA LEU F 237 9.81 1.43 36.05
C LEU F 237 10.05 0.91 37.46
N HIS F 238 9.99 -0.41 37.64
CA HIS F 238 10.30 -0.99 38.94
C HIS F 238 11.74 -0.72 39.34
N ALA F 239 12.66 -0.83 38.38
CA ALA F 239 14.07 -0.63 38.69
C ALA F 239 14.35 0.79 39.15
N THR F 240 13.76 1.79 38.49
CA THR F 240 14.04 3.16 38.89
C THR F 240 13.23 3.58 40.12
N ALA F 241 11.97 3.13 40.23
CA ALA F 241 11.12 3.56 41.33
C ALA F 241 11.53 2.91 42.65
N PHE F 242 11.97 1.66 42.60
CA PHE F 242 12.37 0.91 43.79
C PHE F 242 13.86 0.62 43.78
N GLN F 243 14.65 1.58 43.29
CA GLN F 243 16.10 1.41 43.23
C GLN F 243 16.67 1.22 44.63
N TYR F 244 17.70 0.37 44.71
CA TYR F 244 18.38 0.02 45.94
C TYR F 244 17.45 -0.63 46.97
N THR F 245 16.43 -1.34 46.49
CA THR F 245 15.53 -2.15 47.28
C THR F 245 15.38 -3.49 46.61
N PRO F 246 15.05 -4.55 47.35
CA PRO F 246 14.83 -5.86 46.71
C PRO F 246 13.67 -5.86 45.73
N LEU F 247 12.74 -4.93 45.85
CA LEU F 247 11.61 -4.86 44.93
C LEU F 247 12.00 -4.32 43.57
N GLY F 248 13.16 -3.67 43.47
CA GLY F 248 13.61 -3.13 42.20
C GLY F 248 14.27 -4.11 41.26
N ARG F 249 14.58 -5.31 41.75
CA ARG F 249 15.25 -6.31 40.93
C ARG F 249 14.27 -7.00 39.99
N THR F 250 14.77 -7.41 38.84
CA THR F 250 13.95 -8.13 37.88
C THR F 250 13.73 -9.58 38.32
N ILE F 251 12.69 -10.19 37.76
CA ILE F 251 12.41 -11.59 38.05
C ILE F 251 13.47 -12.50 37.41
N LEU F 252 13.89 -12.16 36.19
CA LEU F 252 14.86 -13.01 35.48
C LEU F 252 16.25 -12.90 36.08
N GLY F 253 16.66 -11.70 36.48
CA GLY F 253 17.93 -11.51 37.15
C GLY F 253 19.09 -11.25 36.20
N PRO F 254 20.28 -11.07 36.75
CA PRO F 254 21.45 -10.77 35.92
C PRO F 254 21.96 -12.02 35.22
N ALA F 255 22.84 -11.79 34.23
CA ALA F 255 23.48 -12.90 33.53
C ALA F 255 24.56 -13.55 34.38
N GLN F 256 25.35 -12.74 35.09
CA GLN F 256 26.42 -13.28 35.93
C GLN F 256 25.87 -14.26 36.95
N ASN F 257 24.70 -14.00 37.51
CA ASN F 257 24.06 -14.96 38.39
C ASN F 257 23.56 -16.18 37.64
N VAL F 258 22.97 -15.97 36.46
CA VAL F 258 22.32 -17.06 35.73
C VAL F 258 23.34 -18.11 35.32
N LYS F 259 24.47 -17.68 34.75
CA LYS F 259 25.50 -18.62 34.35
C LYS F 259 26.35 -19.11 35.52
N SER F 260 25.92 -18.83 36.75
CA SER F 260 26.60 -19.33 37.94
C SER F 260 25.69 -20.18 38.82
N ILE F 261 24.41 -20.32 38.47
CA ILE F 261 23.48 -21.07 39.30
C ILE F 261 23.82 -22.55 39.23
N THR F 262 23.85 -23.19 40.39
CA THR F 262 24.14 -24.62 40.48
C THR F 262 23.00 -25.32 41.21
N ARG F 263 23.12 -26.65 41.27
CA ARG F 263 22.15 -27.48 41.98
C ARG F 263 22.01 -27.05 43.44
N GLU F 264 23.14 -26.77 44.09
CA GLU F 264 23.12 -26.45 45.50
C GLU F 264 22.36 -25.15 45.76
N ASP F 265 22.51 -24.16 44.88
CA ASP F 265 21.77 -22.92 45.05
C ASP F 265 20.26 -23.17 44.99
N LEU F 266 19.81 -24.00 44.05
CA LEU F 266 18.38 -24.29 43.96
C LEU F 266 17.88 -25.04 45.19
N GLN F 267 18.64 -26.02 45.67
CA GLN F 267 18.23 -26.74 46.87
C GLN F 267 18.18 -25.80 48.08
N ASN F 268 19.15 -24.89 48.19
CA ASN F 268 19.15 -23.93 49.28
C ASN F 268 17.95 -23.01 49.20
N TYR F 269 17.62 -22.53 47.99
CA TYR F 269 16.45 -21.68 47.82
C TYR F 269 15.18 -22.39 48.25
N ILE F 270 15.03 -23.65 47.84
CA ILE F 270 13.86 -24.42 48.26
C ILE F 270 13.85 -24.59 49.78
N LYS F 271 15.02 -24.79 50.38
CA LYS F 271 15.09 -25.00 51.82
C LYS F 271 14.70 -23.76 52.60
N THR F 272 15.13 -22.57 52.16
CA THR F 272 14.88 -21.37 52.96
C THR F 272 13.50 -20.78 52.72
N HIS F 273 12.91 -20.94 51.55
CA HIS F 273 11.72 -20.19 51.17
C HIS F 273 10.47 -21.04 51.04
N TYR F 274 10.56 -22.26 50.52
CA TYR F 274 9.39 -23.12 50.39
C TYR F 274 9.13 -23.85 51.72
N THR F 275 8.71 -23.06 52.70
CA THR F 275 8.38 -23.57 54.02
C THR F 275 6.87 -23.69 54.18
N ALA F 276 6.45 -24.58 55.07
CA ALA F 276 5.03 -24.90 55.19
C ALA F 276 4.20 -23.71 55.65
N SER F 277 4.81 -22.79 56.41
CA SER F 277 4.07 -21.62 56.87
C SER F 277 3.94 -20.54 55.81
N ARG F 278 4.59 -20.70 54.66
CA ARG F 278 4.52 -19.73 53.58
C ARG F 278 3.82 -20.29 52.34
N MET F 279 3.26 -21.50 52.42
CA MET F 279 2.62 -22.13 51.28
C MET F 279 1.13 -22.35 51.56
N VAL F 280 0.35 -22.31 50.49
CA VAL F 280 -1.09 -22.52 50.54
C VAL F 280 -1.46 -23.53 49.46
N ILE F 281 -2.25 -24.53 49.82
CA ILE F 281 -2.84 -25.45 48.85
C ILE F 281 -4.26 -25.00 48.57
N ALA F 282 -4.54 -24.64 47.33
CA ALA F 282 -5.84 -24.13 46.92
C ALA F 282 -6.41 -25.02 45.82
N ALA F 283 -7.68 -25.38 45.97
CA ALA F 283 -8.38 -26.19 44.98
C ALA F 283 -9.78 -25.64 44.76
N ALA F 284 -10.20 -25.58 43.50
CA ALA F 284 -11.53 -25.10 43.14
C ALA F 284 -12.13 -26.02 42.09
N GLY F 285 -13.43 -26.30 42.24
CA GLY F 285 -14.16 -27.12 41.31
C GLY F 285 -14.78 -28.33 41.98
N ALA F 286 -14.73 -29.47 41.28
CA ALA F 286 -15.27 -30.72 41.81
C ALA F 286 -14.22 -31.35 42.72
N VAL F 287 -14.11 -30.78 43.92
CA VAL F 287 -13.17 -31.25 44.94
C VAL F 287 -13.87 -31.22 46.28
N LYS F 288 -13.65 -32.24 47.10
CA LYS F 288 -14.12 -32.26 48.47
C LYS F 288 -12.99 -31.80 49.40
N HIS F 289 -13.35 -30.99 50.39
CA HIS F 289 -12.33 -30.38 51.24
C HIS F 289 -11.54 -31.42 52.02
N GLU F 290 -12.25 -32.37 52.65
CA GLU F 290 -11.59 -33.31 53.56
C GLU F 290 -10.72 -34.31 52.82
N GLU F 291 -11.13 -34.73 51.61
CA GLU F 291 -10.27 -35.58 50.80
C GLU F 291 -8.97 -34.87 50.43
N VAL F 292 -9.07 -33.60 50.03
CA VAL F 292 -7.88 -32.82 49.70
C VAL F 292 -6.99 -32.66 50.92
N VAL F 293 -7.59 -32.42 52.09
CA VAL F 293 -6.80 -32.24 53.31
C VAL F 293 -6.06 -33.54 53.65
N GLU F 294 -6.74 -34.69 53.53
CA GLU F 294 -6.07 -35.96 53.79
C GLU F 294 -4.93 -36.20 52.83
N GLN F 295 -5.15 -35.93 51.54
CA GLN F 295 -4.10 -36.10 50.54
C GLN F 295 -2.91 -35.20 50.86
N VAL F 296 -3.17 -33.96 51.26
CA VAL F 296 -2.10 -33.02 51.55
C VAL F 296 -1.31 -33.47 52.76
N LYS F 297 -1.99 -33.85 53.84
CA LYS F 297 -1.25 -34.24 55.05
C LYS F 297 -0.53 -35.56 54.86
N LYS F 298 -0.90 -36.34 53.85
CA LYS F 298 -0.12 -37.54 53.56
C LYS F 298 1.05 -37.26 52.62
N LEU F 299 0.92 -36.31 51.70
CA LEU F 299 1.94 -36.12 50.67
C LEU F 299 2.95 -35.02 50.98
N PHE F 300 2.58 -34.00 51.76
CA PHE F 300 3.46 -32.87 52.03
C PHE F 300 4.08 -33.05 53.41
N THR F 301 5.09 -33.92 53.47
CA THR F 301 5.76 -34.25 54.73
C THR F 301 7.25 -33.97 54.72
N LYS F 302 7.79 -33.34 53.67
CA LYS F 302 9.22 -33.08 53.57
C LYS F 302 9.53 -31.59 53.49
N LEU F 303 8.54 -30.75 53.74
CA LEU F 303 8.73 -29.31 53.65
C LEU F 303 9.66 -28.81 54.75
N SER F 304 10.33 -27.70 54.47
CA SER F 304 11.13 -27.04 55.49
C SER F 304 10.23 -26.51 56.60
N SER F 305 10.78 -26.44 57.81
CA SER F 305 10.03 -26.05 58.99
C SER F 305 10.48 -24.72 59.57
N ASP F 306 11.23 -23.93 58.80
CA ASP F 306 11.73 -22.65 59.28
C ASP F 306 10.58 -21.74 59.69
N PRO F 307 10.54 -21.27 60.94
CA PRO F 307 9.42 -20.41 61.41
C PRO F 307 9.70 -18.92 61.21
N THR F 308 9.90 -18.52 59.95
CA THR F 308 10.15 -17.12 59.62
C THR F 308 9.03 -16.64 58.71
N THR F 309 8.30 -15.63 59.16
CA THR F 309 7.24 -15.05 58.36
C THR F 309 7.84 -14.20 57.24
N THR F 310 7.02 -13.97 56.21
CA THR F 310 7.42 -13.03 55.17
C THR F 310 7.45 -11.61 55.71
N SER F 311 6.60 -11.31 56.71
CA SER F 311 6.57 -9.98 57.30
C SER F 311 7.91 -9.58 57.88
N GLN F 312 8.62 -10.54 58.48
CA GLN F 312 9.94 -10.25 59.03
C GLN F 312 10.94 -9.92 57.92
N LEU F 313 10.93 -10.71 56.84
CA LEU F 313 11.82 -10.43 55.73
C LEU F 313 11.55 -9.06 55.12
N VAL F 314 10.28 -8.71 54.96
CA VAL F 314 9.92 -7.40 54.42
C VAL F 314 10.36 -6.30 55.37
N ALA F 315 10.17 -6.50 56.68
CA ALA F 315 10.61 -5.51 57.66
C ALA F 315 12.12 -5.41 57.70
N ASN F 316 12.84 -6.47 57.33
CA ASN F 316 14.29 -6.44 57.40
C ASN F 316 14.91 -5.86 56.12
N GLU F 317 14.21 -5.93 54.99
CA GLU F 317 14.65 -5.33 53.74
C GLU F 317 13.48 -4.54 53.16
N PRO F 318 13.17 -3.38 53.75
CA PRO F 318 11.98 -2.63 53.31
C PRO F 318 12.17 -2.01 51.93
N ALA F 319 11.05 -1.81 51.23
CA ALA F 319 11.05 -1.17 49.94
C ALA F 319 10.57 0.27 50.08
N SER F 320 11.19 1.17 49.33
CA SER F 320 10.85 2.58 49.36
C SER F 320 10.88 3.16 47.95
N PHE F 321 10.15 4.24 47.76
CA PHE F 321 9.94 4.84 46.45
C PHE F 321 10.87 6.03 46.26
N THR F 322 11.57 6.06 45.14
CA THR F 322 12.47 7.16 44.79
C THR F 322 11.98 7.80 43.50
N GLY F 323 11.68 9.10 43.57
CA GLY F 323 11.36 9.86 42.38
C GLY F 323 12.52 9.92 41.42
N SER F 324 12.30 9.51 40.18
CA SER F 324 13.36 9.32 39.20
C SER F 324 12.73 8.95 37.87
N GLU F 325 13.55 8.92 36.83
CA GLU F 325 13.08 8.50 35.52
C GLU F 325 14.21 7.85 34.74
N VAL F 326 13.83 6.94 33.85
CA VAL F 326 14.72 6.36 32.85
C VAL F 326 14.09 6.56 31.47
N ARG F 327 14.84 7.16 30.56
CA ARG F 327 14.38 7.44 29.20
C ARG F 327 15.25 6.67 28.22
N MET F 328 14.67 5.69 27.54
CA MET F 328 15.37 4.90 26.53
C MET F 328 14.98 5.43 25.15
N ILE F 329 15.79 6.34 24.63
CA ILE F 329 15.48 7.06 23.41
C ILE F 329 15.91 6.25 22.20
N ASP F 330 14.96 5.92 21.34
CA ASP F 330 15.22 5.18 20.11
C ASP F 330 14.26 5.68 19.03
N ASP F 331 14.78 6.52 18.13
CA ASP F 331 13.94 7.11 17.09
C ASP F 331 13.51 6.11 16.02
N ASP F 332 14.11 4.92 16.00
CA ASP F 332 13.76 3.93 14.99
C ASP F 332 12.51 3.13 15.34
N LEU F 333 12.09 3.15 16.60
CA LEU F 333 10.84 2.48 16.98
C LEU F 333 9.65 3.30 16.51
N PRO F 334 8.67 2.69 15.83
CA PRO F 334 7.53 3.47 15.32
C PRO F 334 6.68 4.11 16.41
N LEU F 335 6.57 3.49 17.58
CA LEU F 335 5.67 3.98 18.62
C LEU F 335 6.44 4.21 19.91
N ALA F 336 6.00 5.21 20.67
CA ALA F 336 6.53 5.50 21.99
C ALA F 336 5.64 4.88 23.05
N GLN F 337 6.27 4.32 24.08
CA GLN F 337 5.56 3.71 25.20
C GLN F 337 6.17 4.19 26.50
N PHE F 338 5.34 4.75 27.37
CA PHE F 338 5.82 5.25 28.65
C PHE F 338 4.82 4.92 29.74
N ALA F 339 5.33 4.91 30.97
CA ALA F 339 4.51 4.79 32.17
C ALA F 339 4.95 5.86 33.16
N VAL F 340 3.98 6.49 33.80
CA VAL F 340 4.22 7.43 34.89
C VAL F 340 3.46 6.92 36.11
N ALA F 341 4.17 6.76 37.22
CA ALA F 341 3.61 6.11 38.39
C ALA F 341 3.89 6.93 39.64
N PHE F 342 2.95 6.83 40.58
CA PHE F 342 3.11 7.35 41.92
C PHE F 342 3.33 6.18 42.87
N GLU F 343 3.88 6.48 44.04
CA GLU F 343 3.95 5.47 45.10
C GLU F 343 2.55 5.16 45.58
N GLY F 344 2.17 3.89 45.50
CA GLY F 344 0.83 3.43 45.80
C GLY F 344 0.68 2.90 47.20
N ALA F 345 -0.25 1.96 47.37
CA ALA F 345 -0.59 1.41 48.67
C ALA F 345 -0.25 -0.08 48.71
N SER F 346 0.04 -0.55 49.92
CA SER F 346 0.27 -1.97 50.13
C SER F 346 -1.06 -2.73 50.11
N TRP F 347 -0.96 -4.06 50.16
CA TRP F 347 -2.14 -4.91 50.07
C TRP F 347 -3.13 -4.61 51.20
N THR F 348 -2.62 -4.44 52.42
CA THR F 348 -3.47 -4.35 53.59
C THR F 348 -3.91 -2.92 53.92
N ASP F 349 -3.33 -1.92 53.29
CA ASP F 349 -3.73 -0.54 53.55
C ASP F 349 -5.19 -0.36 53.12
N PRO F 350 -6.05 0.16 54.01
CA PRO F 350 -7.47 0.31 53.63
C PRO F 350 -7.69 1.27 52.48
N ASP F 351 -6.72 2.12 52.18
CA ASP F 351 -6.80 3.00 51.01
C ASP F 351 -6.63 2.27 49.70
N SER F 352 -6.24 0.99 49.71
CA SER F 352 -6.01 0.26 48.47
C SER F 352 -7.32 0.08 47.68
N VAL F 353 -8.43 -0.13 48.38
CA VAL F 353 -9.72 -0.24 47.70
C VAL F 353 -10.07 1.07 47.00
N ALA F 354 -9.84 2.20 47.66
CA ALA F 354 -10.06 3.49 47.02
C ALA F 354 -9.16 3.67 45.80
N LEU F 355 -7.93 3.14 45.85
CA LEU F 355 -7.05 3.22 44.69
C LEU F 355 -7.55 2.34 43.54
N MET F 356 -8.16 1.19 43.86
CA MET F 356 -8.80 0.41 42.81
C MET F 356 -9.94 1.19 42.16
N VAL F 357 -10.76 1.86 42.99
CA VAL F 357 -11.85 2.68 42.47
C VAL F 357 -11.30 3.79 41.58
N MET F 358 -10.22 4.43 42.00
CA MET F 358 -9.65 5.53 41.22
C MET F 358 -9.06 5.01 39.91
N GLN F 359 -8.48 3.83 39.93
CA GLN F 359 -7.99 3.21 38.70
C GLN F 359 -9.15 2.95 37.74
N THR F 360 -10.28 2.50 38.28
CA THR F 360 -11.49 2.36 37.45
C THR F 360 -11.93 3.71 36.89
N MET F 361 -11.86 4.76 37.70
CA MET F 361 -12.22 6.10 37.24
C MET F 361 -11.33 6.54 36.07
N LEU F 362 -10.03 6.24 36.14
CA LEU F 362 -9.15 6.61 35.05
C LEU F 362 -9.34 5.71 33.84
N GLY F 363 -9.57 4.42 34.06
CA GLY F 363 -9.95 3.51 33.01
C GLY F 363 -8.81 3.07 32.10
N SER F 364 -9.21 2.40 31.02
CA SER F 364 -8.29 1.89 30.01
C SER F 364 -8.99 1.86 28.67
N TRP F 365 -8.21 1.90 27.60
CA TRP F 365 -8.76 2.11 26.27
C TRP F 365 -7.70 1.78 25.23
N ASN F 366 -8.15 1.37 24.05
CA ASN F 366 -7.29 1.24 22.89
C ASN F 366 -8.08 1.61 21.64
N LYS F 367 -7.38 1.63 20.50
CA LYS F 367 -7.97 2.11 19.25
C LYS F 367 -9.15 1.28 18.80
N ASN F 368 -9.21 0.00 19.20
CA ASN F 368 -10.27 -0.88 18.73
C ASN F 368 -11.59 -0.70 19.47
N VAL F 369 -11.56 -0.14 20.68
CA VAL F 369 -12.79 0.10 21.43
C VAL F 369 -13.65 1.10 20.68
N GLY F 370 -14.95 0.82 20.59
CA GLY F 370 -15.84 1.64 19.79
C GLY F 370 -16.42 2.87 20.47
N GLY F 371 -16.78 2.76 21.73
CA GLY F 371 -17.47 3.85 22.41
C GLY F 371 -16.60 4.72 23.30
N GLY F 372 -15.30 4.76 23.02
CA GLY F 372 -14.38 5.47 23.90
C GLY F 372 -14.69 6.94 24.08
N LYS F 373 -15.28 7.57 23.06
CA LYS F 373 -15.65 8.97 23.17
C LYS F 373 -16.82 9.22 24.13
N HIS F 374 -17.47 8.16 24.61
CA HIS F 374 -18.70 8.33 25.38
C HIS F 374 -18.63 7.76 26.79
N VAL F 375 -17.55 7.06 27.14
CA VAL F 375 -17.46 6.40 28.44
C VAL F 375 -17.38 7.44 29.56
N GLY F 376 -17.58 7.00 30.80
CA GLY F 376 -17.56 7.90 31.94
C GLY F 376 -16.20 8.50 32.25
N SER F 377 -15.12 7.82 31.90
CA SER F 377 -13.78 8.31 32.22
C SER F 377 -13.45 9.53 31.37
N ASP F 378 -13.08 10.63 32.04
CA ASP F 378 -12.72 11.85 31.34
C ASP F 378 -11.41 11.67 30.58
N LEU F 379 -10.47 10.91 31.14
CA LEU F 379 -9.18 10.69 30.46
C LEU F 379 -9.38 9.91 29.17
N THR F 380 -10.16 8.82 29.23
CA THR F 380 -10.46 8.08 28.02
C THR F 380 -11.18 8.96 27.01
N GLN F 381 -12.11 9.79 27.49
CA GLN F 381 -12.81 10.73 26.61
C GLN F 381 -11.82 11.62 25.88
N ARG F 382 -10.87 12.21 26.61
CA ARG F 382 -9.90 13.11 25.97
C ARG F 382 -9.08 12.37 24.93
N VAL F 383 -8.56 11.19 25.30
CA VAL F 383 -7.69 10.44 24.39
C VAL F 383 -8.44 10.03 23.14
N ALA F 384 -9.67 9.51 23.31
CA ALA F 384 -10.43 9.01 22.16
C ALA F 384 -10.95 10.16 21.29
N ILE F 385 -11.39 11.25 21.91
CA ILE F 385 -11.95 12.36 21.16
C ILE F 385 -10.88 13.03 20.32
N ASN F 386 -9.67 13.16 20.85
CA ASN F 386 -8.63 13.86 20.11
C ASN F 386 -7.64 12.93 19.40
N GLU F 387 -7.78 11.62 19.55
CA GLU F 387 -6.92 10.63 18.90
C GLU F 387 -5.45 10.88 19.20
N ILE F 388 -5.11 10.80 20.48
CA ILE F 388 -3.76 11.15 20.93
C ILE F 388 -3.04 9.95 21.53
N ALA F 389 -3.53 8.73 21.28
CA ALA F 389 -2.85 7.53 21.76
C ALA F 389 -3.37 6.30 21.03
N GLU F 390 -2.50 5.30 20.90
CA GLU F 390 -2.92 4.00 20.40
C GLU F 390 -3.60 3.18 21.49
N SER F 391 -3.14 3.31 22.73
CA SER F 391 -3.76 2.65 23.87
C SER F 391 -3.33 3.37 25.14
N ILE F 392 -4.15 3.22 26.18
CA ILE F 392 -3.88 3.83 27.48
C ILE F 392 -4.48 2.94 28.54
N MET F 393 -3.80 2.83 29.68
CA MET F 393 -4.27 1.94 30.74
C MET F 393 -3.77 2.45 32.08
N ALA F 394 -4.69 2.55 33.04
CA ALA F 394 -4.33 2.85 34.42
C ALA F 394 -4.07 1.54 35.15
N PHE F 395 -3.04 1.54 36.00
CA PHE F 395 -2.66 0.34 36.73
C PHE F 395 -2.49 0.66 38.20
N ASN F 396 -2.76 -0.35 39.03
CA ASN F 396 -2.67 -0.22 40.49
C ASN F 396 -2.04 -1.51 41.01
N THR F 397 -0.71 -1.48 41.19
CA THR F 397 0.03 -2.63 41.67
C THR F 397 0.21 -2.53 43.18
N ASN F 398 -0.01 -3.65 43.86
CA ASN F 398 0.10 -3.70 45.31
C ASN F 398 1.18 -4.70 45.72
N TYR F 399 1.92 -4.37 46.76
CA TYR F 399 2.91 -5.25 47.34
C TYR F 399 2.74 -5.31 48.84
N LYS F 400 3.67 -5.97 49.55
CA LYS F 400 3.49 -6.17 51.02
C LYS F 400 3.64 -4.86 51.81
N ASP F 401 4.50 -3.95 51.34
CA ASP F 401 4.74 -2.73 52.09
C ASP F 401 4.72 -1.47 51.24
N THR F 402 4.28 -1.56 49.99
CA THR F 402 4.26 -0.41 49.08
C THR F 402 3.45 -0.80 47.85
N GLY F 403 3.32 0.14 46.91
CA GLY F 403 2.59 -0.13 45.70
C GLY F 403 2.89 0.90 44.62
N LEU F 404 2.32 0.67 43.44
CA LEU F 404 2.47 1.57 42.31
C LEU F 404 1.10 1.91 41.75
N PHE F 405 0.85 3.21 41.55
CA PHE F 405 -0.37 3.71 40.94
C PHE F 405 0.03 4.62 39.81
N GLY F 406 -0.41 4.31 38.59
CA GLY F 406 0.02 5.11 37.47
C GLY F 406 -0.73 4.79 36.20
N VAL F 407 -0.21 5.33 35.10
CA VAL F 407 -0.82 5.21 33.79
C VAL F 407 0.25 4.79 32.78
N TYR F 408 -0.06 3.77 31.99
CA TYR F 408 0.79 3.31 30.90
C TYR F 408 0.13 3.66 29.58
N ALA F 409 0.89 4.25 28.67
CA ALA F 409 0.33 4.73 27.41
C ALA F 409 1.23 4.37 26.23
N VAL F 410 0.60 4.15 25.08
CA VAL F 410 1.28 3.92 23.81
C VAL F 410 0.76 4.95 22.82
N ALA F 411 1.67 5.68 22.20
CA ALA F 411 1.28 6.77 21.31
C ALA F 411 2.40 7.07 20.33
N LYS F 412 2.04 7.83 19.29
CA LYS F 412 2.98 8.33 18.31
C LYS F 412 3.79 9.49 18.88
N ALA F 413 4.91 9.80 18.22
CA ALA F 413 5.83 10.80 18.73
C ALA F 413 5.19 12.18 18.84
N ASP F 414 4.42 12.57 17.82
CA ASP F 414 3.84 13.90 17.80
C ASP F 414 2.64 14.07 18.72
N CYS F 415 2.14 12.98 19.30
CA CYS F 415 1.04 13.05 20.24
C CYS F 415 1.49 13.16 21.69
N LEU F 416 2.79 13.08 21.96
CA LEU F 416 3.27 12.89 23.33
C LEU F 416 2.95 14.09 24.22
N ASP F 417 3.10 15.30 23.71
CA ASP F 417 2.90 16.49 24.55
C ASP F 417 1.46 16.60 25.03
N ASP F 418 0.51 16.54 24.10
CA ASP F 418 -0.91 16.65 24.48
C ASP F 418 -1.34 15.47 25.34
N LEU F 419 -0.85 14.27 25.03
CA LEU F 419 -1.20 13.09 25.81
C LEU F 419 -0.69 13.21 27.25
N SER F 420 0.56 13.65 27.42
CA SER F 420 1.10 13.83 28.76
C SER F 420 0.31 14.87 29.54
N TYR F 421 -0.03 15.99 28.88
CA TYR F 421 -0.87 16.99 29.52
C TYR F 421 -2.19 16.38 29.99
N ALA F 422 -2.85 15.62 29.11
CA ALA F 422 -4.16 15.06 29.46
C ALA F 422 -4.05 14.07 30.61
N ILE F 423 -3.04 13.19 30.57
CA ILE F 423 -2.88 12.20 31.62
C ILE F 423 -2.69 12.89 32.97
N MET F 424 -1.75 13.85 33.02
CA MET F 424 -1.48 14.53 34.28
C MET F 424 -2.68 15.33 34.75
N TYR F 425 -3.39 16.00 33.83
CA TYR F 425 -4.56 16.77 34.20
C TYR F 425 -5.61 15.88 34.85
N GLU F 426 -5.90 14.73 34.23
CA GLU F 426 -6.95 13.89 34.76
C GLU F 426 -6.55 13.19 36.05
N VAL F 427 -5.27 12.83 36.21
CA VAL F 427 -4.83 12.26 37.48
C VAL F 427 -4.90 13.30 38.59
N THR F 428 -4.39 14.51 38.34
CA THR F 428 -4.41 15.55 39.37
C THR F 428 -5.83 16.00 39.71
N LYS F 429 -6.75 15.92 38.75
CA LYS F 429 -8.13 16.34 39.01
C LYS F 429 -8.76 15.56 40.15
N LEU F 430 -8.34 14.31 40.37
CA LEU F 430 -8.89 13.51 41.44
C LEU F 430 -8.71 14.14 42.82
N ALA F 431 -7.74 15.02 42.98
CA ALA F 431 -7.55 15.72 44.25
C ALA F 431 -8.43 16.96 44.38
N TYR F 432 -9.10 17.38 43.31
CA TYR F 432 -9.84 18.64 43.32
C TYR F 432 -11.33 18.48 43.03
N ARG F 433 -11.70 17.75 41.98
CA ARG F 433 -13.08 17.73 41.49
C ARG F 433 -13.48 16.29 41.15
N VAL F 434 -14.36 15.72 41.95
CA VAL F 434 -14.85 14.35 41.76
C VAL F 434 -16.37 14.40 41.84
N SER F 435 -17.03 14.13 40.72
CA SER F 435 -18.50 14.10 40.72
C SER F 435 -19.00 12.83 41.37
N ASP F 436 -20.17 12.94 42.01
CA ASP F 436 -20.79 11.77 42.62
C ASP F 436 -21.14 10.71 41.58
N ALA F 437 -21.55 11.16 40.39
CA ALA F 437 -21.89 10.22 39.32
C ALA F 437 -20.68 9.41 38.88
N ASP F 438 -19.52 10.07 38.73
CA ASP F 438 -18.32 9.37 38.27
C ASP F 438 -17.88 8.32 39.28
N VAL F 439 -17.90 8.64 40.57
CA VAL F 439 -17.48 7.66 41.57
C VAL F 439 -18.50 6.54 41.71
N THR F 440 -19.79 6.85 41.57
CA THR F 440 -20.80 5.80 41.61
C THR F 440 -20.65 4.84 40.43
N ARG F 441 -20.42 5.38 39.23
CA ARG F 441 -20.21 4.55 38.06
C ARG F 441 -18.94 3.72 38.18
N ALA F 442 -17.87 4.30 38.71
CA ALA F 442 -16.63 3.56 38.92
C ALA F 442 -16.85 2.42 39.92
N ARG F 443 -17.60 2.67 40.99
CA ARG F 443 -17.88 1.62 41.96
C ARG F 443 -18.66 0.47 41.33
N ASN F 444 -19.70 0.81 40.55
CA ASN F 444 -20.48 -0.23 39.87
C ASN F 444 -19.61 -1.02 38.91
N GLN F 445 -18.78 -0.34 38.12
CA GLN F 445 -17.91 -1.03 37.18
C GLN F 445 -16.91 -1.94 37.91
N LEU F 446 -16.35 -1.47 39.03
CA LEU F 446 -15.38 -2.28 39.76
C LEU F 446 -16.02 -3.52 40.36
N LYS F 447 -17.21 -3.38 40.97
CA LYS F 447 -17.91 -4.54 41.50
C LYS F 447 -18.20 -5.55 40.39
N SER F 448 -18.72 -5.06 39.26
CA SER F 448 -19.05 -5.96 38.16
C SER F 448 -17.81 -6.65 37.61
N SER F 449 -16.69 -5.92 37.48
CA SER F 449 -15.49 -6.52 36.93
C SER F 449 -14.86 -7.51 37.90
N LEU F 450 -14.98 -7.26 39.20
CA LEU F 450 -14.48 -8.22 40.17
C LEU F 450 -15.31 -9.50 40.17
N LEU F 451 -16.60 -9.40 39.84
CA LEU F 451 -17.50 -10.58 39.90
C LEU F 451 -17.57 -11.30 38.54
N LEU F 452 -17.23 -10.62 37.45
CA LEU F 452 -17.33 -11.21 36.11
C LEU F 452 -16.10 -12.03 35.73
N HIS F 453 -14.92 -11.64 36.20
CA HIS F 453 -13.68 -12.44 35.91
C HIS F 453 -13.66 -13.70 36.79
N MET F 454 -14.65 -13.86 37.68
CA MET F 454 -14.72 -14.98 38.61
C MET F 454 -15.43 -16.20 38.03
N ASP F 455 -15.06 -16.66 36.84
CA ASP F 455 -15.70 -17.83 36.27
C ASP F 455 -14.62 -18.80 35.78
N GLY F 456 -14.79 -20.07 36.12
CA GLY F 456 -13.81 -21.08 35.85
C GLY F 456 -13.02 -21.44 37.10
N THR F 457 -12.57 -22.68 37.16
CA THR F 457 -11.86 -23.15 38.35
C THR F 457 -10.56 -22.39 38.58
N SER F 458 -9.82 -22.13 37.50
CA SER F 458 -8.51 -21.51 37.63
C SER F 458 -8.56 -20.11 38.23
N PRO F 459 -9.40 -19.18 37.76
CA PRO F 459 -9.45 -17.87 38.43
C PRO F 459 -9.89 -17.95 39.87
N ILE F 460 -10.78 -18.88 40.21
CA ILE F 460 -11.24 -19.00 41.59
C ILE F 460 -10.12 -19.51 42.49
N ALA F 461 -9.38 -20.52 42.04
CA ALA F 461 -8.26 -21.03 42.82
C ALA F 461 -7.17 -19.99 42.96
N GLU F 462 -6.90 -19.24 41.88
CA GLU F 462 -5.92 -18.17 41.94
C GLU F 462 -6.33 -17.11 42.95
N ASP F 463 -7.61 -16.74 42.96
CA ASP F 463 -8.09 -15.77 43.92
C ASP F 463 -7.95 -16.28 45.35
N ILE F 464 -8.28 -17.55 45.58
CA ILE F 464 -8.15 -18.13 46.90
C ILE F 464 -6.71 -18.06 47.39
N GLY F 465 -5.78 -18.54 46.55
CA GLY F 465 -4.38 -18.55 46.96
C GLY F 465 -3.80 -17.16 47.15
N ARG F 466 -4.06 -16.26 46.19
CA ARG F 466 -3.52 -14.90 46.28
C ARG F 466 -4.08 -14.17 47.50
N GLN F 467 -5.37 -14.33 47.79
CA GLN F 467 -5.95 -13.63 48.92
C GLN F 467 -5.48 -14.21 50.24
N LEU F 468 -5.28 -15.53 50.30
CA LEU F 468 -4.70 -16.11 51.51
C LEU F 468 -3.28 -15.64 51.73
N LEU F 469 -2.53 -15.39 50.65
CA LEU F 469 -1.16 -14.88 50.80
C LEU F 469 -1.12 -13.40 51.18
N THR F 470 -1.99 -12.58 50.59
CA THR F 470 -1.90 -11.14 50.79
C THR F 470 -2.73 -10.64 51.98
N TYR F 471 -3.91 -11.21 52.20
CA TYR F 471 -4.80 -10.77 53.26
C TYR F 471 -4.82 -11.72 54.46
N GLY F 472 -4.30 -12.93 54.30
CA GLY F 472 -4.43 -13.93 55.35
C GLY F 472 -5.80 -14.58 55.42
N ARG F 473 -6.66 -14.27 54.47
CA ARG F 473 -8.05 -14.74 54.45
C ARG F 473 -8.65 -14.48 53.07
N ARG F 474 -9.71 -15.18 52.77
CA ARG F 474 -10.50 -14.88 51.58
C ARG F 474 -11.62 -13.93 51.97
N ILE F 475 -11.56 -12.70 51.47
CA ILE F 475 -12.53 -11.68 51.82
C ILE F 475 -13.86 -12.01 51.15
N PRO F 476 -14.95 -12.16 51.91
CA PRO F 476 -16.25 -12.42 51.29
C PRO F 476 -16.67 -11.28 50.37
N THR F 477 -17.38 -11.65 49.30
CA THR F 477 -17.76 -10.67 48.29
C THR F 477 -18.57 -9.53 48.88
N ALA F 478 -19.42 -9.84 49.88
CA ALA F 478 -20.22 -8.79 50.51
C ALA F 478 -19.34 -7.77 51.23
N GLU F 479 -18.32 -8.23 51.92
CA GLU F 479 -17.37 -7.29 52.60
C GLU F 479 -16.61 -6.42 51.60
N LEU F 480 -16.15 -7.00 50.54
CA LEU F 480 -15.46 -6.21 49.52
C LEU F 480 -16.41 -5.19 48.91
N PHE F 481 -17.66 -5.59 48.67
CA PHE F 481 -18.64 -4.65 48.14
C PHE F 481 -18.91 -3.51 49.13
N ALA F 482 -18.98 -3.81 50.42
CA ALA F 482 -19.18 -2.77 51.41
C ALA F 482 -18.00 -1.81 51.47
N ARG F 483 -16.76 -2.30 51.33
CA ARG F 483 -15.53 -1.46 51.33
C ARG F 483 -15.49 -0.61 50.06
N ILE F 484 -15.99 -1.15 48.97
CA ILE F 484 -16.10 -0.34 47.75
C ILE F 484 -17.15 0.75 47.93
N ASP F 485 -18.31 0.41 48.50
CA ASP F 485 -19.36 1.39 48.70
C ASP F 485 -18.95 2.49 49.67
N ALA F 486 -18.04 2.19 50.59
CA ALA F 486 -17.53 3.22 51.48
C ALA F 486 -16.69 4.27 50.77
N VAL F 487 -16.26 4.00 49.54
CA VAL F 487 -15.43 4.94 48.79
C VAL F 487 -16.36 5.91 48.07
N ASP F 488 -16.51 7.11 48.63
CA ASP F 488 -17.30 8.17 48.04
C ASP F 488 -16.37 9.26 47.49
N ALA F 489 -16.98 10.34 46.99
CA ALA F 489 -16.20 11.40 46.35
C ALA F 489 -15.20 12.03 47.31
N SER F 490 -15.63 12.29 48.56
CA SER F 490 -14.71 12.86 49.54
C SER F 490 -13.58 11.89 49.87
N THR F 491 -13.89 10.58 49.93
CA THR F 491 -12.84 9.59 50.13
C THR F 491 -11.83 9.62 48.99
N VAL F 492 -12.33 9.68 47.75
CA VAL F 492 -11.44 9.73 46.59
C VAL F 492 -10.53 10.95 46.68
N LYS F 493 -11.10 12.11 47.04
CA LYS F 493 -10.28 13.32 47.12
C LYS F 493 -9.25 13.23 48.24
N ARG F 494 -9.63 12.67 49.40
CA ARG F 494 -8.67 12.50 50.48
C ARG F 494 -7.51 11.60 50.06
N VAL F 495 -7.84 10.47 49.43
CA VAL F 495 -6.80 9.52 49.02
C VAL F 495 -5.91 10.15 47.95
N ALA F 496 -6.51 10.87 47.00
CA ALA F 496 -5.73 11.51 45.95
C ALA F 496 -4.81 12.59 46.52
N ASN F 497 -5.27 13.31 47.54
CA ASN F 497 -4.42 14.29 48.19
C ASN F 497 -3.30 13.63 48.97
N LYS F 498 -3.53 12.41 49.45
CA LYS F 498 -2.47 11.68 50.12
C LYS F 498 -1.43 11.13 49.14
N TYR F 499 -1.85 10.67 47.96
CA TYR F 499 -0.98 9.90 47.09
C TYR F 499 -0.55 10.62 45.81
N ILE F 500 -1.27 11.63 45.35
CA ILE F 500 -1.04 12.25 44.06
C ILE F 500 -0.57 13.69 44.19
N TYR F 501 -1.23 14.48 45.05
CA TYR F 501 -1.02 15.92 45.09
C TYR F 501 0.41 16.26 45.48
N ASP F 502 1.09 17.00 44.61
CA ASP F 502 2.45 17.50 44.87
C ASP F 502 3.38 16.37 45.30
N LYS F 503 3.35 15.28 44.55
CA LYS F 503 4.08 14.08 44.89
C LYS F 503 5.13 13.78 43.81
N ASP F 504 6.19 13.12 44.23
CA ASP F 504 7.20 12.64 43.30
C ASP F 504 6.64 11.51 42.43
N ILE F 505 7.16 11.47 41.21
CA ILE F 505 6.68 10.45 40.24
C ILE F 505 7.87 9.69 39.66
N ALA F 506 7.62 8.47 39.21
CA ALA F 506 8.61 7.67 38.50
C ALA F 506 8.15 7.52 37.05
N ILE F 507 9.08 7.72 36.12
CA ILE F 507 8.77 7.69 34.70
C ILE F 507 9.68 6.68 34.01
N SER F 508 9.08 5.81 33.20
CA SER F 508 9.80 4.89 32.33
C SER F 508 9.25 5.04 30.93
N ALA F 509 10.13 5.37 29.97
CA ALA F 509 9.73 5.64 28.61
C ALA F 509 10.71 5.03 27.63
N ILE F 510 10.21 4.65 26.45
CA ILE F 510 11.03 4.05 25.41
C ILE F 510 10.49 4.45 24.05
N GLY F 511 11.40 4.63 23.10
CA GLY F 511 11.04 4.92 21.73
C GLY F 511 11.35 6.35 21.33
N PRO F 512 10.60 6.87 20.36
CA PRO F 512 10.79 8.27 19.92
C PRO F 512 10.15 9.26 20.90
N ILE F 513 10.86 9.53 21.99
CA ILE F 513 10.28 10.19 23.14
C ILE F 513 10.88 11.58 23.38
N GLN F 514 11.44 12.20 22.33
CA GLN F 514 12.00 13.53 22.49
C GLN F 514 10.95 14.57 22.86
N ASP F 515 9.73 14.41 22.34
CA ASP F 515 8.65 15.33 22.68
C ASP F 515 7.99 15.02 24.02
N LEU F 516 8.34 13.91 24.65
CA LEU F 516 7.85 13.65 26.00
C LEU F 516 8.41 14.69 26.95
N PRO F 517 7.58 15.35 27.75
CA PRO F 517 8.08 16.42 28.62
C PRO F 517 9.00 15.88 29.69
N ASP F 518 9.89 16.76 30.17
CA ASP F 518 10.90 16.34 31.12
C ASP F 518 10.31 16.14 32.52
N TYR F 519 11.16 15.70 33.45
CA TYR F 519 10.69 15.36 34.78
C TYR F 519 10.09 16.56 35.50
N ASN F 520 10.68 17.75 35.31
CA ASN F 520 10.19 18.92 36.02
C ASN F 520 8.77 19.28 35.59
N LYS F 521 8.46 19.16 34.30
CA LYS F 521 7.12 19.47 33.82
C LYS F 521 6.08 18.50 34.40
N PHE F 522 6.40 17.21 34.40
CA PHE F 522 5.53 16.21 35.02
C PHE F 522 5.35 16.50 36.50
N ARG F 523 6.43 16.86 37.20
CA ARG F 523 6.36 17.13 38.62
C ARG F 523 5.49 18.34 38.92
N ARG F 524 5.61 19.39 38.09
CA ARG F 524 4.79 20.58 38.27
C ARG F 524 3.32 20.28 38.01
N ARG F 525 3.03 19.34 37.11
CA ARG F 525 1.64 19.03 36.78
C ARG F 525 0.95 18.15 37.83
N THR F 526 1.53 17.98 39.02
CA THR F 526 0.87 17.23 40.08
C THR F 526 0.08 18.13 41.04
N TYR F 527 -0.02 19.43 40.76
CA TYR F 527 -0.82 20.32 41.56
C TYR F 527 -1.35 21.44 40.67
N TRP F 528 -2.42 22.07 41.13
CA TRP F 528 -3.07 23.17 40.42
C TRP F 528 -2.92 24.44 41.26
N ASN F 529 -2.18 25.41 40.72
CA ASN F 529 -1.94 26.65 41.45
C ASN F 529 -3.12 27.60 41.43
N ARG F 530 -4.15 27.35 40.62
CA ARG F 530 -5.36 28.15 40.67
C ARG F 530 -6.23 27.81 41.87
N TYR F 531 -5.91 26.76 42.61
CA TYR F 531 -6.60 26.46 43.86
C TYR F 531 -5.71 26.83 45.04
N VAL G 77 27.98 -6.23 22.00
CA VAL G 77 26.69 -5.61 22.28
C VAL G 77 26.88 -4.16 22.71
N PRO G 78 26.28 -3.24 21.96
CA PRO G 78 26.43 -1.81 22.28
C PRO G 78 25.84 -1.48 23.65
N ALA G 79 26.37 -0.41 24.26
CA ALA G 79 26.03 -0.09 25.63
C ALA G 79 24.55 0.24 25.80
N THR G 80 23.97 0.98 24.85
CA THR G 80 22.56 1.34 24.94
C THR G 80 21.66 0.10 24.85
N VAL G 81 22.00 -0.83 23.97
CA VAL G 81 21.20 -2.05 23.83
C VAL G 81 21.24 -2.85 25.11
N GLU G 82 22.42 -2.99 25.72
CA GLU G 82 22.53 -3.70 26.98
C GLU G 82 21.78 -2.99 28.10
N ALA G 83 21.83 -1.67 28.14
CA ALA G 83 21.08 -0.92 29.14
C ALA G 83 19.58 -1.12 28.97
N VAL G 84 19.10 -1.12 27.72
CA VAL G 84 17.68 -1.35 27.48
C VAL G 84 17.27 -2.76 27.89
N LYS G 85 18.12 -3.75 27.57
CA LYS G 85 17.78 -5.14 27.82
C LYS G 85 17.96 -5.55 29.29
N THR G 86 18.67 -4.77 30.09
CA THR G 86 19.01 -5.15 31.45
C THR G 86 18.66 -4.03 32.42
N PRO G 87 17.44 -4.03 32.96
CA PRO G 87 17.10 -3.03 33.98
C PRO G 87 17.99 -3.18 35.21
N ASN G 88 18.46 -2.04 35.70
CA ASN G 88 19.48 -2.01 36.74
C ASN G 88 18.96 -1.19 37.91
N SER G 89 18.72 -1.85 39.04
CA SER G 89 18.19 -1.17 40.21
C SER G 89 19.28 -0.50 41.05
N LYS G 90 20.55 -0.75 40.79
CA LYS G 90 21.65 -0.02 41.42
C LYS G 90 22.17 1.04 40.47
N ILE G 91 21.32 2.01 40.16
CA ILE G 91 21.71 3.09 39.25
C ILE G 91 22.58 4.10 39.99
N VAL G 92 23.65 4.54 39.34
CA VAL G 92 24.56 5.50 39.93
C VAL G 92 24.39 6.87 39.30
N ARG H 7 55.12 23.86 4.26
CA ARG H 7 54.28 24.91 4.82
C ARG H 7 54.56 25.08 6.31
N LEU H 8 54.25 26.26 6.84
CA LEU H 8 54.44 26.53 8.26
C LEU H 8 53.43 25.82 9.14
N VAL H 9 52.35 25.30 8.57
CA VAL H 9 51.30 24.66 9.34
C VAL H 9 51.59 23.16 9.41
N ASP H 10 52.77 22.75 8.99
CA ASP H 10 53.18 21.35 9.03
C ASP H 10 53.78 21.03 10.39
N PRO H 11 53.18 20.11 11.17
CA PRO H 11 53.77 19.78 12.48
C PRO H 11 55.17 19.20 12.39
N ARG H 12 55.44 18.43 11.34
CA ARG H 12 56.75 17.78 11.22
C ARG H 12 57.85 18.79 10.94
N LYS H 13 57.53 19.86 10.21
CA LYS H 13 58.53 20.84 9.82
C LYS H 13 58.62 22.02 10.78
N ASN H 14 57.50 22.45 11.35
CA ASN H 14 57.46 23.62 12.21
C ASN H 14 57.03 23.23 13.61
N PHE H 15 57.84 23.62 14.61
CA PHE H 15 57.54 23.28 16.00
C PHE H 15 56.44 24.14 16.59
N LEU H 16 56.24 25.36 16.09
CA LEU H 16 55.10 26.16 16.52
C LEU H 16 53.79 25.50 16.12
N ALA H 17 53.72 24.96 14.90
CA ALA H 17 52.55 24.19 14.49
C ALA H 17 52.40 22.94 15.35
N ARG H 18 53.53 22.41 15.83
CA ARG H 18 53.47 21.21 16.72
C ARG H 18 52.80 21.62 18.05
N MET H 19 53.19 22.75 18.63
CA MET H 19 52.55 23.24 19.85
C MET H 19 51.07 23.51 19.61
N HIS H 20 50.75 24.10 18.46
CA HIS H 20 49.36 24.41 18.12
C HIS H 20 48.52 23.14 18.02
N MET H 21 49.05 22.13 17.32
CA MET H 21 48.33 20.88 17.16
C MET H 21 48.18 20.16 18.49
N LYS H 22 49.22 20.19 19.33
CA LYS H 22 49.13 19.58 20.64
C LYS H 22 48.06 20.25 21.50
N SER H 23 48.02 21.58 21.50
CA SER H 23 47.02 22.29 22.29
C SER H 23 45.61 21.99 21.78
N VAL H 24 45.41 21.99 20.46
CA VAL H 24 44.09 21.71 19.91
C VAL H 24 43.67 20.29 20.23
N SER H 25 44.60 19.33 20.09
CA SER H 25 44.29 17.94 20.38
C SER H 25 43.93 17.74 21.85
N ASN H 26 44.67 18.39 22.75
CA ASN H 26 44.38 18.28 24.18
C ASN H 26 43.02 18.88 24.51
N ARG H 27 42.70 20.04 23.91
CA ARG H 27 41.39 20.64 24.16
C ARG H 27 40.25 19.79 23.61
N LEU H 28 40.46 19.15 22.45
CA LEU H 28 39.42 18.29 21.88
C LEU H 28 39.25 17.01 22.69
N ARG H 29 40.36 16.47 23.21
CA ARG H 29 40.31 15.18 23.90
C ARG H 29 39.59 15.28 25.24
N ARG H 30 39.62 16.46 25.87
CA ARG H 30 38.91 16.65 27.13
C ARG H 30 37.41 16.46 26.98
N TYR H 31 36.87 16.64 25.77
CA TYR H 31 35.45 16.47 25.52
C TYR H 31 35.11 15.24 24.70
N GLY H 32 36.10 14.49 24.23
CA GLY H 32 35.82 13.38 23.35
C GLY H 32 35.40 13.79 21.96
N LEU H 33 35.75 15.00 21.55
CA LEU H 33 35.35 15.53 20.25
C LEU H 33 36.43 15.32 19.22
N ARG H 34 36.02 15.04 17.99
CA ARG H 34 36.91 15.09 16.85
C ARG H 34 36.91 16.49 16.26
N TYR H 35 38.02 16.83 15.60
CA TYR H 35 38.11 18.14 14.95
C TYR H 35 37.03 18.30 13.89
N ASP H 36 36.70 17.22 13.18
CA ASP H 36 35.63 17.27 12.19
C ASP H 36 34.26 17.47 12.84
N ASP H 37 34.13 17.19 14.14
CA ASP H 37 32.86 17.43 14.83
C ASP H 37 32.58 18.91 15.02
N LEU H 38 33.60 19.77 14.93
CA LEU H 38 33.39 21.20 15.03
C LEU H 38 32.78 21.79 13.77
N TYR H 39 32.82 21.09 12.67
CA TYR H 39 32.23 21.57 11.41
C TYR H 39 30.68 21.46 11.45
N ASP H 40 30.01 22.57 11.51
CA ASP H 40 28.51 22.65 11.64
C ASP H 40 27.80 22.76 10.28
N PRO H 41 26.83 21.89 9.98
CA PRO H 41 25.95 22.00 8.78
C PRO H 41 25.37 23.42 8.61
N LEU H 42 24.99 24.12 9.68
CA LEU H 42 24.44 25.47 9.66
C LEU H 42 25.46 26.54 9.20
N TYR H 43 26.75 26.25 9.22
CA TYR H 43 27.82 27.20 8.81
C TYR H 43 27.84 27.33 7.30
N ASP H 44 27.76 26.24 6.58
CA ASP H 44 27.66 26.27 5.09
C ASP H 44 26.82 25.11 4.52
N LEU H 45 26.18 25.37 3.38
CA LEU H 45 25.46 24.30 2.69
C LEU H 45 26.38 23.20 2.13
N ASP H 46 27.66 23.50 1.90
CA ASP H 46 28.61 22.47 1.47
C ASP H 46 28.82 21.43 2.56
N ILE H 47 28.96 21.85 3.81
CA ILE H 47 29.07 20.91 4.94
C ILE H 47 27.79 20.07 5.05
N LYS H 48 26.65 20.74 4.93
CA LYS H 48 25.34 20.04 5.04
C LYS H 48 25.26 18.94 3.97
N GLU H 49 25.66 19.26 2.75
CA GLU H 49 25.63 18.29 1.66
C GLU H 49 26.61 17.15 1.91
N ALA H 50 27.83 17.48 2.36
CA ALA H 50 28.81 16.45 2.65
C ALA H 50 28.34 15.53 3.77
N LEU H 51 27.71 16.10 4.80
CA LEU H 51 27.18 15.29 5.89
C LEU H 51 26.03 14.41 5.41
N ASN H 52 25.21 14.92 4.49
CA ASN H 52 24.12 14.12 3.96
C ASN H 52 24.64 12.97 3.10
N ARG H 53 25.84 13.12 2.52
CA ARG H 53 26.40 12.04 1.72
C ARG H 53 27.12 10.99 2.54
N LEU H 54 27.30 11.20 3.85
CA LEU H 54 28.06 10.24 4.63
C LEU H 54 27.19 9.06 5.06
N PRO H 55 27.80 7.91 5.33
CA PRO H 55 27.04 6.77 5.84
C PRO H 55 26.43 7.05 7.21
N ARG H 56 25.31 6.37 7.48
CA ARG H 56 24.49 6.70 8.65
C ARG H 56 25.23 6.47 9.95
N GLU H 57 26.00 5.38 10.06
CA GLU H 57 26.66 5.06 11.31
C GLU H 57 27.69 6.12 11.70
N ILE H 58 28.39 6.69 10.72
CA ILE H 58 29.34 7.76 11.00
C ILE H 58 28.62 9.00 11.53
N VAL H 59 27.51 9.38 10.90
CA VAL H 59 26.77 10.55 11.37
C VAL H 59 26.19 10.30 12.75
N ASP H 60 25.73 9.07 13.02
CA ASP H 60 25.23 8.75 14.35
C ASP H 60 26.34 8.83 15.39
N ALA H 61 27.54 8.36 15.06
CA ALA H 61 28.67 8.49 15.97
C ALA H 61 29.01 9.96 16.22
N ARG H 62 29.01 10.78 15.19
CA ARG H 62 29.21 12.24 15.32
C ARG H 62 28.18 12.83 16.26
N ASN H 63 26.92 12.51 16.04
CA ASN H 63 25.87 13.09 16.87
C ASN H 63 25.98 12.62 18.32
N GLN H 64 26.35 11.36 18.54
CA GLN H 64 26.53 10.87 19.89
C GLN H 64 27.70 11.58 20.58
N ARG H 65 28.79 11.80 19.85
CA ARG H 65 29.91 12.54 20.42
C ARG H 65 29.50 13.98 20.74
N LEU H 66 28.70 14.59 19.87
CA LEU H 66 28.22 15.94 20.13
C LEU H 66 27.36 15.99 21.38
N MET H 67 26.46 15.00 21.55
CA MET H 67 25.62 14.96 22.75
C MET H 67 26.46 14.74 24.00
N ARG H 68 27.45 13.84 23.93
CA ARG H 68 28.33 13.62 25.07
C ARG H 68 29.09 14.89 25.43
N ALA H 69 29.60 15.61 24.43
CA ALA H 69 30.34 16.84 24.69
C ALA H 69 29.44 17.91 25.29
N MET H 70 28.21 18.04 24.78
CA MET H 70 27.29 19.01 25.35
C MET H 70 26.94 18.67 26.79
N ASP H 71 26.75 17.38 27.08
CA ASP H 71 26.47 16.96 28.44
C ASP H 71 27.64 17.28 29.36
N LEU H 72 28.86 17.02 28.91
CA LEU H 72 30.04 17.35 29.71
C LEU H 72 30.15 18.85 29.97
N SER H 73 29.94 19.64 28.90
CA SER H 73 30.06 21.09 29.02
C SER H 73 29.00 21.67 29.96
N MET H 74 27.77 21.16 29.88
CA MET H 74 26.73 21.62 30.79
C MET H 74 27.04 21.25 32.23
N LYS H 75 27.71 20.12 32.45
CA LYS H 75 28.02 19.64 33.80
C LYS H 75 29.32 20.22 34.37
N HIS H 76 30.03 21.04 33.59
CA HIS H 76 31.34 21.54 33.99
C HIS H 76 32.26 20.36 34.33
N GLU H 77 32.33 19.40 33.41
CA GLU H 77 33.11 18.20 33.59
C GLU H 77 33.89 17.89 32.33
N TYR H 78 34.97 17.14 32.50
CA TYR H 78 35.74 16.60 31.39
C TYR H 78 35.54 15.09 31.35
N LEU H 79 36.01 14.48 30.27
CA LEU H 79 35.99 13.04 30.18
C LEU H 79 36.92 12.44 31.23
N PRO H 80 36.61 11.24 31.73
CA PRO H 80 37.56 10.53 32.59
C PRO H 80 38.84 10.23 31.81
N ASP H 81 39.95 10.16 32.55
CA ASP H 81 41.26 9.97 31.93
C ASP H 81 41.32 8.65 31.17
N ASN H 82 40.66 7.61 31.69
CA ASN H 82 40.62 6.32 30.98
C ASN H 82 39.92 6.46 29.64
N LEU H 83 38.85 7.26 29.58
CA LEU H 83 38.20 7.54 28.31
C LEU H 83 39.04 8.48 27.45
N GLN H 84 39.73 9.43 28.07
CA GLN H 84 40.56 10.35 27.30
C GLN H 84 41.70 9.65 26.61
N ALA H 85 42.23 8.57 27.20
CA ALA H 85 43.34 7.85 26.59
C ALA H 85 43.00 7.20 25.26
N VAL H 86 41.71 6.91 25.01
CA VAL H 86 41.32 6.21 23.80
C VAL H 86 40.74 7.15 22.74
N GLN H 87 40.77 8.45 22.97
CA GLN H 87 40.20 9.40 22.02
C GLN H 87 41.14 9.63 20.85
N THR H 88 40.55 9.81 19.67
CA THR H 88 41.29 10.06 18.43
C THR H 88 40.84 11.40 17.85
N PRO H 89 41.31 12.51 18.44
CA PRO H 89 40.77 13.83 18.06
C PRO H 89 40.96 14.21 16.60
N PHE H 90 41.96 13.68 15.91
CA PHE H 90 42.25 14.09 14.55
C PHE H 90 42.03 12.95 13.54
N ARG H 91 41.25 11.95 13.90
CA ARG H 91 40.81 10.95 12.94
C ARG H 91 39.66 11.53 12.14
N SER H 92 39.83 11.64 10.83
CA SER H 92 38.90 12.39 9.99
C SER H 92 37.80 11.50 9.43
N TYR H 93 36.62 12.11 9.24
CA TYR H 93 35.53 11.48 8.51
C TYR H 93 34.85 12.42 7.53
N LEU H 94 35.19 13.71 7.51
CA LEU H 94 34.44 14.70 6.78
C LEU H 94 35.23 15.42 5.70
N GLN H 95 36.54 15.59 5.87
CA GLN H 95 37.28 16.52 5.02
C GLN H 95 37.32 16.08 3.57
N ASP H 96 37.49 14.77 3.31
CA ASP H 96 37.56 14.30 1.94
C ASP H 96 36.22 14.49 1.22
N MET H 97 35.12 14.18 1.89
CA MET H 97 33.80 14.38 1.30
C MET H 97 33.52 15.86 1.09
N LEU H 98 33.91 16.70 2.05
CA LEU H 98 33.76 18.14 1.88
C LEU H 98 34.53 18.64 0.67
N ALA H 99 35.77 18.17 0.49
CA ALA H 99 36.56 18.58 -0.66
C ALA H 99 35.93 18.10 -1.97
N LEU H 100 35.37 16.89 -1.98
CA LEU H 100 34.70 16.39 -3.17
C LEU H 100 33.47 17.24 -3.51
N VAL H 101 32.69 17.60 -2.49
CA VAL H 101 31.52 18.45 -2.71
C VAL H 101 31.93 19.81 -3.24
N LYS H 102 33.02 20.37 -2.69
CA LYS H 102 33.54 21.64 -3.19
C LYS H 102 33.97 21.52 -4.65
N ARG H 103 34.64 20.42 -5.01
CA ARG H 103 35.05 20.22 -6.40
C ARG H 103 33.85 20.13 -7.33
N GLU H 104 32.82 19.40 -6.94
CA GLU H 104 31.62 19.30 -7.76
C GLU H 104 30.94 20.66 -7.91
N ARG H 105 30.92 21.43 -6.82
CA ARG H 105 30.33 22.79 -6.84
C ARG H 105 31.09 23.66 -7.85
N ALA H 106 32.43 23.62 -7.79
CA ALA H 106 33.24 24.43 -8.69
C ALA H 106 33.05 24.01 -10.14
N GLU H 107 32.95 22.71 -10.39
CA GLU H 107 32.71 22.22 -11.74
C GLU H 107 31.36 22.71 -12.27
N ARG H 108 30.33 22.69 -11.42
CA ARG H 108 29.04 23.25 -11.81
C ARG H 108 29.15 24.73 -12.15
N GLU H 109 29.88 25.49 -11.32
CA GLU H 109 30.01 26.92 -11.56
C GLU H 109 30.76 27.21 -12.87
N ALA H 110 31.79 26.42 -13.16
CA ALA H 110 32.61 26.69 -14.35
C ALA H 110 31.84 26.49 -15.64
N LEU H 111 30.89 25.56 -15.67
CA LEU H 111 30.13 25.25 -16.87
C LEU H 111 28.83 26.04 -16.98
N GLY H 112 28.58 26.96 -16.06
CA GLY H 112 27.41 27.81 -16.14
C GLY H 112 26.11 27.18 -15.68
N ALA H 113 26.17 26.17 -14.83
CA ALA H 113 24.97 25.51 -14.32
C ALA H 113 24.51 26.17 -13.02
N LEU H 114 23.23 25.99 -12.73
CA LEU H 114 22.66 26.49 -11.48
C LEU H 114 23.19 25.70 -10.30
N PRO H 115 23.31 26.33 -9.13
CA PRO H 115 23.74 25.59 -7.93
C PRO H 115 22.71 24.53 -7.54
N LEU H 116 23.20 23.44 -6.97
CA LEU H 116 22.32 22.37 -6.50
C LEU H 116 21.64 22.71 -5.19
N TYR H 117 22.08 23.76 -4.50
CA TYR H 117 21.48 24.20 -3.25
C TYR H 117 22.00 25.60 -2.96
N GLN H 118 21.25 26.33 -2.19
CA GLN H 118 21.60 27.73 -1.91
C GLN H 118 21.17 27.99 -0.48
N ARG H 119 21.81 28.97 0.14
CA ARG H 119 21.49 29.38 1.52
C ARG H 119 20.28 30.31 1.50
N THR H 120 19.42 30.21 2.51
CA THR H 120 18.25 31.11 2.63
C THR H 120 18.72 32.53 3.00
N ILE H 121 18.16 33.57 2.42
CA ILE H 121 18.43 34.97 2.83
C ILE H 121 17.71 35.22 4.18
N PRO H 122 18.44 35.46 5.29
CA PRO H 122 17.89 35.54 6.65
C PRO H 122 16.65 36.41 6.85
ZN ZN I . -12.13 10.88 -34.21
ZN ZN J . 11.08 -18.39 31.79
#